data_2M17
#
_entry.id   2M17
#
_entity_poly.entity_id   1
_entity_poly.type   'polypeptide(L)'
_entity_poly.pdbx_seq_one_letter_code
;MALPIIVKWGGQEYSVTTLSEDDTVLDLKQFLKTLTGVLPERQKLLGLKVKGKPAENDVKLGALKLKPNTKIMMMGTREE
S(NH2)
;
_entity_poly.pdbx_strand_id   A
#
# COMPACT_ATOMS: atom_id res chain seq x y z
N MET A 1 -15.00 -6.44 8.95
CA MET A 1 -13.94 -7.36 8.58
C MET A 1 -12.73 -6.60 8.03
N ALA A 2 -11.68 -7.34 7.69
CA ALA A 2 -10.47 -6.74 7.15
C ALA A 2 -10.63 -6.42 5.67
N LEU A 3 -9.91 -5.39 5.21
CA LEU A 3 -9.97 -4.97 3.82
C LEU A 3 -8.66 -5.28 3.10
N PRO A 4 -8.71 -6.27 2.19
CA PRO A 4 -7.54 -6.68 1.41
C PRO A 4 -7.12 -5.63 0.39
N ILE A 5 -5.85 -5.67 -0.01
CA ILE A 5 -5.33 -4.72 -0.98
C ILE A 5 -4.20 -5.34 -1.80
N ILE A 6 -4.21 -5.09 -3.10
CA ILE A 6 -3.18 -5.61 -3.99
C ILE A 6 -2.06 -4.60 -4.20
N VAL A 7 -0.83 -5.09 -4.23
CA VAL A 7 0.32 -4.22 -4.43
C VAL A 7 1.19 -4.72 -5.59
N LYS A 8 1.41 -3.85 -6.58
CA LYS A 8 2.21 -4.19 -7.74
C LYS A 8 3.56 -3.46 -7.70
N TRP A 9 4.64 -4.24 -7.68
CA TRP A 9 5.98 -3.66 -7.64
C TRP A 9 6.80 -4.12 -8.84
N GLY A 10 6.91 -3.26 -9.85
CA GLY A 10 7.67 -3.60 -11.04
C GLY A 10 6.80 -4.13 -12.15
N GLY A 11 6.49 -5.43 -12.10
CA GLY A 11 5.66 -6.04 -13.11
C GLY A 11 4.86 -7.21 -12.59
N GLN A 12 4.69 -7.26 -11.27
CA GLN A 12 3.94 -8.35 -10.64
C GLN A 12 2.87 -7.80 -9.71
N GLU A 13 2.05 -8.69 -9.16
CA GLU A 13 0.98 -8.29 -8.26
C GLU A 13 0.97 -9.17 -7.00
N TYR A 14 0.72 -8.55 -5.86
CA TYR A 14 0.68 -9.28 -4.59
C TYR A 14 -0.51 -8.84 -3.75
N SER A 15 -1.39 -9.78 -3.46
CA SER A 15 -2.58 -9.49 -2.66
C SER A 15 -2.25 -9.52 -1.17
N VAL A 16 -2.73 -8.51 -0.44
CA VAL A 16 -2.49 -8.41 0.99
C VAL A 16 -3.67 -8.98 1.77
N THR A 17 -3.36 -9.84 2.74
CA THR A 17 -4.38 -10.45 3.58
C THR A 17 -3.93 -10.57 5.02
N THR A 18 -4.27 -9.57 5.83
CA THR A 18 -3.90 -9.56 7.24
C THR A 18 -4.27 -8.23 7.89
N LEU A 19 -4.30 -7.17 7.10
CA LEU A 19 -4.64 -5.85 7.61
C LEU A 19 -6.16 -5.64 7.61
N SER A 20 -6.64 -4.82 8.53
CA SER A 20 -8.06 -4.54 8.65
C SER A 20 -8.32 -3.05 8.76
N GLU A 21 -9.58 -2.65 8.62
CA GLU A 21 -9.96 -1.24 8.70
C GLU A 21 -9.57 -0.67 10.06
N ASP A 22 -9.41 -1.54 11.05
CA ASP A 22 -9.04 -1.11 12.39
C ASP A 22 -7.61 -0.57 12.43
N ASP A 23 -6.89 -0.78 11.33
CA ASP A 23 -5.51 -0.32 11.22
C ASP A 23 -5.42 0.94 10.37
N THR A 24 -4.28 1.12 9.71
CA THR A 24 -4.07 2.28 8.85
C THR A 24 -3.44 1.88 7.52
N VAL A 25 -3.43 2.82 6.58
CA VAL A 25 -2.84 2.57 5.26
C VAL A 25 -1.35 2.29 5.37
N LEU A 26 -0.66 3.08 6.18
CA LEU A 26 0.77 2.91 6.38
C LEU A 26 1.10 1.54 6.94
N ASP A 27 0.16 0.98 7.70
CA ASP A 27 0.34 -0.34 8.30
C ASP A 27 0.28 -1.43 7.24
N LEU A 28 -0.54 -1.20 6.21
CA LEU A 28 -0.69 -2.17 5.14
C LEU A 28 0.45 -2.06 4.13
N LYS A 29 0.74 -0.83 3.71
CA LYS A 29 1.81 -0.59 2.75
C LYS A 29 3.16 -1.01 3.33
N GLN A 30 3.50 -0.45 4.49
CA GLN A 30 4.76 -0.77 5.15
C GLN A 30 4.88 -2.26 5.41
N PHE A 31 3.73 -2.94 5.47
CA PHE A 31 3.69 -4.38 5.72
C PHE A 31 4.06 -5.16 4.47
N LEU A 32 3.35 -4.90 3.37
CA LEU A 32 3.59 -5.57 2.11
C LEU A 32 4.94 -5.16 1.52
N LYS A 33 5.24 -3.87 1.60
CA LYS A 33 6.49 -3.33 1.08
C LYS A 33 7.68 -4.07 1.68
N THR A 34 7.50 -4.59 2.89
CA THR A 34 8.56 -5.32 3.58
C THR A 34 8.68 -6.75 3.06
N LEU A 35 7.59 -7.25 2.49
CA LEU A 35 7.57 -8.60 1.96
C LEU A 35 8.29 -8.67 0.61
N THR A 36 7.81 -7.90 -0.35
CA THR A 36 8.40 -7.86 -1.68
C THR A 36 8.54 -6.43 -2.19
N GLY A 37 7.65 -5.56 -1.72
CA GLY A 37 7.70 -4.17 -2.13
C GLY A 37 8.97 -3.47 -1.70
N VAL A 38 9.07 -2.18 -2.00
CA VAL A 38 10.24 -1.40 -1.64
C VAL A 38 9.90 -0.35 -0.59
N LEU A 39 10.79 -0.19 0.39
CA LEU A 39 10.59 0.77 1.47
C LEU A 39 10.35 2.16 0.90
N PRO A 40 9.58 2.98 1.65
CA PRO A 40 9.26 4.35 1.24
C PRO A 40 10.48 5.28 1.30
N GLU A 41 11.47 4.89 2.09
CA GLU A 41 12.69 5.68 2.23
C GLU A 41 13.31 5.97 0.87
N ARG A 42 13.26 4.98 -0.02
CA ARG A 42 13.82 5.13 -1.36
C ARG A 42 12.72 5.32 -2.39
N GLN A 43 11.63 4.56 -2.23
CA GLN A 43 10.51 4.65 -3.16
C GLN A 43 9.42 5.57 -2.60
N LYS A 44 8.59 6.10 -3.49
CA LYS A 44 7.50 6.99 -3.09
C LYS A 44 6.17 6.52 -3.67
N LEU A 45 5.10 6.67 -2.89
CA LEU A 45 3.78 6.26 -3.32
C LEU A 45 3.28 7.14 -4.46
N LEU A 46 2.70 6.51 -5.48
CA LEU A 46 2.18 7.24 -6.64
C LEU A 46 0.84 7.89 -6.32
N GLY A 47 -0.19 7.06 -6.12
CA GLY A 47 -1.50 7.58 -5.81
C GLY A 47 -1.82 7.49 -4.33
N LEU A 48 -1.03 8.17 -3.51
CA LEU A 48 -1.23 8.17 -2.07
C LEU A 48 -2.61 8.69 -1.71
N LYS A 49 -3.24 9.40 -2.65
CA LYS A 49 -4.57 9.95 -2.44
C LYS A 49 -5.60 9.25 -3.32
N VAL A 50 -6.80 9.07 -2.80
CA VAL A 50 -7.88 8.43 -3.55
C VAL A 50 -9.22 9.06 -3.23
N LYS A 51 -10.10 9.13 -4.24
CA LYS A 51 -11.42 9.71 -4.07
C LYS A 51 -11.32 11.13 -3.52
N GLY A 52 -10.26 11.83 -3.89
CA GLY A 52 -10.07 13.20 -3.42
C GLY A 52 -9.46 13.26 -2.04
N LYS A 53 -9.41 12.12 -1.37
CA LYS A 53 -8.84 12.04 -0.03
C LYS A 53 -7.32 11.96 -0.09
N PRO A 54 -6.66 12.47 0.96
CA PRO A 54 -5.20 12.46 1.06
C PRO A 54 -4.64 11.06 1.27
N ALA A 55 -5.40 10.22 1.98
CA ALA A 55 -4.98 8.86 2.27
C ALA A 55 -3.47 8.78 2.50
N GLU A 56 -2.95 9.73 3.26
CA GLU A 56 -1.52 9.76 3.56
C GLU A 56 -1.08 8.49 4.27
N ASN A 57 -1.40 8.39 5.55
CA ASN A 57 -1.03 7.22 6.35
C ASN A 57 -1.91 7.10 7.58
N ASP A 58 -2.23 8.23 8.18
CA ASP A 58 -3.08 8.26 9.38
C ASP A 58 -4.50 7.81 9.06
N VAL A 59 -4.78 7.63 7.77
CA VAL A 59 -6.10 7.20 7.33
C VAL A 59 -6.26 5.70 7.49
N LYS A 60 -7.47 5.27 7.81
CA LYS A 60 -7.77 3.85 7.99
C LYS A 60 -8.21 3.22 6.67
N LEU A 61 -7.94 1.93 6.52
CA LEU A 61 -8.32 1.20 5.31
C LEU A 61 -9.78 1.44 4.96
N GLY A 62 -10.66 1.33 5.96
CA GLY A 62 -12.08 1.54 5.74
C GLY A 62 -12.43 3.01 5.66
N ALA A 63 -11.48 3.87 6.03
CA ALA A 63 -11.70 5.32 6.00
C ALA A 63 -11.55 5.86 4.58
N LEU A 64 -10.67 5.23 3.80
CA LEU A 64 -10.43 5.66 2.43
C LEU A 64 -11.54 5.18 1.51
N LYS A 65 -12.23 4.11 1.92
CA LYS A 65 -13.32 3.55 1.13
C LYS A 65 -12.81 3.03 -0.20
N LEU A 66 -11.63 2.43 -0.19
CA LEU A 66 -11.03 1.89 -1.41
C LEU A 66 -11.43 0.44 -1.61
N LYS A 67 -11.46 0.00 -2.88
CA LYS A 67 -11.83 -1.36 -3.20
C LYS A 67 -10.77 -2.35 -2.72
N PRO A 68 -11.16 -3.63 -2.60
CA PRO A 68 -10.26 -4.69 -2.15
C PRO A 68 -9.19 -5.02 -3.18
N ASN A 69 -9.55 -4.93 -4.45
CA ASN A 69 -8.62 -5.22 -5.54
C ASN A 69 -7.68 -4.04 -5.77
N THR A 70 -8.06 -2.88 -5.24
CA THR A 70 -7.26 -1.67 -5.39
C THR A 70 -5.76 -2.00 -5.46
N LYS A 71 -5.12 -1.61 -6.54
CA LYS A 71 -3.70 -1.87 -6.73
C LYS A 71 -2.87 -0.69 -6.24
N ILE A 72 -1.69 -0.98 -5.71
CA ILE A 72 -0.79 0.06 -5.21
C ILE A 72 0.50 0.09 -5.99
N MET A 73 0.86 1.28 -6.49
CA MET A 73 2.08 1.45 -7.27
C MET A 73 3.20 2.03 -6.40
N MET A 74 4.41 1.55 -6.62
CA MET A 74 5.57 2.02 -5.86
C MET A 74 6.75 2.29 -6.77
N MET A 75 7.21 3.55 -6.79
CA MET A 75 8.33 3.94 -7.63
C MET A 75 9.57 4.20 -6.78
N GLY A 76 10.66 3.50 -7.10
CA GLY A 76 11.89 3.66 -6.35
C GLY A 76 12.86 2.51 -6.55
N THR A 77 13.73 2.31 -5.58
CA THR A 77 14.71 1.23 -5.65
C THR A 77 14.79 0.47 -4.33
N ARG A 78 15.04 -0.84 -4.43
CA ARG A 78 15.13 -1.68 -3.23
C ARG A 78 16.31 -1.24 -2.35
N GLU A 79 16.26 -1.63 -1.08
CA GLU A 79 17.32 -1.28 -0.14
C GLU A 79 18.69 -1.66 -0.68
N GLU A 80 19.73 -1.01 -0.17
CA GLU A 80 21.09 -1.26 -0.62
C GLU A 80 21.73 -2.37 0.22
N SER A 81 21.27 -3.60 0.03
CA SER A 81 21.79 -4.74 0.78
C SER A 81 21.35 -6.05 0.14
N MET A 1 -13.64 -7.01 9.94
CA MET A 1 -12.61 -7.88 9.37
C MET A 1 -11.50 -7.06 8.71
N ALA A 2 -10.44 -7.73 8.29
CA ALA A 2 -9.31 -7.07 7.66
C ALA A 2 -9.60 -6.80 6.18
N LEU A 3 -8.99 -5.75 5.65
CA LEU A 3 -9.19 -5.39 4.24
C LEU A 3 -7.91 -5.60 3.44
N PRO A 4 -7.92 -6.61 2.57
CA PRO A 4 -6.77 -6.94 1.72
C PRO A 4 -6.51 -5.90 0.65
N ILE A 5 -5.28 -5.84 0.16
CA ILE A 5 -4.90 -4.87 -0.86
C ILE A 5 -3.77 -5.42 -1.74
N ILE A 6 -3.90 -5.20 -3.04
CA ILE A 6 -2.88 -5.67 -3.98
C ILE A 6 -1.88 -4.56 -4.30
N VAL A 7 -0.61 -4.94 -4.41
CA VAL A 7 0.44 -3.98 -4.72
C VAL A 7 1.27 -4.44 -5.92
N LYS A 8 1.34 -3.58 -6.93
CA LYS A 8 2.09 -3.88 -8.14
C LYS A 8 3.35 -3.04 -8.23
N TRP A 9 4.50 -3.70 -8.28
CA TRP A 9 5.79 -3.01 -8.37
C TRP A 9 6.56 -3.43 -9.61
N GLY A 10 6.51 -2.59 -10.64
CA GLY A 10 7.21 -2.89 -11.88
C GLY A 10 6.30 -3.52 -12.91
N GLY A 11 6.12 -4.83 -12.83
CA GLY A 11 5.26 -5.53 -13.77
C GLY A 11 4.60 -6.76 -13.16
N GLN A 12 4.53 -6.79 -11.84
CA GLN A 12 3.93 -7.91 -11.13
C GLN A 12 2.89 -7.43 -10.13
N GLU A 13 2.18 -8.38 -9.52
CA GLU A 13 1.15 -8.04 -8.53
C GLU A 13 1.30 -8.90 -7.29
N TYR A 14 1.08 -8.29 -6.13
CA TYR A 14 1.19 -8.99 -4.86
C TYR A 14 0.04 -8.62 -3.92
N SER A 15 -0.78 -9.61 -3.59
CA SER A 15 -1.92 -9.38 -2.71
C SER A 15 -1.49 -9.40 -1.25
N VAL A 16 -1.99 -8.44 -0.48
CA VAL A 16 -1.65 -8.35 0.94
C VAL A 16 -2.72 -9.00 1.80
N THR A 17 -2.30 -9.71 2.84
CA THR A 17 -3.22 -10.39 3.74
C THR A 17 -2.66 -10.44 5.16
N THR A 18 -3.03 -9.45 5.97
CA THR A 18 -2.56 -9.39 7.35
C THR A 18 -3.00 -8.09 8.02
N LEU A 19 -3.16 -7.04 7.21
CA LEU A 19 -3.57 -5.74 7.72
C LEU A 19 -5.09 -5.64 7.80
N SER A 20 -5.58 -4.82 8.73
CA SER A 20 -7.02 -4.64 8.90
C SER A 20 -7.37 -3.15 8.97
N GLU A 21 -8.67 -2.86 8.90
CA GLU A 21 -9.13 -1.48 8.97
C GLU A 21 -8.75 -0.83 10.30
N ASP A 22 -8.50 -1.66 11.31
CA ASP A 22 -8.13 -1.17 12.62
C ASP A 22 -6.73 -0.56 12.59
N ASP A 23 -6.01 -0.78 11.50
CA ASP A 23 -4.66 -0.26 11.35
C ASP A 23 -4.66 1.01 10.50
N THR A 24 -3.55 1.24 9.80
CA THR A 24 -3.41 2.42 8.96
C THR A 24 -2.87 2.06 7.58
N VAL A 25 -2.90 3.02 6.66
CA VAL A 25 -2.41 2.80 5.30
C VAL A 25 -0.90 2.55 5.30
N LEU A 26 -0.18 3.36 6.06
CA LEU A 26 1.27 3.23 6.14
C LEU A 26 1.67 1.86 6.67
N ASP A 27 0.80 1.27 7.48
CA ASP A 27 1.07 -0.05 8.05
C ASP A 27 0.99 -1.13 6.97
N LEU A 28 0.09 -0.94 6.02
CA LEU A 28 -0.08 -1.90 4.94
C LEU A 28 0.97 -1.69 3.85
N LYS A 29 1.16 -0.45 3.44
CA LYS A 29 2.14 -0.11 2.42
C LYS A 29 3.55 -0.47 2.88
N GLN A 30 3.95 0.07 4.01
CA GLN A 30 5.28 -0.19 4.57
C GLN A 30 5.49 -1.69 4.79
N PHE A 31 4.38 -2.41 4.92
CA PHE A 31 4.44 -3.85 5.15
C PHE A 31 4.76 -4.60 3.86
N LEU A 32 3.95 -4.36 2.83
CA LEU A 32 4.14 -5.00 1.53
C LEU A 32 5.41 -4.50 0.86
N LYS A 33 5.64 -3.19 0.93
CA LYS A 33 6.82 -2.59 0.32
C LYS A 33 8.09 -3.25 0.86
N THR A 34 8.01 -3.78 2.07
CA THR A 34 9.16 -4.44 2.69
C THR A 34 9.34 -5.85 2.15
N LEU A 35 8.26 -6.43 1.65
CA LEU A 35 8.29 -7.78 1.10
C LEU A 35 8.94 -7.78 -0.28
N THR A 36 8.34 -7.05 -1.21
CA THR A 36 8.87 -6.97 -2.58
C THR A 36 8.87 -5.53 -3.08
N GLY A 37 7.97 -4.71 -2.55
CA GLY A 37 7.89 -3.33 -2.95
C GLY A 37 9.14 -2.55 -2.59
N VAL A 38 9.12 -1.24 -2.86
CA VAL A 38 10.26 -0.39 -2.55
C VAL A 38 9.92 0.60 -1.45
N LEU A 39 10.87 0.83 -0.55
CA LEU A 39 10.67 1.76 0.56
C LEU A 39 10.26 3.14 0.04
N PRO A 40 9.47 3.86 0.86
CA PRO A 40 9.00 5.21 0.51
C PRO A 40 10.12 6.24 0.51
N GLU A 41 11.20 5.93 1.23
CA GLU A 41 12.34 6.83 1.30
C GLU A 41 12.85 7.19 -0.09
N ARG A 42 12.85 6.21 -0.98
CA ARG A 42 13.31 6.42 -2.35
C ARG A 42 12.13 6.52 -3.31
N GLN A 43 11.13 5.68 -3.10
CA GLN A 43 9.95 5.67 -3.96
C GLN A 43 8.82 6.48 -3.32
N LYS A 44 7.89 6.94 -4.15
CA LYS A 44 6.75 7.72 -3.68
C LYS A 44 5.44 7.14 -4.18
N LEU A 45 4.43 7.15 -3.33
CA LEU A 45 3.12 6.63 -3.70
C LEU A 45 2.46 7.49 -4.78
N LEU A 46 1.88 6.84 -5.77
CA LEU A 46 1.22 7.55 -6.87
C LEU A 46 -0.14 8.07 -6.43
N GLY A 47 -1.12 7.18 -6.32
CA GLY A 47 -2.45 7.58 -5.91
C GLY A 47 -2.68 7.39 -4.42
N LEU A 48 -1.87 8.06 -3.62
CA LEU A 48 -1.99 7.97 -2.16
C LEU A 48 -3.39 8.34 -1.70
N LYS A 49 -4.09 9.11 -2.53
CA LYS A 49 -5.45 9.54 -2.20
C LYS A 49 -6.47 8.78 -3.05
N VAL A 50 -7.60 8.46 -2.44
CA VAL A 50 -8.67 7.73 -3.14
C VAL A 50 -10.04 8.20 -2.68
N LYS A 51 -10.99 8.23 -3.60
CA LYS A 51 -12.35 8.66 -3.31
C LYS A 51 -12.35 10.04 -2.65
N GLY A 52 -11.40 10.87 -3.06
CA GLY A 52 -11.31 12.22 -2.50
C GLY A 52 -10.54 12.26 -1.20
N LYS A 53 -10.33 11.08 -0.60
CA LYS A 53 -9.60 10.99 0.66
C LYS A 53 -8.09 11.02 0.42
N PRO A 54 -7.35 11.57 1.40
CA PRO A 54 -5.90 11.68 1.32
C PRO A 54 -5.21 10.31 1.43
N ALA A 55 -5.78 9.44 2.25
CA ALA A 55 -5.23 8.11 2.44
C ALA A 55 -3.70 8.14 2.46
N GLU A 56 -3.15 9.15 3.10
CA GLU A 56 -1.70 9.30 3.20
C GLU A 56 -1.09 8.19 4.06
N ASN A 57 -1.23 8.32 5.37
CA ASN A 57 -0.70 7.33 6.30
C ASN A 57 -1.48 7.33 7.61
N ASP A 58 -1.87 8.52 8.06
CA ASP A 58 -2.62 8.66 9.29
C ASP A 58 -4.07 8.20 9.11
N VAL A 59 -4.39 7.78 7.88
CA VAL A 59 -5.73 7.31 7.57
C VAL A 59 -5.84 5.79 7.73
N LYS A 60 -7.01 5.32 8.12
CA LYS A 60 -7.25 3.89 8.31
C LYS A 60 -7.75 3.24 7.02
N LEU A 61 -7.37 1.99 6.80
CA LEU A 61 -7.79 1.26 5.62
C LEU A 61 -9.31 1.32 5.44
N GLY A 62 -10.03 1.23 6.56
CA GLY A 62 -11.48 1.28 6.51
C GLY A 62 -12.00 2.68 6.28
N ALA A 63 -11.15 3.68 6.51
CA ALA A 63 -11.54 5.07 6.33
C ALA A 63 -11.38 5.50 4.87
N LEU A 64 -10.59 4.75 4.12
CA LEU A 64 -10.35 5.04 2.71
C LEU A 64 -11.45 4.45 1.83
N LYS A 65 -12.16 3.46 2.37
CA LYS A 65 -13.24 2.81 1.64
C LYS A 65 -12.76 2.30 0.29
N LEU A 66 -11.56 1.72 0.27
CA LEU A 66 -10.99 1.21 -0.97
C LEU A 66 -11.32 -0.27 -1.14
N LYS A 67 -11.40 -0.71 -2.39
CA LYS A 67 -11.70 -2.11 -2.70
C LYS A 67 -10.56 -3.02 -2.27
N PRO A 68 -10.87 -4.32 -2.10
CA PRO A 68 -9.89 -5.33 -1.70
C PRO A 68 -8.86 -5.60 -2.78
N ASN A 69 -9.32 -5.60 -4.03
CA ASN A 69 -8.44 -5.86 -5.17
C ASN A 69 -7.62 -4.61 -5.52
N THR A 70 -8.05 -3.47 -4.99
CA THR A 70 -7.35 -2.21 -5.25
C THR A 70 -5.85 -2.43 -5.41
N LYS A 71 -5.30 -1.92 -6.49
CA LYS A 71 -3.87 -2.06 -6.77
C LYS A 71 -3.11 -0.81 -6.34
N ILE A 72 -1.87 -1.01 -5.88
CA ILE A 72 -1.04 0.11 -5.44
C ILE A 72 0.18 0.27 -6.34
N MET A 73 0.39 1.48 -6.83
CA MET A 73 1.54 1.77 -7.70
C MET A 73 2.66 2.43 -6.91
N MET A 74 3.90 2.06 -7.23
CA MET A 74 5.06 2.62 -6.56
C MET A 74 6.13 3.05 -7.56
N MET A 75 6.60 4.29 -7.43
CA MET A 75 7.62 4.81 -8.33
C MET A 75 8.89 5.17 -7.57
N GLY A 76 10.01 4.59 -7.98
CA GLY A 76 11.27 4.87 -7.32
C GLY A 76 12.25 3.72 -7.46
N THR A 77 13.20 3.63 -6.52
CA THR A 77 14.20 2.58 -6.53
C THR A 77 14.34 1.94 -5.15
N ARG A 78 14.50 0.62 -5.13
CA ARG A 78 14.64 -0.11 -3.87
C ARG A 78 16.12 -0.30 -3.52
N GLU A 79 16.42 -0.31 -2.23
CA GLU A 79 17.79 -0.48 -1.77
C GLU A 79 18.40 -1.76 -2.33
N GLU A 80 19.69 -1.96 -2.07
CA GLU A 80 20.39 -3.14 -2.54
C GLU A 80 20.62 -4.14 -1.40
N SER A 81 19.63 -5.00 -1.17
CA SER A 81 19.72 -6.00 -0.11
C SER A 81 18.54 -6.96 -0.17
N MET A 1 -14.98 -6.59 9.33
CA MET A 1 -13.94 -7.49 8.84
C MET A 1 -12.75 -6.70 8.31
N ALA A 2 -11.75 -7.42 7.81
CA ALA A 2 -10.56 -6.78 7.26
C ALA A 2 -10.73 -6.48 5.78
N LEU A 3 -10.05 -5.44 5.31
CA LEU A 3 -10.12 -5.04 3.91
C LEU A 3 -8.81 -5.32 3.19
N PRO A 4 -8.82 -6.32 2.30
CA PRO A 4 -7.63 -6.71 1.53
C PRO A 4 -7.25 -5.66 0.49
N ILE A 5 -5.99 -5.66 0.09
CA ILE A 5 -5.49 -4.71 -0.91
C ILE A 5 -4.35 -5.30 -1.71
N ILE A 6 -4.36 -5.07 -3.02
CA ILE A 6 -3.32 -5.57 -3.90
C ILE A 6 -2.24 -4.52 -4.13
N VAL A 7 -0.99 -4.96 -4.16
CA VAL A 7 0.14 -4.05 -4.39
C VAL A 7 1.02 -4.54 -5.52
N LYS A 8 1.20 -3.70 -6.53
CA LYS A 8 2.02 -4.03 -7.68
C LYS A 8 3.34 -3.26 -7.66
N TRP A 9 4.45 -3.99 -7.67
CA TRP A 9 5.77 -3.37 -7.65
C TRP A 9 6.59 -3.82 -8.85
N GLY A 10 6.66 -2.96 -9.86
CA GLY A 10 7.42 -3.28 -11.06
C GLY A 10 6.59 -4.02 -12.09
N GLY A 11 6.40 -5.32 -11.87
CA GLY A 11 5.63 -6.12 -12.80
C GLY A 11 4.99 -7.32 -12.13
N GLN A 12 4.90 -7.28 -10.81
CA GLN A 12 4.29 -8.37 -10.04
C GLN A 12 3.24 -7.84 -9.07
N GLU A 13 2.14 -8.56 -8.96
CA GLU A 13 1.06 -8.17 -8.06
C GLU A 13 1.06 -9.02 -6.79
N TYR A 14 0.76 -8.39 -5.67
CA TYR A 14 0.74 -9.09 -4.38
C TYR A 14 -0.48 -8.69 -3.56
N SER A 15 -1.33 -9.66 -3.26
CA SER A 15 -2.54 -9.41 -2.48
C SER A 15 -2.23 -9.39 -0.98
N VAL A 16 -2.72 -8.36 -0.29
CA VAL A 16 -2.51 -8.24 1.14
C VAL A 16 -3.66 -8.85 1.93
N THR A 17 -3.33 -9.68 2.91
CA THR A 17 -4.33 -10.32 3.74
C THR A 17 -3.89 -10.40 5.20
N THR A 18 -4.27 -9.39 5.98
CA THR A 18 -3.91 -9.34 7.39
C THR A 18 -4.33 -8.02 8.02
N LEU A 19 -4.39 -6.98 7.20
CA LEU A 19 -4.78 -5.66 7.68
C LEU A 19 -6.30 -5.51 7.68
N SER A 20 -6.81 -4.69 8.60
CA SER A 20 -8.25 -4.46 8.72
C SER A 20 -8.55 -2.97 8.80
N GLU A 21 -9.83 -2.62 8.65
CA GLU A 21 -10.25 -1.23 8.71
C GLU A 21 -9.89 -0.61 10.06
N ASP A 22 -9.69 -1.46 11.06
CA ASP A 22 -9.34 -1.00 12.39
C ASP A 22 -7.93 -0.42 12.41
N ASP A 23 -7.20 -0.62 11.32
CA ASP A 23 -5.83 -0.12 11.20
C ASP A 23 -5.78 1.14 10.33
N THR A 24 -4.65 1.34 9.67
CA THR A 24 -4.48 2.51 8.80
C THR A 24 -3.83 2.11 7.48
N VAL A 25 -3.85 3.03 6.52
CA VAL A 25 -3.25 2.78 5.21
C VAL A 25 -1.75 2.56 5.32
N LEU A 26 -1.10 3.38 6.14
CA LEU A 26 0.35 3.27 6.34
C LEU A 26 0.72 1.91 6.92
N ASP A 27 -0.21 1.32 7.69
CA ASP A 27 0.02 0.02 8.31
C ASP A 27 -0.01 -1.09 7.26
N LEU A 28 -0.83 -0.90 6.23
CA LEU A 28 -0.95 -1.89 5.16
C LEU A 28 0.19 -1.75 4.16
N LYS A 29 0.44 -0.53 3.72
CA LYS A 29 1.52 -0.27 2.76
C LYS A 29 2.87 -0.64 3.35
N GLN A 30 3.20 -0.06 4.50
CA GLN A 30 4.46 -0.33 5.17
C GLN A 30 4.61 -1.82 5.46
N PHE A 31 3.49 -2.53 5.51
CA PHE A 31 3.50 -3.97 5.77
C PHE A 31 3.90 -4.75 4.52
N LEU A 32 3.18 -4.51 3.43
CA LEU A 32 3.46 -5.19 2.17
C LEU A 32 4.79 -4.74 1.58
N LYS A 33 5.05 -3.43 1.66
CA LYS A 33 6.29 -2.87 1.14
C LYS A 33 7.49 -3.56 1.75
N THR A 34 7.32 -4.08 2.97
CA THR A 34 8.41 -4.77 3.66
C THR A 34 8.57 -6.19 3.15
N LEU A 35 7.51 -6.74 2.57
CA LEU A 35 7.53 -8.10 2.04
C LEU A 35 8.26 -8.14 0.71
N THR A 36 7.76 -7.39 -0.26
CA THR A 36 8.37 -7.34 -1.59
C THR A 36 8.46 -5.91 -2.10
N GLY A 37 7.54 -5.06 -1.64
CA GLY A 37 7.54 -3.66 -2.07
C GLY A 37 8.79 -2.93 -1.63
N VAL A 38 8.84 -1.63 -1.93
CA VAL A 38 10.00 -0.82 -1.56
C VAL A 38 9.61 0.22 -0.52
N LEU A 39 10.49 0.40 0.47
CA LEU A 39 10.25 1.36 1.54
C LEU A 39 9.95 2.74 0.97
N PRO A 40 9.14 3.53 1.70
CA PRO A 40 8.76 4.88 1.29
C PRO A 40 9.93 5.85 1.36
N GLU A 41 10.93 5.52 2.16
CA GLU A 41 12.10 6.36 2.32
C GLU A 41 12.74 6.67 0.97
N ARG A 42 12.75 5.69 0.08
CA ARG A 42 13.32 5.86 -1.24
C ARG A 42 12.22 6.00 -2.30
N GLN A 43 11.16 5.21 -2.15
CA GLN A 43 10.05 5.24 -3.09
C GLN A 43 8.93 6.14 -2.57
N LYS A 44 8.09 6.63 -3.48
CA LYS A 44 6.98 7.49 -3.13
C LYS A 44 5.67 6.98 -3.71
N LEU A 45 4.60 7.07 -2.92
CA LEU A 45 3.30 6.61 -3.36
C LEU A 45 2.77 7.46 -4.52
N LEU A 46 2.23 6.81 -5.53
CA LEU A 46 1.69 7.50 -6.69
C LEU A 46 0.29 8.04 -6.42
N GLY A 47 -0.64 7.12 -6.17
CA GLY A 47 -2.01 7.51 -5.89
C GLY A 47 -2.33 7.47 -4.41
N LEU A 48 -1.59 8.24 -3.62
CA LEU A 48 -1.80 8.29 -2.18
C LEU A 48 -3.20 8.78 -1.85
N LYS A 49 -3.85 9.41 -2.83
CA LYS A 49 -5.20 9.93 -2.65
C LYS A 49 -6.19 9.18 -3.52
N VAL A 50 -7.40 8.98 -3.01
CA VAL A 50 -8.44 8.27 -3.74
C VAL A 50 -9.81 8.87 -3.46
N LYS A 51 -10.67 8.88 -4.48
CA LYS A 51 -12.02 9.42 -4.34
C LYS A 51 -11.98 10.85 -3.82
N GLY A 52 -10.93 11.59 -4.19
CA GLY A 52 -10.80 12.96 -3.75
C GLY A 52 -10.19 13.07 -2.37
N LYS A 53 -10.11 11.95 -1.67
CA LYS A 53 -9.55 11.92 -0.32
C LYS A 53 -8.02 11.87 -0.37
N PRO A 54 -7.38 12.43 0.67
CA PRO A 54 -5.92 12.46 0.76
C PRO A 54 -5.32 11.08 1.02
N ALA A 55 -6.06 10.25 1.74
CA ALA A 55 -5.62 8.90 2.06
C ALA A 55 -4.11 8.87 2.30
N GLU A 56 -3.63 9.85 3.06
CA GLU A 56 -2.20 9.93 3.37
C GLU A 56 -1.73 8.69 4.11
N ASN A 57 -2.02 8.63 5.41
CA ASN A 57 -1.63 7.49 6.23
C ASN A 57 -2.53 7.38 7.46
N ASP A 58 -2.87 8.51 8.04
CA ASP A 58 -3.73 8.54 9.23
C ASP A 58 -5.12 8.02 8.91
N VAL A 59 -5.39 7.82 7.61
CA VAL A 59 -6.69 7.32 7.17
C VAL A 59 -6.79 5.81 7.36
N LYS A 60 -7.98 5.34 7.68
CA LYS A 60 -8.21 3.92 7.89
C LYS A 60 -8.64 3.24 6.58
N LEU A 61 -8.34 1.96 6.46
CA LEU A 61 -8.68 1.19 5.27
C LEU A 61 -10.16 1.39 4.91
N GLY A 62 -11.02 1.26 5.92
CA GLY A 62 -12.44 1.43 5.69
C GLY A 62 -12.85 2.88 5.58
N ALA A 63 -11.93 3.77 5.94
CA ALA A 63 -12.20 5.21 5.88
C ALA A 63 -12.07 5.73 4.46
N LEU A 64 -11.17 5.13 3.69
CA LEU A 64 -10.94 5.54 2.30
C LEU A 64 -12.05 5.01 1.39
N LYS A 65 -12.70 3.93 1.82
CA LYS A 65 -13.77 3.34 1.05
C LYS A 65 -13.25 2.80 -0.28
N LEU A 66 -12.05 2.25 -0.26
CA LEU A 66 -11.44 1.69 -1.47
C LEU A 66 -11.81 0.22 -1.64
N LYS A 67 -11.81 -0.24 -2.88
CA LYS A 67 -12.14 -1.64 -3.18
C LYS A 67 -11.04 -2.57 -2.67
N PRO A 68 -11.38 -3.86 -2.53
CA PRO A 68 -10.43 -4.87 -2.05
C PRO A 68 -9.35 -5.17 -3.09
N ASN A 69 -9.72 -5.13 -4.35
CA ASN A 69 -8.77 -5.40 -5.44
C ASN A 69 -7.88 -4.19 -5.70
N THR A 70 -8.30 -3.04 -5.18
CA THR A 70 -7.54 -1.81 -5.37
C THR A 70 -6.04 -2.09 -5.42
N LYS A 71 -5.41 -1.68 -6.51
CA LYS A 71 -3.98 -1.89 -6.69
C LYS A 71 -3.19 -0.66 -6.23
N ILE A 72 -2.01 -0.90 -5.69
CA ILE A 72 -1.15 0.18 -5.21
C ILE A 72 0.15 0.26 -6.01
N MET A 73 0.49 1.47 -6.45
CA MET A 73 1.71 1.67 -7.23
C MET A 73 2.81 2.26 -6.36
N MET A 74 4.04 1.82 -6.59
CA MET A 74 5.19 2.31 -5.83
C MET A 74 6.35 2.66 -6.75
N MET A 75 6.75 3.94 -6.73
CA MET A 75 7.85 4.39 -7.56
C MET A 75 9.09 4.68 -6.72
N GLY A 76 10.19 4.01 -7.04
CA GLY A 76 11.43 4.20 -6.30
C GLY A 76 12.42 3.08 -6.52
N THR A 77 13.34 2.91 -5.57
CA THR A 77 14.35 1.87 -5.67
C THR A 77 14.47 1.10 -4.36
N ARG A 78 14.79 -0.19 -4.47
CA ARG A 78 14.94 -1.03 -3.29
C ARG A 78 16.14 -0.59 -2.45
N GLU A 79 16.13 -0.98 -1.18
CA GLU A 79 17.22 -0.62 -0.27
C GLU A 79 18.41 -1.57 -0.44
N GLU A 80 19.46 -1.33 0.33
CA GLU A 80 20.65 -2.16 0.27
C GLU A 80 21.31 -2.07 -1.10
N SER A 81 22.57 -2.48 -1.17
CA SER A 81 23.32 -2.44 -2.42
C SER A 81 23.04 -3.69 -3.26
N MET A 1 -13.52 -7.06 9.88
CA MET A 1 -12.59 -7.93 9.16
C MET A 1 -11.43 -7.10 8.58
N ALA A 2 -10.47 -7.80 7.98
CA ALA A 2 -9.32 -7.15 7.38
C ALA A 2 -9.54 -6.88 5.89
N LEU A 3 -8.98 -5.80 5.39
CA LEU A 3 -9.11 -5.43 3.98
C LEU A 3 -7.80 -5.66 3.24
N PRO A 4 -7.79 -6.67 2.35
CA PRO A 4 -6.60 -7.01 1.56
C PRO A 4 -6.29 -5.94 0.50
N ILE A 5 -5.04 -5.89 0.07
CA ILE A 5 -4.62 -4.93 -0.94
C ILE A 5 -3.46 -5.48 -1.78
N ILE A 6 -3.54 -5.26 -3.09
CA ILE A 6 -2.50 -5.73 -3.99
C ILE A 6 -1.47 -4.63 -4.27
N VAL A 7 -0.20 -5.01 -4.34
CA VAL A 7 0.87 -4.06 -4.61
C VAL A 7 1.73 -4.51 -5.78
N LYS A 8 1.82 -3.67 -6.80
CA LYS A 8 2.62 -3.99 -7.98
C LYS A 8 3.90 -3.16 -8.00
N TRP A 9 5.04 -3.85 -8.03
CA TRP A 9 6.34 -3.18 -8.06
C TRP A 9 7.14 -3.59 -9.29
N GLY A 10 7.14 -2.73 -10.30
CA GLY A 10 7.86 -3.02 -11.53
C GLY A 10 6.99 -3.65 -12.59
N GLY A 11 6.81 -4.96 -12.50
CA GLY A 11 5.99 -5.66 -13.47
C GLY A 11 5.32 -6.89 -12.88
N GLN A 12 5.20 -6.92 -11.55
CA GLN A 12 4.57 -8.03 -10.87
C GLN A 12 3.48 -7.55 -9.91
N GLU A 13 2.76 -8.49 -9.31
CA GLU A 13 1.69 -8.16 -8.38
C GLU A 13 1.79 -9.00 -7.11
N TYR A 14 1.54 -8.38 -5.97
CA TYR A 14 1.59 -9.07 -4.70
C TYR A 14 0.39 -8.71 -3.82
N SER A 15 -0.43 -9.72 -3.51
CA SER A 15 -1.62 -9.51 -2.69
C SER A 15 -1.25 -9.53 -1.20
N VAL A 16 -1.75 -8.54 -0.48
CA VAL A 16 -1.48 -8.43 0.96
C VAL A 16 -2.60 -9.07 1.77
N THR A 17 -2.22 -9.83 2.80
CA THR A 17 -3.19 -10.51 3.65
C THR A 17 -2.69 -10.59 5.09
N THR A 18 -3.07 -9.62 5.90
CA THR A 18 -2.66 -9.58 7.30
C THR A 18 -3.08 -8.27 7.97
N LEU A 19 -3.19 -7.21 7.17
CA LEU A 19 -3.58 -5.90 7.68
C LEU A 19 -5.10 -5.75 7.68
N SER A 20 -5.61 -4.96 8.62
CA SER A 20 -7.05 -4.74 8.73
C SER A 20 -7.36 -3.25 8.84
N GLU A 21 -8.62 -2.90 8.66
CA GLU A 21 -9.05 -1.50 8.73
C GLU A 21 -8.71 -0.91 10.10
N ASP A 22 -8.52 -1.78 11.09
CA ASP A 22 -8.18 -1.35 12.43
C ASP A 22 -6.78 -0.74 12.49
N ASP A 23 -6.02 -0.93 11.41
CA ASP A 23 -4.67 -0.41 11.33
C ASP A 23 -4.63 0.87 10.49
N THR A 24 -3.49 1.09 9.81
CA THR A 24 -3.33 2.27 8.98
C THR A 24 -2.74 1.91 7.62
N VAL A 25 -2.77 2.86 6.69
CA VAL A 25 -2.24 2.64 5.36
C VAL A 25 -0.73 2.38 5.40
N LEU A 26 -0.03 3.19 6.19
CA LEU A 26 1.42 3.06 6.32
C LEU A 26 1.79 1.68 6.86
N ASP A 27 0.88 1.09 7.63
CA ASP A 27 1.12 -0.24 8.21
C ASP A 27 1.08 -1.31 7.13
N LEU A 28 0.20 -1.12 6.14
CA LEU A 28 0.06 -2.07 5.05
C LEU A 28 1.15 -1.87 4.00
N LYS A 29 1.35 -0.63 3.61
CA LYS A 29 2.36 -0.29 2.61
C LYS A 29 3.76 -0.67 3.11
N GLN A 30 4.13 -0.13 4.27
CA GLN A 30 5.43 -0.41 4.85
C GLN A 30 5.62 -1.91 5.08
N PHE A 31 4.51 -2.63 5.17
CA PHE A 31 4.55 -4.07 5.38
C PHE A 31 4.90 -4.80 4.09
N LEU A 32 4.13 -4.55 3.05
CA LEU A 32 4.35 -5.18 1.74
C LEU A 32 5.65 -4.69 1.13
N LYS A 33 5.89 -3.38 1.20
CA LYS A 33 7.10 -2.79 0.65
C LYS A 33 8.35 -3.47 1.21
N THR A 34 8.23 -4.02 2.42
CA THR A 34 9.34 -4.69 3.05
C THR A 34 9.52 -6.11 2.51
N LEU A 35 8.44 -6.67 1.97
CA LEU A 35 8.47 -8.01 1.40
C LEU A 35 9.15 -8.01 0.04
N THR A 36 8.59 -7.26 -0.90
CA THR A 36 9.14 -7.18 -2.24
C THR A 36 9.19 -5.74 -2.74
N GLY A 37 8.27 -4.92 -2.21
CA GLY A 37 8.22 -3.52 -2.61
C GLY A 37 9.46 -2.76 -2.22
N VAL A 38 9.48 -1.47 -2.51
CA VAL A 38 10.63 -0.62 -2.18
C VAL A 38 10.27 0.41 -1.11
N LEU A 39 11.18 0.61 -0.17
CA LEU A 39 10.96 1.56 0.91
C LEU A 39 10.61 2.94 0.37
N PRO A 40 9.83 3.71 1.14
CA PRO A 40 9.41 5.05 0.76
C PRO A 40 10.56 6.05 0.76
N GLU A 41 11.61 5.72 1.50
CA GLU A 41 12.78 6.59 1.60
C GLU A 41 13.33 6.91 0.21
N ARG A 42 13.32 5.92 -0.68
CA ARG A 42 13.82 6.10 -2.03
C ARG A 42 12.66 6.22 -3.03
N GLN A 43 11.62 5.41 -2.83
CA GLN A 43 10.46 5.43 -3.70
C GLN A 43 9.33 6.26 -3.09
N LYS A 44 8.43 6.73 -3.94
CA LYS A 44 7.31 7.54 -3.49
C LYS A 44 5.98 6.98 -4.00
N LEU A 45 4.96 7.02 -3.17
CA LEU A 45 3.64 6.52 -3.54
C LEU A 45 3.02 7.38 -4.64
N LEU A 46 2.43 6.72 -5.63
CA LEU A 46 1.80 7.43 -6.74
C LEU A 46 0.45 7.99 -6.34
N GLY A 47 -0.55 7.12 -6.24
CA GLY A 47 -1.88 7.53 -5.84
C GLY A 47 -2.15 7.33 -4.36
N LEU A 48 -1.36 7.99 -3.53
CA LEU A 48 -1.51 7.86 -2.08
C LEU A 48 -2.93 8.23 -1.66
N LYS A 49 -3.60 9.04 -2.48
CA LYS A 49 -4.96 9.45 -2.18
C LYS A 49 -5.96 8.69 -3.04
N VAL A 50 -7.11 8.38 -2.46
CA VAL A 50 -8.15 7.65 -3.17
C VAL A 50 -9.54 8.13 -2.77
N LYS A 51 -10.46 8.17 -3.73
CA LYS A 51 -11.83 8.61 -3.47
C LYS A 51 -11.84 9.99 -2.81
N GLY A 52 -10.88 10.83 -3.18
CA GLY A 52 -10.80 12.16 -2.61
C GLY A 52 -10.06 12.18 -1.29
N LYS A 53 -9.88 11.01 -0.69
CA LYS A 53 -9.18 10.90 0.58
C LYS A 53 -7.66 10.92 0.38
N PRO A 54 -6.94 11.44 1.38
CA PRO A 54 -5.47 11.52 1.34
C PRO A 54 -4.82 10.15 1.44
N ALA A 55 -5.42 9.27 2.25
CA ALA A 55 -4.89 7.92 2.43
C ALA A 55 -3.37 7.93 2.50
N GLU A 56 -2.81 8.95 3.17
CA GLU A 56 -1.37 9.08 3.30
C GLU A 56 -0.81 7.98 4.21
N ASN A 57 -1.01 8.14 5.51
CA ASN A 57 -0.53 7.15 6.48
C ASN A 57 -1.38 7.19 7.75
N ASP A 58 -1.78 8.39 8.15
CA ASP A 58 -2.60 8.54 9.35
C ASP A 58 -4.02 8.07 9.11
N VAL A 59 -4.30 7.64 7.88
CA VAL A 59 -5.62 7.15 7.51
C VAL A 59 -5.72 5.64 7.66
N LYS A 60 -6.91 5.16 8.01
CA LYS A 60 -7.13 3.73 8.18
C LYS A 60 -7.59 3.09 6.88
N LEU A 61 -7.21 1.83 6.68
CA LEU A 61 -7.59 1.10 5.48
C LEU A 61 -9.10 1.17 5.24
N GLY A 62 -9.86 1.03 6.32
CA GLY A 62 -11.31 1.08 6.22
C GLY A 62 -11.83 2.49 6.01
N ALA A 63 -10.97 3.47 6.27
CA ALA A 63 -11.35 4.87 6.12
C ALA A 63 -11.16 5.34 4.68
N LEU A 64 -10.35 4.60 3.93
CA LEU A 64 -10.08 4.93 2.54
C LEU A 64 -11.18 4.38 1.63
N LYS A 65 -11.91 3.38 2.12
CA LYS A 65 -12.99 2.76 1.36
C LYS A 65 -12.48 2.30 0.00
N LEU A 66 -11.31 1.68 -0.02
CA LEU A 66 -10.72 1.18 -1.25
C LEU A 66 -11.04 -0.30 -1.45
N LYS A 67 -11.06 -0.73 -2.71
CA LYS A 67 -11.35 -2.12 -3.03
C LYS A 67 -10.22 -3.04 -2.56
N PRO A 68 -10.53 -4.33 -2.41
CA PRO A 68 -9.55 -5.33 -1.97
C PRO A 68 -8.49 -5.62 -3.03
N ASN A 69 -8.90 -5.60 -4.28
CA ASN A 69 -7.97 -5.85 -5.39
C ASN A 69 -7.14 -4.60 -5.69
N THR A 70 -7.59 -3.46 -5.18
CA THR A 70 -6.88 -2.20 -5.40
C THR A 70 -5.38 -2.43 -5.50
N LYS A 71 -4.79 -1.96 -6.60
CA LYS A 71 -3.36 -2.11 -6.83
C LYS A 71 -2.61 -0.86 -6.37
N ILE A 72 -1.40 -1.06 -5.86
CA ILE A 72 -0.57 0.06 -5.39
C ILE A 72 0.69 0.20 -6.23
N MET A 73 0.94 1.40 -6.72
CA MET A 73 2.12 1.66 -7.53
C MET A 73 3.22 2.32 -6.70
N MET A 74 4.46 1.92 -6.97
CA MET A 74 5.61 2.47 -6.25
C MET A 74 6.72 2.86 -7.20
N MET A 75 7.06 4.15 -7.22
CA MET A 75 8.12 4.65 -8.09
C MET A 75 9.38 4.97 -7.30
N GLY A 76 10.49 4.34 -7.67
CA GLY A 76 11.74 4.58 -6.99
C GLY A 76 12.77 3.48 -7.25
N THR A 77 13.72 3.34 -6.35
CA THR A 77 14.76 2.33 -6.49
C THR A 77 14.99 1.58 -5.19
N ARG A 78 15.38 0.31 -5.30
CA ARG A 78 15.62 -0.52 -4.13
C ARG A 78 16.84 -0.03 -3.37
N GLU A 79 16.87 -0.34 -2.07
CA GLU A 79 17.99 0.09 -1.22
C GLU A 79 19.22 -0.77 -1.49
N GLU A 80 20.32 -0.42 -0.83
CA GLU A 80 21.58 -1.15 -1.00
C GLU A 80 21.43 -2.60 -0.54
N SER A 81 20.77 -2.79 0.61
CA SER A 81 20.56 -4.12 1.15
C SER A 81 21.88 -4.85 1.32
N MET A 1 -13.02 -7.66 9.84
CA MET A 1 -11.92 -8.49 9.36
C MET A 1 -10.83 -7.63 8.74
N ALA A 2 -9.80 -8.28 8.21
CA ALA A 2 -8.69 -7.57 7.57
C ALA A 2 -9.00 -7.25 6.12
N LEU A 3 -8.41 -6.17 5.62
CA LEU A 3 -8.61 -5.75 4.23
C LEU A 3 -7.34 -5.94 3.41
N PRO A 4 -7.37 -6.93 2.50
CA PRO A 4 -6.23 -7.23 1.63
C PRO A 4 -5.98 -6.14 0.59
N ILE A 5 -4.76 -6.07 0.10
CA ILE A 5 -4.40 -5.07 -0.90
C ILE A 5 -3.28 -5.58 -1.81
N ILE A 6 -3.42 -5.33 -3.10
CA ILE A 6 -2.41 -5.76 -4.08
C ILE A 6 -1.41 -4.65 -4.36
N VAL A 7 -0.14 -5.01 -4.49
CA VAL A 7 0.91 -4.05 -4.78
C VAL A 7 1.73 -4.47 -5.99
N LYS A 8 1.81 -3.59 -6.98
CA LYS A 8 2.57 -3.87 -8.19
C LYS A 8 3.83 -3.01 -8.26
N TRP A 9 4.98 -3.67 -8.29
CA TRP A 9 6.26 -2.97 -8.35
C TRP A 9 7.06 -3.40 -9.58
N GLY A 10 7.06 -2.55 -10.61
CA GLY A 10 7.79 -2.87 -11.82
C GLY A 10 6.90 -3.47 -12.89
N GLY A 11 6.67 -4.77 -12.81
CA GLY A 11 5.82 -5.45 -13.78
C GLY A 11 5.15 -6.69 -13.21
N GLN A 12 5.07 -6.75 -11.88
CA GLN A 12 4.44 -7.89 -11.21
C GLN A 12 3.40 -7.42 -10.20
N GLU A 13 2.70 -8.37 -9.60
CA GLU A 13 1.68 -8.05 -8.62
C GLU A 13 1.83 -8.93 -7.37
N TYR A 14 1.62 -8.34 -6.21
CA TYR A 14 1.74 -9.05 -4.94
C TYR A 14 0.56 -8.72 -4.01
N SER A 15 -0.19 -9.75 -3.65
CA SER A 15 -1.34 -9.58 -2.77
C SER A 15 -0.91 -9.57 -1.30
N VAL A 16 -1.43 -8.59 -0.56
CA VAL A 16 -1.10 -8.46 0.86
C VAL A 16 -2.15 -9.13 1.74
N THR A 17 -1.71 -10.02 2.62
CA THR A 17 -2.61 -10.72 3.51
C THR A 17 -2.04 -10.80 4.92
N THR A 18 -2.41 -9.83 5.76
CA THR A 18 -1.93 -9.79 7.14
C THR A 18 -2.37 -8.50 7.83
N LEU A 19 -2.54 -7.45 7.04
CA LEU A 19 -2.96 -6.15 7.59
C LEU A 19 -4.48 -6.08 7.71
N SER A 20 -4.96 -5.32 8.69
CA SER A 20 -6.40 -5.18 8.90
C SER A 20 -6.77 -3.70 9.05
N GLU A 21 -8.07 -3.42 9.02
CA GLU A 21 -8.56 -2.05 9.16
C GLU A 21 -8.12 -1.45 10.48
N ASP A 22 -7.81 -2.31 11.44
CA ASP A 22 -7.37 -1.86 12.76
C ASP A 22 -6.00 -1.19 12.68
N ASP A 23 -5.35 -1.33 11.53
CA ASP A 23 -4.03 -0.74 11.33
C ASP A 23 -4.12 0.53 10.49
N THR A 24 -3.06 0.81 9.73
CA THR A 24 -3.03 1.99 8.88
C THR A 24 -2.46 1.66 7.51
N VAL A 25 -2.61 2.60 6.58
CA VAL A 25 -2.11 2.40 5.21
C VAL A 25 -0.59 2.26 5.20
N LEU A 26 0.09 3.10 5.98
CA LEU A 26 1.54 3.07 6.05
C LEU A 26 2.02 1.73 6.58
N ASP A 27 1.21 1.08 7.41
CA ASP A 27 1.56 -0.22 7.97
C ASP A 27 1.51 -1.31 6.90
N LEU A 28 0.59 -1.15 5.94
CA LEU A 28 0.44 -2.12 4.87
C LEU A 28 1.49 -1.90 3.79
N LYS A 29 1.63 -0.65 3.35
CA LYS A 29 2.60 -0.30 2.32
C LYS A 29 4.03 -0.60 2.79
N GLN A 30 4.40 -0.02 3.92
CA GLN A 30 5.74 -0.23 4.49
C GLN A 30 6.00 -1.71 4.73
N PHE A 31 4.93 -2.48 4.86
CA PHE A 31 5.06 -3.91 5.10
C PHE A 31 5.39 -4.66 3.80
N LEU A 32 4.57 -4.46 2.78
CA LEU A 32 4.77 -5.10 1.49
C LEU A 32 6.03 -4.56 0.81
N LYS A 33 6.21 -3.25 0.88
CA LYS A 33 7.37 -2.60 0.27
C LYS A 33 8.66 -3.22 0.78
N THR A 34 8.62 -3.75 2.00
CA THR A 34 9.79 -4.38 2.60
C THR A 34 10.00 -5.79 2.06
N LEU A 35 8.93 -6.40 1.57
CA LEU A 35 9.00 -7.75 1.02
C LEU A 35 9.62 -7.74 -0.38
N THR A 36 9.00 -7.01 -1.29
CA THR A 36 9.49 -6.92 -2.66
C THR A 36 9.46 -5.48 -3.16
N GLY A 37 8.55 -4.69 -2.62
CA GLY A 37 8.44 -3.29 -3.02
C GLY A 37 9.67 -2.49 -2.66
N VAL A 38 9.62 -1.19 -2.95
CA VAL A 38 10.74 -0.30 -2.65
C VAL A 38 10.39 0.69 -1.55
N LEU A 39 11.32 0.90 -0.63
CA LEU A 39 11.10 1.84 0.47
C LEU A 39 10.69 3.20 -0.04
N PRO A 40 9.90 3.92 0.77
CA PRO A 40 9.41 5.26 0.41
C PRO A 40 10.52 6.30 0.41
N GLU A 41 11.60 6.00 1.13
CA GLU A 41 12.74 6.91 1.23
C GLU A 41 13.25 7.29 -0.16
N ARG A 42 13.24 6.32 -1.07
CA ARG A 42 13.69 6.55 -2.44
C ARG A 42 12.52 6.64 -3.40
N GLN A 43 11.52 5.78 -3.19
CA GLN A 43 10.33 5.78 -4.04
C GLN A 43 9.21 6.59 -3.42
N LYS A 44 8.27 7.02 -4.25
CA LYS A 44 7.13 7.82 -3.78
C LYS A 44 5.82 7.22 -4.28
N LEU A 45 4.81 7.23 -3.41
CA LEU A 45 3.50 6.70 -3.76
C LEU A 45 2.84 7.53 -4.85
N LEU A 46 2.27 6.87 -5.84
CA LEU A 46 1.60 7.55 -6.94
C LEU A 46 0.24 8.09 -6.50
N GLY A 47 -0.72 7.19 -6.31
CA GLY A 47 -2.05 7.60 -5.88
C GLY A 47 -2.26 7.45 -4.40
N LEU A 48 -1.46 8.16 -3.61
CA LEU A 48 -1.57 8.09 -2.16
C LEU A 48 -2.97 8.48 -1.69
N LYS A 49 -3.70 9.16 -2.56
CA LYS A 49 -5.06 9.59 -2.24
C LYS A 49 -6.08 8.81 -3.06
N VAL A 50 -7.23 8.52 -2.45
CA VAL A 50 -8.29 7.79 -3.14
C VAL A 50 -9.67 8.29 -2.72
N LYS A 51 -10.61 8.27 -3.65
CA LYS A 51 -11.96 8.72 -3.38
C LYS A 51 -11.96 10.15 -2.84
N GLY A 52 -11.00 10.94 -3.27
CA GLY A 52 -10.90 12.32 -2.81
C GLY A 52 -10.21 12.43 -1.47
N LYS A 53 -10.01 11.30 -0.82
CA LYS A 53 -9.35 11.27 0.49
C LYS A 53 -7.83 11.35 0.34
N PRO A 54 -7.16 11.93 1.34
CA PRO A 54 -5.70 12.07 1.35
C PRO A 54 -5.00 10.73 1.51
N ALA A 55 -5.61 9.82 2.25
CA ALA A 55 -5.04 8.50 2.48
C ALA A 55 -3.52 8.57 2.60
N GLU A 56 -3.03 9.56 3.35
CA GLU A 56 -1.59 9.74 3.53
C GLU A 56 -0.97 8.51 4.17
N ASN A 57 -1.19 8.33 5.47
CA ASN A 57 -0.64 7.18 6.19
C ASN A 57 -1.40 6.96 7.50
N ASP A 58 -1.77 8.05 8.16
CA ASP A 58 -2.50 7.98 9.42
C ASP A 58 -3.90 7.40 9.21
N VAL A 59 -4.28 7.24 7.94
CA VAL A 59 -5.59 6.69 7.60
C VAL A 59 -5.61 5.17 7.74
N LYS A 60 -6.75 4.64 8.16
CA LYS A 60 -6.89 3.20 8.34
C LYS A 60 -7.39 2.54 7.05
N LEU A 61 -7.02 1.28 6.87
CA LEU A 61 -7.42 0.54 5.67
C LEU A 61 -8.93 0.66 5.44
N GLY A 62 -9.70 0.44 6.50
CA GLY A 62 -11.14 0.54 6.40
C GLY A 62 -11.63 1.98 6.36
N ALA A 63 -10.75 2.91 6.67
CA ALA A 63 -11.10 4.32 6.68
C ALA A 63 -11.10 4.89 5.26
N LEU A 64 -10.24 4.35 4.41
CA LEU A 64 -10.14 4.80 3.03
C LEU A 64 -11.27 4.23 2.18
N LYS A 65 -11.83 3.11 2.63
CA LYS A 65 -12.92 2.45 1.93
C LYS A 65 -12.47 1.98 0.55
N LEU A 66 -11.24 1.51 0.47
CA LEU A 66 -10.68 1.02 -0.80
C LEU A 66 -10.98 -0.46 -0.99
N LYS A 67 -11.07 -0.89 -2.24
CA LYS A 67 -11.34 -2.29 -2.55
C LYS A 67 -10.17 -3.18 -2.17
N PRO A 68 -10.43 -4.48 -2.03
CA PRO A 68 -9.40 -5.46 -1.67
C PRO A 68 -8.38 -5.69 -2.78
N ASN A 69 -8.86 -5.63 -4.02
CA ASN A 69 -8.00 -5.82 -5.18
C ASN A 69 -7.19 -4.56 -5.48
N THR A 70 -7.61 -3.45 -4.89
CA THR A 70 -6.93 -2.17 -5.10
C THR A 70 -5.43 -2.38 -5.28
N LYS A 71 -4.92 -1.94 -6.41
CA LYS A 71 -3.49 -2.07 -6.71
C LYS A 71 -2.73 -0.81 -6.28
N ILE A 72 -1.49 -1.01 -5.84
CA ILE A 72 -0.66 0.11 -5.40
C ILE A 72 0.56 0.27 -6.31
N MET A 73 0.78 1.48 -6.80
CA MET A 73 1.91 1.78 -7.67
C MET A 73 3.05 2.41 -6.88
N MET A 74 4.28 2.04 -7.22
CA MET A 74 5.45 2.59 -6.55
C MET A 74 6.50 3.04 -7.56
N MET A 75 6.92 4.29 -7.44
CA MET A 75 7.92 4.85 -8.35
C MET A 75 9.19 5.23 -7.60
N GLY A 76 10.31 4.61 -7.99
CA GLY A 76 11.57 4.88 -7.35
C GLY A 76 12.61 3.82 -7.63
N THR A 77 13.60 3.70 -6.75
CA THR A 77 14.66 2.72 -6.91
C THR A 77 14.93 1.97 -5.62
N ARG A 78 15.27 0.68 -5.73
CA ARG A 78 15.54 -0.14 -4.56
C ARG A 78 16.75 0.39 -3.79
N GLU A 79 16.83 0.04 -2.52
CA GLU A 79 17.95 0.48 -1.68
C GLU A 79 19.22 -0.27 -2.03
N GLU A 80 20.32 0.10 -1.37
CA GLU A 80 21.61 -0.53 -1.62
C GLU A 80 22.31 -0.87 -0.30
N SER A 81 22.22 -2.13 0.11
CA SER A 81 22.85 -2.58 1.35
C SER A 81 22.63 -4.07 1.56
N MET A 1 -13.09 -7.43 10.77
CA MET A 1 -12.61 -8.05 9.54
C MET A 1 -11.42 -7.29 8.96
N ALA A 2 -10.79 -7.87 7.95
CA ALA A 2 -9.63 -7.24 7.31
C ALA A 2 -9.96 -6.84 5.88
N LEU A 3 -9.33 -5.77 5.40
CA LEU A 3 -9.55 -5.28 4.05
C LEU A 3 -8.32 -5.53 3.18
N PRO A 4 -8.45 -6.47 2.23
CA PRO A 4 -7.36 -6.82 1.30
C PRO A 4 -7.06 -5.71 0.31
N ILE A 5 -5.84 -5.70 -0.21
CA ILE A 5 -5.44 -4.69 -1.18
C ILE A 5 -4.38 -5.24 -2.13
N ILE A 6 -4.54 -4.95 -3.42
CA ILE A 6 -3.60 -5.41 -4.43
C ILE A 6 -2.55 -4.34 -4.73
N VAL A 7 -1.30 -4.78 -4.92
CA VAL A 7 -0.21 -3.87 -5.21
C VAL A 7 0.54 -4.30 -6.46
N LYS A 8 0.62 -3.40 -7.44
CA LYS A 8 1.32 -3.68 -8.69
C LYS A 8 2.63 -2.90 -8.78
N TRP A 9 3.73 -3.63 -8.95
CA TRP A 9 5.04 -3.00 -9.05
C TRP A 9 5.74 -3.40 -10.35
N GLY A 10 5.74 -2.49 -11.32
CA GLY A 10 6.38 -2.77 -12.59
C GLY A 10 5.44 -3.40 -13.59
N GLY A 11 5.22 -4.72 -13.45
CA GLY A 11 4.33 -5.42 -14.35
C GLY A 11 3.72 -6.65 -13.71
N GLN A 12 3.76 -6.71 -12.38
CA GLN A 12 3.21 -7.85 -11.65
C GLN A 12 2.30 -7.37 -10.53
N GLU A 13 1.18 -8.07 -10.35
CA GLU A 13 0.21 -7.71 -9.32
C GLU A 13 0.32 -8.66 -8.13
N TYR A 14 0.17 -8.12 -6.92
CA TYR A 14 0.25 -8.92 -5.70
C TYR A 14 -0.86 -8.54 -4.74
N SER A 15 -1.74 -9.49 -4.45
CA SER A 15 -2.85 -9.27 -3.54
C SER A 15 -2.40 -9.43 -2.09
N VAL A 16 -2.75 -8.45 -1.25
CA VAL A 16 -2.39 -8.49 0.16
C VAL A 16 -3.49 -9.14 0.99
N THR A 17 -3.08 -9.96 1.96
CA THR A 17 -4.03 -10.65 2.82
C THR A 17 -3.44 -10.88 4.21
N THR A 18 -3.69 -9.94 5.12
CA THR A 18 -3.17 -10.03 6.48
C THR A 18 -3.46 -8.76 7.27
N LEU A 19 -3.55 -7.64 6.56
CA LEU A 19 -3.82 -6.36 7.19
C LEU A 19 -5.32 -6.13 7.35
N SER A 20 -5.70 -5.37 8.37
CA SER A 20 -7.11 -5.09 8.64
C SER A 20 -7.32 -3.59 8.85
N GLU A 21 -8.59 -3.18 8.86
CA GLU A 21 -8.93 -1.77 9.05
C GLU A 21 -8.43 -1.28 10.41
N ASP A 22 -8.21 -2.21 11.33
CA ASP A 22 -7.73 -1.87 12.66
C ASP A 22 -6.29 -1.38 12.61
N ASP A 23 -5.65 -1.56 11.46
CA ASP A 23 -4.26 -1.14 11.28
C ASP A 23 -4.20 0.20 10.54
N THR A 24 -3.11 0.40 9.81
CA THR A 24 -2.92 1.64 9.06
C THR A 24 -2.47 1.35 7.63
N VAL A 25 -2.48 2.38 6.79
CA VAL A 25 -2.07 2.23 5.39
C VAL A 25 -0.59 1.90 5.29
N LEU A 26 0.21 2.56 6.11
CA LEU A 26 1.66 2.33 6.11
C LEU A 26 1.98 0.89 6.49
N ASP A 27 1.11 0.28 7.30
CA ASP A 27 1.30 -1.10 7.74
C ASP A 27 1.09 -2.07 6.59
N LEU A 28 0.16 -1.74 5.70
CA LEU A 28 -0.14 -2.58 4.54
C LEU A 28 0.88 -2.36 3.43
N LYS A 29 1.14 -1.10 3.11
CA LYS A 29 2.08 -0.75 2.07
C LYS A 29 3.49 -1.25 2.41
N GLN A 30 3.98 -0.84 3.58
CA GLN A 30 5.31 -1.25 4.02
C GLN A 30 5.41 -2.77 4.11
N PHE A 31 4.26 -3.42 4.25
CA PHE A 31 4.21 -4.87 4.35
C PHE A 31 4.41 -5.53 2.98
N LEU A 32 3.57 -5.13 2.03
CA LEU A 32 3.64 -5.68 0.68
C LEU A 32 4.92 -5.23 -0.02
N LYS A 33 5.25 -3.95 0.13
CA LYS A 33 6.45 -3.39 -0.48
C LYS A 33 7.69 -4.19 -0.08
N THR A 34 7.62 -4.82 1.09
CA THR A 34 8.74 -5.63 1.58
C THR A 34 8.76 -7.00 0.92
N LEU A 35 7.61 -7.44 0.44
CA LEU A 35 7.50 -8.74 -0.22
C LEU A 35 8.07 -8.69 -1.63
N THR A 36 7.50 -7.83 -2.46
CA THR A 36 7.94 -7.67 -3.84
C THR A 36 8.06 -6.20 -4.23
N GLY A 37 7.25 -5.36 -3.59
CA GLY A 37 7.27 -3.94 -3.88
C GLY A 37 8.59 -3.30 -3.52
N VAL A 38 8.69 -1.98 -3.71
CA VAL A 38 9.91 -1.26 -3.41
C VAL A 38 9.71 -0.31 -2.24
N LEU A 39 10.71 -0.24 -1.36
CA LEU A 39 10.64 0.62 -0.19
C LEU A 39 10.34 2.07 -0.59
N PRO A 40 9.67 2.81 0.31
CA PRO A 40 9.31 4.21 0.07
C PRO A 40 10.52 5.12 0.07
N GLU A 41 11.61 4.68 0.70
CA GLU A 41 12.83 5.47 0.77
C GLU A 41 13.29 5.87 -0.63
N ARG A 42 13.15 4.96 -1.59
CA ARG A 42 13.55 5.23 -2.96
C ARG A 42 12.34 5.50 -3.85
N GLN A 43 11.28 4.73 -3.63
CA GLN A 43 10.05 4.89 -4.40
C GLN A 43 9.02 5.73 -3.64
N LYS A 44 8.09 6.31 -4.37
CA LYS A 44 7.05 7.15 -3.77
C LYS A 44 5.66 6.71 -4.23
N LEU A 45 4.70 6.73 -3.30
CA LEU A 45 3.33 6.33 -3.61
C LEU A 45 2.69 7.31 -4.59
N LEU A 46 2.01 6.76 -5.59
CA LEU A 46 1.34 7.59 -6.60
C LEU A 46 0.06 8.20 -6.04
N GLY A 47 -0.98 7.38 -5.92
CA GLY A 47 -2.25 7.85 -5.40
C GLY A 47 -2.41 7.57 -3.92
N LEU A 48 -1.51 8.12 -3.11
CA LEU A 48 -1.55 7.92 -1.67
C LEU A 48 -2.90 8.36 -1.10
N LYS A 49 -3.57 9.24 -1.81
CA LYS A 49 -4.88 9.73 -1.38
C LYS A 49 -6.00 9.10 -2.20
N VAL A 50 -7.13 8.82 -1.54
CA VAL A 50 -8.27 8.21 -2.22
C VAL A 50 -9.58 8.76 -1.65
N LYS A 51 -10.56 8.92 -2.53
CA LYS A 51 -11.88 9.43 -2.13
C LYS A 51 -11.74 10.75 -1.39
N GLY A 52 -10.75 11.55 -1.80
CA GLY A 52 -10.53 12.84 -1.16
C GLY A 52 -9.68 12.73 0.09
N LYS A 53 -9.54 11.52 0.60
CA LYS A 53 -8.75 11.28 1.81
C LYS A 53 -7.26 11.21 1.49
N PRO A 54 -6.42 11.62 2.45
CA PRO A 54 -4.97 11.61 2.29
C PRO A 54 -4.40 10.19 2.26
N ALA A 55 -5.00 9.31 3.05
CA ALA A 55 -4.55 7.92 3.12
C ALA A 55 -3.02 7.83 3.06
N GLU A 56 -2.36 8.76 3.73
CA GLU A 56 -0.90 8.79 3.75
C GLU A 56 -0.34 7.57 4.49
N ASN A 57 -0.42 7.61 5.81
CA ASN A 57 0.07 6.51 6.64
C ASN A 57 -0.66 6.46 7.97
N ASP A 58 -0.93 7.64 8.54
CA ASP A 58 -1.63 7.73 9.81
C ASP A 58 -3.10 7.37 9.66
N VAL A 59 -3.52 7.14 8.42
CA VAL A 59 -4.91 6.78 8.13
C VAL A 59 -5.11 5.28 8.18
N LYS A 60 -6.31 4.87 8.60
CA LYS A 60 -6.64 3.45 8.70
C LYS A 60 -7.24 2.94 7.40
N LEU A 61 -6.98 1.68 7.08
CA LEU A 61 -7.51 1.08 5.86
C LEU A 61 -9.02 1.27 5.76
N GLY A 62 -9.70 1.17 6.89
CA GLY A 62 -11.14 1.35 6.92
C GLY A 62 -11.55 2.80 6.79
N ALA A 63 -10.62 3.71 7.06
CA ALA A 63 -10.89 5.13 6.97
C ALA A 63 -10.72 5.64 5.55
N LEU A 64 -10.08 4.83 4.70
CA LEU A 64 -9.85 5.20 3.32
C LEU A 64 -11.03 4.80 2.44
N LYS A 65 -11.86 3.88 2.96
CA LYS A 65 -13.03 3.41 2.23
C LYS A 65 -12.66 3.01 0.81
N LEU A 66 -11.57 2.27 0.68
CA LEU A 66 -11.11 1.82 -0.63
C LEU A 66 -11.55 0.37 -0.89
N LYS A 67 -11.70 0.03 -2.17
CA LYS A 67 -12.11 -1.32 -2.56
C LYS A 67 -11.01 -2.33 -2.23
N PRO A 68 -11.40 -3.61 -2.15
CA PRO A 68 -10.46 -4.70 -1.84
C PRO A 68 -9.50 -4.97 -3.00
N ASN A 69 -10.00 -4.85 -4.22
CA ASN A 69 -9.18 -5.08 -5.40
C ASN A 69 -8.29 -3.88 -5.69
N THR A 70 -8.62 -2.75 -5.07
CA THR A 70 -7.85 -1.52 -5.27
C THR A 70 -6.37 -1.83 -5.50
N LYS A 71 -5.84 -1.35 -6.62
CA LYS A 71 -4.45 -1.58 -6.97
C LYS A 71 -3.57 -0.42 -6.49
N ILE A 72 -2.35 -0.73 -6.11
CA ILE A 72 -1.42 0.29 -5.63
C ILE A 72 -0.21 0.41 -6.56
N MET A 73 0.12 1.64 -6.93
CA MET A 73 1.25 1.90 -7.81
C MET A 73 2.44 2.43 -7.04
N MET A 74 3.64 2.00 -7.42
CA MET A 74 4.86 2.45 -6.75
C MET A 74 5.93 2.83 -7.77
N MET A 75 6.35 4.09 -7.74
CA MET A 75 7.36 4.58 -8.67
C MET A 75 8.69 4.78 -7.95
N GLY A 76 9.74 4.17 -8.48
CA GLY A 76 11.06 4.30 -7.88
C GLY A 76 11.99 3.16 -8.26
N THR A 77 12.97 2.89 -7.41
CA THR A 77 13.94 1.81 -7.66
C THR A 77 14.16 0.97 -6.42
N ARG A 78 14.48 -0.30 -6.62
CA ARG A 78 14.72 -1.21 -5.51
C ARG A 78 15.99 -0.82 -4.75
N GLU A 79 16.04 -1.17 -3.48
CA GLU A 79 17.20 -0.85 -2.63
C GLU A 79 18.45 -1.55 -3.16
N GLU A 80 19.57 -1.33 -2.48
CA GLU A 80 20.84 -1.93 -2.88
C GLU A 80 21.68 -2.28 -1.65
N SER A 81 21.31 -3.38 -0.99
CA SER A 81 22.03 -3.82 0.21
C SER A 81 21.53 -5.19 0.65
N MET A 1 -14.13 -6.65 9.54
CA MET A 1 -13.17 -7.58 8.95
C MET A 1 -11.99 -6.83 8.35
N ALA A 2 -11.02 -7.58 7.83
CA ALA A 2 -9.83 -6.98 7.22
C ALA A 2 -10.11 -6.57 5.78
N LEU A 3 -9.41 -5.54 5.31
CA LEU A 3 -9.58 -5.05 3.95
C LEU A 3 -8.33 -5.34 3.11
N PRO A 4 -8.47 -6.28 2.16
CA PRO A 4 -7.37 -6.66 1.26
C PRO A 4 -7.01 -5.55 0.28
N ILE A 5 -5.78 -5.59 -0.22
CA ILE A 5 -5.32 -4.59 -1.18
C ILE A 5 -4.27 -5.16 -2.12
N ILE A 6 -4.39 -4.85 -3.40
CA ILE A 6 -3.44 -5.35 -4.40
C ILE A 6 -2.35 -4.32 -4.66
N VAL A 7 -1.11 -4.81 -4.83
CA VAL A 7 0.03 -3.94 -5.08
C VAL A 7 0.78 -4.38 -6.33
N LYS A 8 0.92 -3.47 -7.29
CA LYS A 8 1.63 -3.77 -8.53
C LYS A 8 2.98 -3.07 -8.57
N TRP A 9 4.04 -3.84 -8.79
CA TRP A 9 5.38 -3.29 -8.86
C TRP A 9 6.07 -3.66 -10.17
N GLY A 10 6.09 -2.72 -11.10
CA GLY A 10 6.72 -2.97 -12.39
C GLY A 10 5.75 -3.58 -13.39
N GLY A 11 5.52 -4.89 -13.27
CA GLY A 11 4.62 -5.58 -14.18
C GLY A 11 3.97 -6.78 -13.55
N GLN A 12 4.01 -6.85 -12.22
CA GLN A 12 3.42 -7.97 -11.50
C GLN A 12 2.50 -7.48 -10.39
N GLU A 13 1.35 -8.14 -10.23
CA GLU A 13 0.39 -7.76 -9.21
C GLU A 13 0.45 -8.72 -8.02
N TYR A 14 0.29 -8.17 -6.82
CA TYR A 14 0.34 -8.98 -5.61
C TYR A 14 -0.78 -8.58 -4.65
N SER A 15 -1.69 -9.50 -4.39
CA SER A 15 -2.81 -9.24 -3.48
C SER A 15 -2.40 -9.42 -2.03
N VAL A 16 -2.78 -8.46 -1.20
CA VAL A 16 -2.45 -8.50 0.22
C VAL A 16 -3.58 -9.11 1.03
N THR A 17 -3.22 -9.94 2.02
CA THR A 17 -4.22 -10.58 2.87
C THR A 17 -3.66 -10.82 4.27
N THR A 18 -3.91 -9.87 5.17
CA THR A 18 -3.44 -9.96 6.54
C THR A 18 -3.71 -8.69 7.31
N LEU A 19 -3.74 -7.57 6.60
CA LEU A 19 -4.00 -6.27 7.22
C LEU A 19 -5.49 -6.01 7.35
N SER A 20 -5.87 -5.23 8.35
CA SER A 20 -7.27 -4.90 8.58
C SER A 20 -7.46 -3.39 8.78
N GLU A 21 -8.71 -2.95 8.77
CA GLU A 21 -9.02 -1.54 8.95
C GLU A 21 -8.53 -1.05 10.32
N ASP A 22 -8.37 -1.97 11.25
CA ASP A 22 -7.90 -1.63 12.59
C ASP A 22 -6.45 -1.19 12.57
N ASP A 23 -5.78 -1.39 11.43
CA ASP A 23 -4.38 -1.02 11.29
C ASP A 23 -4.26 0.30 10.54
N THR A 24 -3.15 0.47 9.83
CA THR A 24 -2.91 1.69 9.06
C THR A 24 -2.42 1.38 7.65
N VAL A 25 -2.34 2.40 6.82
CA VAL A 25 -1.89 2.23 5.43
C VAL A 25 -0.42 1.84 5.39
N LEU A 26 0.39 2.47 6.23
CA LEU A 26 1.82 2.19 6.28
C LEU A 26 2.07 0.74 6.68
N ASP A 27 1.15 0.18 7.46
CA ASP A 27 1.27 -1.20 7.90
C ASP A 27 1.06 -2.17 6.75
N LEU A 28 0.18 -1.80 5.83
CA LEU A 28 -0.12 -2.65 4.67
C LEU A 28 0.94 -2.47 3.59
N LYS A 29 1.26 -1.21 3.28
CA LYS A 29 2.26 -0.91 2.26
C LYS A 29 3.62 -1.46 2.65
N GLN A 30 4.10 -1.07 3.83
CA GLN A 30 5.40 -1.53 4.32
C GLN A 30 5.43 -3.05 4.43
N PHE A 31 4.25 -3.66 4.51
CA PHE A 31 4.14 -5.11 4.61
C PHE A 31 4.35 -5.76 3.25
N LEU A 32 3.56 -5.35 2.27
CA LEU A 32 3.65 -5.89 0.92
C LEU A 32 4.96 -5.49 0.27
N LYS A 33 5.35 -4.23 0.43
CA LYS A 33 6.59 -3.72 -0.14
C LYS A 33 7.78 -4.58 0.29
N THR A 34 7.65 -5.20 1.45
CA THR A 34 8.72 -6.04 1.98
C THR A 34 8.71 -7.42 1.32
N LEU A 35 7.55 -7.82 0.81
CA LEU A 35 7.42 -9.11 0.14
C LEU A 35 8.03 -9.08 -1.25
N THR A 36 7.51 -8.19 -2.10
CA THR A 36 8.00 -8.06 -3.46
C THR A 36 8.18 -6.59 -3.85
N GLY A 37 7.38 -5.73 -3.23
CA GLY A 37 7.47 -4.30 -3.52
C GLY A 37 8.80 -3.72 -3.13
N VAL A 38 8.94 -2.41 -3.32
CA VAL A 38 10.20 -1.72 -2.99
C VAL A 38 9.99 -0.76 -1.84
N LEU A 39 10.97 -0.70 -0.93
CA LEU A 39 10.91 0.18 0.22
C LEU A 39 10.65 1.62 -0.20
N PRO A 40 10.00 2.40 0.67
CA PRO A 40 9.70 3.80 0.40
C PRO A 40 10.95 4.68 0.40
N GLU A 41 12.01 4.20 1.05
CA GLU A 41 13.26 4.94 1.12
C GLU A 41 13.76 5.31 -0.27
N ARG A 42 13.59 4.39 -1.21
CA ARG A 42 14.02 4.61 -2.59
C ARG A 42 12.84 4.92 -3.49
N GLN A 43 11.73 4.21 -3.27
CA GLN A 43 10.53 4.41 -4.07
C GLN A 43 9.53 5.30 -3.34
N LYS A 44 8.64 5.92 -4.10
CA LYS A 44 7.63 6.81 -3.53
C LYS A 44 6.24 6.44 -4.00
N LEU A 45 5.27 6.51 -3.11
CA LEU A 45 3.88 6.18 -3.45
C LEU A 45 3.31 7.20 -4.43
N LEU A 46 2.61 6.69 -5.44
CA LEU A 46 2.00 7.56 -6.45
C LEU A 46 0.71 8.19 -5.93
N GLY A 47 -0.34 7.38 -5.86
CA GLY A 47 -1.62 7.88 -5.37
C GLY A 47 -1.81 7.61 -3.90
N LEU A 48 -0.91 8.12 -3.07
CA LEU A 48 -0.99 7.93 -1.63
C LEU A 48 -2.35 8.40 -1.09
N LYS A 49 -2.98 9.31 -1.82
CA LYS A 49 -4.27 9.85 -1.42
C LYS A 49 -5.39 9.24 -2.27
N VAL A 50 -6.54 9.00 -1.64
CA VAL A 50 -7.69 8.43 -2.33
C VAL A 50 -8.99 9.01 -1.80
N LYS A 51 -9.95 9.21 -2.70
CA LYS A 51 -11.25 9.76 -2.32
C LYS A 51 -11.09 11.07 -1.59
N GLY A 52 -10.07 11.85 -1.96
CA GLY A 52 -9.82 13.13 -1.31
C GLY A 52 -9.01 12.99 -0.04
N LYS A 53 -8.92 11.76 0.47
CA LYS A 53 -8.16 11.49 1.69
C LYS A 53 -6.68 11.37 1.39
N PRO A 54 -5.85 11.76 2.37
CA PRO A 54 -4.39 11.70 2.25
C PRO A 54 -3.86 10.27 2.23
N ALA A 55 -4.49 9.40 3.01
CA ALA A 55 -4.09 8.00 3.08
C ALA A 55 -2.58 7.86 3.06
N GLU A 56 -1.90 8.77 3.75
CA GLU A 56 -0.44 8.75 3.81
C GLU A 56 0.06 7.52 4.56
N ASN A 57 -0.09 7.55 5.88
CA ASN A 57 0.34 6.44 6.72
C ASN A 57 -0.40 6.44 8.05
N ASP A 58 -0.68 7.64 8.57
CA ASP A 58 -1.38 7.77 9.84
C ASP A 58 -2.86 7.49 9.66
N VAL A 59 -3.27 7.20 8.43
CA VAL A 59 -4.67 6.91 8.13
C VAL A 59 -4.94 5.41 8.18
N LYS A 60 -6.14 5.04 8.57
CA LYS A 60 -6.54 3.64 8.66
C LYS A 60 -7.14 3.16 7.34
N LEU A 61 -6.91 1.89 7.03
CA LEU A 61 -7.44 1.31 5.79
C LEU A 61 -8.95 1.55 5.68
N GLY A 62 -9.64 1.46 6.80
CA GLY A 62 -11.07 1.67 6.81
C GLY A 62 -11.45 3.14 6.69
N ALA A 63 -10.49 4.01 6.96
CA ALA A 63 -10.72 5.44 6.87
C ALA A 63 -10.55 5.95 5.45
N LEU A 64 -9.85 5.18 4.63
CA LEU A 64 -9.62 5.55 3.24
C LEU A 64 -10.79 5.14 2.36
N LYS A 65 -11.60 4.21 2.85
CA LYS A 65 -12.76 3.73 2.12
C LYS A 65 -12.37 3.30 0.70
N LEU A 66 -11.26 2.58 0.59
CA LEU A 66 -10.78 2.12 -0.71
C LEU A 66 -11.27 0.70 -0.98
N LYS A 67 -11.39 0.36 -2.26
CA LYS A 67 -11.84 -0.97 -2.67
C LYS A 67 -10.79 -2.03 -2.33
N PRO A 68 -11.22 -3.29 -2.26
CA PRO A 68 -10.33 -4.41 -1.94
C PRO A 68 -9.36 -4.72 -3.07
N ASN A 69 -9.82 -4.57 -4.31
CA ASN A 69 -8.99 -4.82 -5.48
C ASN A 69 -8.06 -3.65 -5.74
N THR A 70 -8.34 -2.51 -5.12
CA THR A 70 -7.53 -1.32 -5.29
C THR A 70 -6.07 -1.68 -5.49
N LYS A 71 -5.49 -1.19 -6.59
CA LYS A 71 -4.09 -1.46 -6.91
C LYS A 71 -3.19 -0.33 -6.40
N ILE A 72 -1.98 -0.69 -5.99
CA ILE A 72 -1.02 0.29 -5.49
C ILE A 72 0.19 0.39 -6.41
N MET A 73 0.54 1.62 -6.79
CA MET A 73 1.69 1.85 -7.65
C MET A 73 2.90 2.30 -6.84
N MET A 74 4.08 1.85 -7.25
CA MET A 74 5.32 2.22 -6.57
C MET A 74 6.42 2.56 -7.56
N MET A 75 6.87 3.81 -7.53
CA MET A 75 7.91 4.27 -8.44
C MET A 75 9.24 4.42 -7.70
N GLY A 76 10.30 3.86 -8.28
CA GLY A 76 11.61 3.93 -7.68
C GLY A 76 12.46 2.72 -7.98
N THR A 77 13.39 2.39 -7.08
CA THR A 77 14.27 1.25 -7.26
C THR A 77 14.34 0.40 -6.00
N ARG A 78 14.24 -0.91 -6.17
CA ARG A 78 14.29 -1.84 -5.05
C ARG A 78 15.73 -2.26 -4.75
N GLU A 79 16.00 -2.58 -3.49
CA GLU A 79 17.34 -3.00 -3.08
C GLU A 79 17.58 -4.46 -3.40
N GLU A 80 18.07 -4.72 -4.62
CA GLU A 80 18.34 -6.08 -5.06
C GLU A 80 19.57 -6.64 -4.35
N SER A 81 19.48 -7.90 -3.92
CA SER A 81 20.58 -8.56 -3.23
C SER A 81 20.99 -7.76 -1.99
N MET A 1 -14.23 -6.65 9.78
CA MET A 1 -13.46 -7.50 8.88
C MET A 1 -12.28 -6.74 8.26
N ALA A 2 -11.30 -7.48 7.78
CA ALA A 2 -10.13 -6.87 7.17
C ALA A 2 -10.40 -6.48 5.72
N LEU A 3 -9.69 -5.45 5.25
CA LEU A 3 -9.86 -4.97 3.88
C LEU A 3 -8.62 -5.26 3.05
N PRO A 4 -8.74 -6.21 2.11
CA PRO A 4 -7.63 -6.60 1.23
C PRO A 4 -7.29 -5.50 0.23
N ILE A 5 -6.05 -5.52 -0.27
CA ILE A 5 -5.60 -4.54 -1.24
C ILE A 5 -4.54 -5.12 -2.16
N ILE A 6 -4.64 -4.82 -3.45
CA ILE A 6 -3.68 -5.32 -4.43
C ILE A 6 -2.59 -4.30 -4.71
N VAL A 7 -1.36 -4.78 -4.85
CA VAL A 7 -0.22 -3.90 -5.11
C VAL A 7 0.54 -4.36 -6.34
N LYS A 8 0.68 -3.45 -7.31
CA LYS A 8 1.40 -3.77 -8.54
C LYS A 8 2.75 -3.06 -8.57
N TRP A 9 3.82 -3.85 -8.66
CA TRP A 9 5.17 -3.29 -8.70
C TRP A 9 5.89 -3.71 -9.97
N GLY A 10 5.94 -2.80 -10.95
CA GLY A 10 6.60 -3.10 -12.20
C GLY A 10 5.65 -3.60 -13.26
N GLY A 11 5.35 -4.89 -13.23
CA GLY A 11 4.44 -5.47 -14.20
C GLY A 11 3.68 -6.67 -13.64
N GLN A 12 3.59 -6.75 -12.33
CA GLN A 12 2.90 -7.85 -11.67
C GLN A 12 1.89 -7.33 -10.65
N GLU A 13 1.13 -8.24 -10.07
CA GLU A 13 0.13 -7.87 -9.07
C GLU A 13 0.20 -8.78 -7.85
N TYR A 14 0.03 -8.20 -6.67
CA TYR A 14 0.09 -8.96 -5.43
C TYR A 14 -1.04 -8.55 -4.49
N SER A 15 -1.90 -9.51 -4.14
CA SER A 15 -3.02 -9.24 -3.26
C SER A 15 -2.58 -9.34 -1.79
N VAL A 16 -2.98 -8.34 -1.01
CA VAL A 16 -2.64 -8.31 0.40
C VAL A 16 -3.76 -8.89 1.26
N THR A 17 -3.41 -9.87 2.09
CA THR A 17 -4.39 -10.52 2.96
C THR A 17 -3.83 -10.71 4.36
N THR A 18 -4.10 -9.75 5.24
CA THR A 18 -3.62 -9.81 6.62
C THR A 18 -3.92 -8.52 7.37
N LEU A 19 -3.97 -7.42 6.63
CA LEU A 19 -4.26 -6.12 7.22
C LEU A 19 -5.77 -5.87 7.33
N SER A 20 -6.16 -5.09 8.32
CA SER A 20 -7.57 -4.78 8.54
C SER A 20 -7.78 -3.28 8.70
N GLU A 21 -9.04 -2.86 8.69
CA GLU A 21 -9.38 -1.46 8.85
C GLU A 21 -8.92 -0.92 10.20
N ASP A 22 -8.73 -1.84 11.15
CA ASP A 22 -8.30 -1.47 12.50
C ASP A 22 -6.85 -1.01 12.48
N ASP A 23 -6.17 -1.23 11.36
CA ASP A 23 -4.78 -0.84 11.21
C ASP A 23 -4.65 0.49 10.47
N THR A 24 -3.55 0.67 9.77
CA THR A 24 -3.30 1.89 9.01
C THR A 24 -2.79 1.58 7.60
N VAL A 25 -2.77 2.60 6.75
CA VAL A 25 -2.30 2.44 5.37
C VAL A 25 -0.82 2.07 5.34
N LEU A 26 -0.03 2.74 6.17
CA LEU A 26 1.41 2.47 6.24
C LEU A 26 1.68 1.03 6.66
N ASP A 27 0.75 0.45 7.41
CA ASP A 27 0.89 -0.92 7.88
C ASP A 27 0.72 -1.91 6.72
N LEU A 28 -0.17 -1.56 5.80
CA LEU A 28 -0.44 -2.41 4.64
C LEU A 28 0.62 -2.22 3.56
N LYS A 29 0.92 -0.97 3.25
CA LYS A 29 1.92 -0.64 2.25
C LYS A 29 3.30 -1.17 2.65
N GLN A 30 3.76 -0.75 3.82
CA GLN A 30 5.06 -1.18 4.33
C GLN A 30 5.12 -2.70 4.45
N PHE A 31 3.96 -3.33 4.54
CA PHE A 31 3.88 -4.78 4.65
C PHE A 31 4.12 -5.45 3.30
N LEU A 32 3.32 -5.06 2.31
CA LEU A 32 3.44 -5.61 0.97
C LEU A 32 4.76 -5.19 0.31
N LYS A 33 5.11 -3.91 0.47
CA LYS A 33 6.33 -3.38 -0.09
C LYS A 33 7.54 -4.19 0.36
N THR A 34 7.42 -4.82 1.54
CA THR A 34 8.51 -5.62 2.08
C THR A 34 8.54 -7.01 1.43
N LEU A 35 7.40 -7.44 0.91
CA LEU A 35 7.30 -8.75 0.26
C LEU A 35 7.92 -8.71 -1.14
N THR A 36 7.38 -7.86 -1.99
CA THR A 36 7.88 -7.72 -3.36
C THR A 36 8.02 -6.27 -3.76
N GLY A 37 7.19 -5.42 -3.15
CA GLY A 37 7.23 -3.99 -3.46
C GLY A 37 8.56 -3.35 -3.09
N VAL A 38 8.66 -2.05 -3.30
CA VAL A 38 9.89 -1.32 -2.99
C VAL A 38 9.66 -0.34 -1.85
N LEU A 39 10.62 -0.26 -0.94
CA LEU A 39 10.53 0.65 0.19
C LEU A 39 10.26 2.08 -0.26
N PRO A 40 9.58 2.85 0.59
CA PRO A 40 9.24 4.25 0.30
C PRO A 40 10.47 5.16 0.31
N GLU A 41 11.52 4.71 0.98
CA GLU A 41 12.76 5.48 1.06
C GLU A 41 13.26 5.85 -0.33
N ARG A 42 13.14 4.91 -1.26
CA ARG A 42 13.58 5.13 -2.64
C ARG A 42 12.40 5.39 -3.56
N GLN A 43 11.32 4.65 -3.35
CA GLN A 43 10.12 4.80 -4.16
C GLN A 43 9.09 5.68 -3.46
N LYS A 44 8.17 6.26 -4.24
CA LYS A 44 7.14 7.12 -3.69
C LYS A 44 5.76 6.69 -4.18
N LEU A 45 4.77 6.77 -3.29
CA LEU A 45 3.40 6.39 -3.62
C LEU A 45 2.81 7.34 -4.65
N LEU A 46 2.14 6.78 -5.64
CA LEU A 46 1.51 7.58 -6.69
C LEU A 46 0.22 8.23 -6.19
N GLY A 47 -0.84 7.43 -6.09
CA GLY A 47 -2.11 7.94 -5.61
C GLY A 47 -2.31 7.72 -4.12
N LEU A 48 -1.38 8.22 -3.32
CA LEU A 48 -1.46 8.08 -1.87
C LEU A 48 -2.83 8.49 -1.35
N LYS A 49 -3.44 9.47 -2.03
CA LYS A 49 -4.76 9.96 -1.63
C LYS A 49 -5.85 9.27 -2.44
N VAL A 50 -7.00 9.06 -1.81
CA VAL A 50 -8.13 8.41 -2.47
C VAL A 50 -9.46 9.04 -2.04
N LYS A 51 -10.34 9.24 -3.00
CA LYS A 51 -11.65 9.83 -2.72
C LYS A 51 -11.50 11.17 -2.01
N GLY A 52 -10.42 11.89 -2.31
CA GLY A 52 -10.18 13.17 -1.69
C GLY A 52 -9.40 13.06 -0.39
N LYS A 53 -9.34 11.84 0.15
CA LYS A 53 -8.63 11.60 1.39
C LYS A 53 -7.12 11.48 1.14
N PRO A 54 -6.33 11.87 2.15
CA PRO A 54 -4.87 11.82 2.06
C PRO A 54 -4.33 10.39 2.07
N ALA A 55 -4.99 9.53 2.84
CA ALA A 55 -4.59 8.12 2.94
C ALA A 55 -3.06 8.00 2.96
N GLU A 56 -2.41 8.94 3.63
CA GLU A 56 -0.96 8.92 3.73
C GLU A 56 -0.48 7.71 4.53
N ASN A 57 -0.60 7.79 5.85
CA ASN A 57 -0.19 6.70 6.72
C ASN A 57 -0.98 6.70 8.02
N ASP A 58 -1.24 7.90 8.54
CA ASP A 58 -2.00 8.05 9.78
C ASP A 58 -3.46 7.72 9.57
N VAL A 59 -3.83 7.41 8.32
CA VAL A 59 -5.20 7.07 7.98
C VAL A 59 -5.43 5.57 8.04
N LYS A 60 -6.64 5.17 8.41
CA LYS A 60 -6.99 3.76 8.50
C LYS A 60 -7.56 3.25 7.19
N LEU A 61 -7.32 1.98 6.88
CA LEU A 61 -7.82 1.37 5.66
C LEU A 61 -9.32 1.59 5.51
N GLY A 62 -10.03 1.50 6.63
CA GLY A 62 -11.47 1.69 6.61
C GLY A 62 -11.87 3.14 6.47
N ALA A 63 -10.92 4.04 6.76
CA ALA A 63 -11.18 5.47 6.65
C ALA A 63 -11.00 5.97 5.23
N LEU A 64 -10.27 5.20 4.42
CA LEU A 64 -10.03 5.56 3.03
C LEU A 64 -11.19 5.12 2.14
N LYS A 65 -11.99 4.18 2.63
CA LYS A 65 -13.13 3.68 1.89
C LYS A 65 -12.72 3.23 0.49
N LEU A 66 -11.60 2.53 0.40
CA LEU A 66 -11.09 2.04 -0.87
C LEU A 66 -11.57 0.63 -1.14
N LYS A 67 -11.69 0.27 -2.42
CA LYS A 67 -12.12 -1.06 -2.81
C LYS A 67 -11.06 -2.10 -2.46
N PRO A 68 -11.49 -3.37 -2.37
CA PRO A 68 -10.59 -4.49 -2.04
C PRO A 68 -9.62 -4.80 -3.17
N ASN A 69 -10.08 -4.67 -4.40
CA ASN A 69 -9.24 -4.94 -5.57
C ASN A 69 -8.32 -3.76 -5.85
N THR A 70 -8.64 -2.62 -5.25
CA THR A 70 -7.83 -1.41 -5.44
C THR A 70 -6.36 -1.75 -5.63
N LYS A 71 -5.77 -1.24 -6.71
CA LYS A 71 -4.37 -1.48 -7.01
C LYS A 71 -3.50 -0.33 -6.53
N ILE A 72 -2.29 -0.66 -6.08
CA ILE A 72 -1.37 0.35 -5.60
C ILE A 72 -0.12 0.44 -6.48
N MET A 73 0.19 1.65 -6.92
CA MET A 73 1.36 1.87 -7.77
C MET A 73 2.54 2.39 -6.97
N MET A 74 3.74 1.92 -7.30
CA MET A 74 4.95 2.34 -6.60
C MET A 74 6.06 2.69 -7.60
N MET A 75 6.48 3.95 -7.58
CA MET A 75 7.53 4.42 -8.47
C MET A 75 8.84 4.60 -7.73
N GLY A 76 9.88 3.92 -8.18
CA GLY A 76 11.18 4.02 -7.54
C GLY A 76 12.09 2.86 -7.89
N THR A 77 13.07 2.61 -7.03
CA THR A 77 14.02 1.52 -7.25
C THR A 77 14.23 0.71 -5.97
N ARG A 78 14.50 -0.59 -6.14
CA ARG A 78 14.73 -1.46 -5.00
C ARG A 78 16.00 -1.08 -4.24
N GLU A 79 16.04 -1.40 -2.96
CA GLU A 79 17.20 -1.08 -2.13
C GLU A 79 18.39 -1.93 -2.52
N GLU A 80 19.48 -1.82 -1.76
CA GLU A 80 20.69 -2.57 -2.03
C GLU A 80 20.42 -4.08 -1.95
N SER A 81 19.48 -4.46 -1.09
CA SER A 81 19.13 -5.87 -0.93
C SER A 81 20.35 -6.69 -0.51
N MET A 1 -13.43 -7.07 10.06
CA MET A 1 -12.63 -7.96 9.22
C MET A 1 -11.48 -7.19 8.56
N ALA A 2 -10.47 -7.92 8.10
CA ALA A 2 -9.31 -7.31 7.46
C ALA A 2 -9.62 -6.93 6.02
N LEU A 3 -9.02 -5.84 5.56
CA LEU A 3 -9.24 -5.36 4.19
C LEU A 3 -8.01 -5.62 3.33
N PRO A 4 -8.15 -6.56 2.37
CA PRO A 4 -7.06 -6.93 1.46
C PRO A 4 -6.76 -5.83 0.46
N ILE A 5 -5.53 -5.83 -0.06
CA ILE A 5 -5.11 -4.83 -1.03
C ILE A 5 -4.05 -5.39 -1.98
N ILE A 6 -4.20 -5.09 -3.26
CA ILE A 6 -3.26 -5.56 -4.27
C ILE A 6 -2.18 -4.50 -4.56
N VAL A 7 -0.94 -4.97 -4.74
CA VAL A 7 0.16 -4.06 -5.02
C VAL A 7 0.92 -4.51 -6.27
N LYS A 8 1.02 -3.59 -7.24
CA LYS A 8 1.71 -3.88 -8.49
C LYS A 8 3.03 -3.11 -8.56
N TRP A 9 4.13 -3.84 -8.72
CA TRP A 9 5.44 -3.23 -8.81
C TRP A 9 6.15 -3.63 -10.10
N GLY A 10 6.16 -2.71 -11.07
CA GLY A 10 6.80 -2.99 -12.35
C GLY A 10 5.85 -3.64 -13.35
N GLY A 11 5.64 -4.94 -13.19
CA GLY A 11 4.76 -5.66 -14.10
C GLY A 11 4.14 -6.89 -13.46
N GLN A 12 4.18 -6.94 -12.12
CA GLN A 12 3.62 -8.06 -11.39
C GLN A 12 2.69 -7.59 -10.28
N GLU A 13 1.57 -8.28 -10.11
CA GLU A 13 0.60 -7.93 -9.09
C GLU A 13 0.70 -8.86 -7.89
N TYR A 14 0.54 -8.31 -6.69
CA TYR A 14 0.61 -9.10 -5.46
C TYR A 14 -0.51 -8.72 -4.50
N SER A 15 -1.38 -9.68 -4.22
CA SER A 15 -2.50 -9.46 -3.32
C SER A 15 -2.08 -9.60 -1.86
N VAL A 16 -2.46 -8.63 -1.04
CA VAL A 16 -2.12 -8.65 0.37
C VAL A 16 -3.21 -9.30 1.20
N THR A 17 -2.81 -10.09 2.19
CA THR A 17 -3.76 -10.78 3.06
C THR A 17 -3.17 -11.00 4.45
N THR A 18 -3.41 -10.05 5.35
CA THR A 18 -2.91 -10.14 6.72
C THR A 18 -3.18 -8.87 7.49
N LEU A 19 -3.26 -7.75 6.77
CA LEU A 19 -3.52 -6.45 7.39
C LEU A 19 -5.01 -6.21 7.53
N SER A 20 -5.39 -5.44 8.55
CA SER A 20 -6.80 -5.13 8.79
C SER A 20 -6.98 -3.63 9.02
N GLU A 21 -8.23 -3.19 8.97
CA GLU A 21 -8.56 -1.78 9.17
C GLU A 21 -8.06 -1.30 10.54
N ASP A 22 -7.83 -2.25 11.44
CA ASP A 22 -7.36 -1.93 12.79
C ASP A 22 -5.93 -1.37 12.73
N ASP A 23 -5.28 -1.52 11.59
CA ASP A 23 -3.92 -1.04 11.41
C ASP A 23 -3.90 0.27 10.63
N THR A 24 -2.87 0.46 9.81
CA THR A 24 -2.73 1.67 9.01
C THR A 24 -2.25 1.34 7.61
N VAL A 25 -2.34 2.31 6.71
CA VAL A 25 -1.91 2.13 5.33
C VAL A 25 -0.41 1.83 5.26
N LEU A 26 0.37 2.58 6.01
CA LEU A 26 1.81 2.39 6.04
C LEU A 26 2.18 0.98 6.51
N ASP A 27 1.30 0.40 7.32
CA ASP A 27 1.53 -0.95 7.84
C ASP A 27 1.35 -1.99 6.73
N LEU A 28 0.42 -1.72 5.83
CA LEU A 28 0.15 -2.64 4.72
C LEU A 28 1.18 -2.47 3.60
N LYS A 29 1.43 -1.22 3.22
CA LYS A 29 2.39 -0.92 2.17
C LYS A 29 3.79 -1.38 2.57
N GLN A 30 4.27 -0.91 3.71
CA GLN A 30 5.59 -1.29 4.20
C GLN A 30 5.71 -2.80 4.35
N PHE A 31 4.57 -3.47 4.48
CA PHE A 31 4.56 -4.92 4.62
C PHE A 31 4.77 -5.61 3.28
N LEU A 32 3.93 -5.26 2.31
CA LEU A 32 4.01 -5.84 0.97
C LEU A 32 5.29 -5.40 0.28
N LYS A 33 5.61 -4.12 0.40
CA LYS A 33 6.81 -3.56 -0.22
C LYS A 33 8.06 -4.35 0.20
N THR A 34 8.00 -4.94 1.39
CA THR A 34 9.12 -5.72 1.91
C THR A 34 9.16 -7.11 1.28
N LEU A 35 8.00 -7.57 0.81
CA LEU A 35 7.90 -8.88 0.19
C LEU A 35 8.48 -8.87 -1.22
N THR A 36 7.91 -8.03 -2.08
CA THR A 36 8.36 -7.90 -3.46
C THR A 36 8.48 -6.44 -3.88
N GLY A 37 7.68 -5.59 -3.26
CA GLY A 37 7.70 -4.18 -3.58
C GLY A 37 9.02 -3.53 -3.22
N VAL A 38 9.11 -2.22 -3.42
CA VAL A 38 10.33 -1.48 -3.11
C VAL A 38 10.10 -0.51 -1.95
N LEU A 39 11.09 -0.42 -1.07
CA LEU A 39 11.00 0.47 0.09
C LEU A 39 10.71 1.90 -0.35
N PRO A 40 10.02 2.66 0.52
CA PRO A 40 9.66 4.04 0.24
C PRO A 40 10.87 4.97 0.26
N GLU A 41 11.93 4.54 0.92
CA GLU A 41 13.15 5.33 1.01
C GLU A 41 13.65 5.71 -0.37
N ARG A 42 13.54 4.78 -1.32
CA ARG A 42 13.97 5.02 -2.69
C ARG A 42 12.79 5.27 -3.61
N GLN A 43 11.71 4.51 -3.41
CA GLN A 43 10.51 4.65 -4.21
C GLN A 43 9.48 5.53 -3.51
N LYS A 44 8.57 6.10 -4.29
CA LYS A 44 7.52 6.96 -3.74
C LYS A 44 6.14 6.51 -4.21
N LEU A 45 5.16 6.61 -3.33
CA LEU A 45 3.80 6.21 -3.65
C LEU A 45 3.19 7.15 -4.70
N LEU A 46 2.52 6.57 -5.68
CA LEU A 46 1.89 7.36 -6.74
C LEU A 46 0.60 7.99 -6.25
N GLY A 47 -0.40 7.15 -5.98
CA GLY A 47 -1.69 7.65 -5.51
C GLY A 47 -1.84 7.50 -4.01
N LEU A 48 -0.96 8.14 -3.25
CA LEU A 48 -1.01 8.07 -1.80
C LEU A 48 -2.35 8.58 -1.28
N LYS A 49 -3.07 9.32 -2.12
CA LYS A 49 -4.37 9.87 -1.74
C LYS A 49 -5.49 9.23 -2.54
N VAL A 50 -6.63 9.02 -1.91
CA VAL A 50 -7.78 8.42 -2.57
C VAL A 50 -9.09 9.05 -2.10
N LYS A 51 -10.06 9.15 -3.00
CA LYS A 51 -11.36 9.73 -2.67
C LYS A 51 -11.19 11.12 -2.06
N GLY A 52 -10.17 11.83 -2.51
CA GLY A 52 -9.92 13.17 -2.01
C GLY A 52 -9.17 13.17 -0.69
N LYS A 53 -9.05 12.00 -0.08
CA LYS A 53 -8.36 11.86 1.19
C LYS A 53 -6.86 11.78 0.99
N PRO A 54 -6.10 12.24 1.99
CA PRO A 54 -4.63 12.22 1.95
C PRO A 54 -4.06 10.81 2.03
N ALA A 55 -4.75 9.94 2.75
CA ALA A 55 -4.31 8.55 2.90
C ALA A 55 -2.79 8.47 2.98
N GLU A 56 -2.18 9.37 3.74
CA GLU A 56 -0.73 9.39 3.89
C GLU A 56 -0.22 8.08 4.48
N ASN A 57 -0.40 7.91 5.78
CA ASN A 57 0.04 6.70 6.46
C ASN A 57 -0.71 6.52 7.78
N ASP A 58 -0.97 7.63 8.46
CA ASP A 58 -1.68 7.59 9.75
C ASP A 58 -3.13 7.15 9.54
N VAL A 59 -3.55 7.04 8.29
CA VAL A 59 -4.90 6.63 7.96
C VAL A 59 -5.06 5.12 8.05
N LYS A 60 -6.24 4.66 8.48
CA LYS A 60 -6.51 3.25 8.61
C LYS A 60 -7.10 2.69 7.32
N LEU A 61 -6.85 1.41 7.07
CA LEU A 61 -7.37 0.75 5.86
C LEU A 61 -8.88 0.97 5.73
N GLY A 62 -9.59 0.80 6.83
CA GLY A 62 -11.04 0.99 6.80
C GLY A 62 -11.43 2.45 6.82
N ALA A 63 -10.46 3.32 7.07
CA ALA A 63 -10.71 4.76 7.10
C ALA A 63 -10.72 5.35 5.70
N LEU A 64 -9.86 4.81 4.84
CA LEU A 64 -9.76 5.29 3.46
C LEU A 64 -10.96 4.85 2.64
N LYS A 65 -11.60 3.76 3.07
CA LYS A 65 -12.77 3.23 2.39
C LYS A 65 -12.42 2.79 0.97
N LEU A 66 -11.23 2.22 0.80
CA LEU A 66 -10.77 1.76 -0.50
C LEU A 66 -11.22 0.33 -0.75
N LYS A 67 -11.35 -0.03 -2.03
CA LYS A 67 -11.78 -1.37 -2.41
C LYS A 67 -10.68 -2.39 -2.08
N PRO A 68 -11.07 -3.67 -2.00
CA PRO A 68 -10.13 -4.77 -1.69
C PRO A 68 -9.16 -5.03 -2.84
N ASN A 69 -9.66 -4.88 -4.07
CA ASN A 69 -8.83 -5.11 -5.24
C ASN A 69 -7.92 -3.92 -5.52
N THR A 70 -8.24 -2.78 -4.89
CA THR A 70 -7.46 -1.57 -5.06
C THR A 70 -5.98 -1.90 -5.30
N LYS A 71 -5.46 -1.47 -6.45
CA LYS A 71 -4.07 -1.72 -6.79
C LYS A 71 -3.18 -0.56 -6.33
N ILE A 72 -1.96 -0.88 -5.94
CA ILE A 72 -1.01 0.14 -5.49
C ILE A 72 0.20 0.21 -6.40
N MET A 73 0.55 1.42 -6.83
CA MET A 73 1.69 1.62 -7.70
C MET A 73 2.88 2.19 -6.93
N MET A 74 4.08 1.73 -7.27
CA MET A 74 5.29 2.19 -6.61
C MET A 74 6.38 2.53 -7.62
N MET A 75 6.88 3.75 -7.57
CA MET A 75 7.92 4.20 -8.49
C MET A 75 9.23 4.42 -7.75
N GLY A 76 10.28 3.74 -8.21
CA GLY A 76 11.59 3.88 -7.58
C GLY A 76 12.55 2.77 -7.99
N THR A 77 13.51 2.48 -7.12
CA THR A 77 14.50 1.44 -7.39
C THR A 77 14.70 0.54 -6.18
N ARG A 78 14.91 -0.75 -6.42
CA ARG A 78 15.12 -1.71 -5.35
C ARG A 78 16.39 -1.39 -4.57
N GLU A 79 16.47 -1.89 -3.34
CA GLU A 79 17.64 -1.66 -2.50
C GLU A 79 18.75 -2.67 -2.81
N GLU A 80 19.99 -2.20 -2.79
CA GLU A 80 21.12 -3.07 -3.07
C GLU A 80 21.27 -4.13 -2.00
N SER A 81 20.89 -3.78 -0.77
CA SER A 81 20.98 -4.70 0.36
C SER A 81 19.81 -5.69 0.35
N MET A 1 -13.53 -7.33 10.04
CA MET A 1 -12.70 -8.14 9.16
C MET A 1 -11.54 -7.33 8.60
N ALA A 2 -10.63 -7.99 7.90
CA ALA A 2 -9.49 -7.32 7.29
C ALA A 2 -9.76 -6.93 5.85
N LEU A 3 -9.11 -5.86 5.39
CA LEU A 3 -9.28 -5.39 4.02
C LEU A 3 -8.03 -5.62 3.20
N PRO A 4 -8.10 -6.57 2.26
CA PRO A 4 -6.97 -6.91 1.38
C PRO A 4 -6.67 -5.80 0.38
N ILE A 5 -5.43 -5.77 -0.11
CA ILE A 5 -5.01 -4.77 -1.08
C ILE A 5 -3.92 -5.31 -1.99
N ILE A 6 -4.04 -5.01 -3.29
CA ILE A 6 -3.06 -5.46 -4.26
C ILE A 6 -2.01 -4.39 -4.53
N VAL A 7 -0.75 -4.82 -4.67
CA VAL A 7 0.34 -3.90 -4.93
C VAL A 7 1.14 -4.33 -6.15
N LYS A 8 1.24 -3.42 -7.13
CA LYS A 8 1.98 -3.70 -8.35
C LYS A 8 3.28 -2.92 -8.39
N TRP A 9 4.40 -3.63 -8.47
CA TRP A 9 5.71 -3.00 -8.52
C TRP A 9 6.47 -3.41 -9.79
N GLY A 10 6.47 -2.53 -10.78
CA GLY A 10 7.16 -2.83 -12.02
C GLY A 10 6.24 -3.35 -13.09
N GLY A 11 5.98 -4.66 -13.05
CA GLY A 11 5.09 -5.27 -14.03
C GLY A 11 4.38 -6.49 -13.48
N GLN A 12 4.31 -6.59 -12.16
CA GLN A 12 3.64 -7.71 -11.51
C GLN A 12 2.62 -7.23 -10.49
N GLU A 13 1.88 -8.17 -9.90
CA GLU A 13 0.87 -7.83 -8.90
C GLU A 13 1.00 -8.75 -7.68
N TYR A 14 0.81 -8.17 -6.50
CA TYR A 14 0.90 -8.93 -5.26
C TYR A 14 -0.23 -8.57 -4.31
N SER A 15 -1.06 -9.56 -3.98
CA SER A 15 -2.19 -9.34 -3.08
C SER A 15 -1.75 -9.39 -1.63
N VAL A 16 -2.25 -8.45 -0.83
CA VAL A 16 -1.90 -8.39 0.58
C VAL A 16 -3.00 -9.01 1.44
N THR A 17 -2.60 -9.98 2.28
CA THR A 17 -3.55 -10.66 3.15
C THR A 17 -2.99 -10.80 4.56
N THR A 18 -3.31 -9.85 5.43
CA THR A 18 -2.83 -9.88 6.80
C THR A 18 -3.21 -8.60 7.54
N LEU A 19 -3.32 -7.50 6.79
CA LEU A 19 -3.68 -6.21 7.37
C LEU A 19 -5.19 -6.07 7.49
N SER A 20 -5.63 -5.32 8.50
CA SER A 20 -7.05 -5.11 8.72
C SER A 20 -7.36 -3.62 8.92
N GLU A 21 -8.64 -3.28 8.89
CA GLU A 21 -9.07 -1.90 9.07
C GLU A 21 -8.60 -1.35 10.41
N ASP A 22 -8.33 -2.25 11.35
CA ASP A 22 -7.87 -1.87 12.69
C ASP A 22 -6.47 -1.28 12.63
N ASP A 23 -5.82 -1.43 11.48
CA ASP A 23 -4.47 -0.90 11.29
C ASP A 23 -4.49 0.41 10.50
N THR A 24 -3.43 0.66 9.75
CA THR A 24 -3.33 1.87 8.95
C THR A 24 -2.77 1.57 7.57
N VAL A 25 -2.87 2.55 6.66
CA VAL A 25 -2.38 2.38 5.30
C VAL A 25 -0.86 2.17 5.29
N LEU A 26 -0.16 2.93 6.11
CA LEU A 26 1.30 2.83 6.18
C LEU A 26 1.72 1.45 6.66
N ASP A 27 0.85 0.81 7.46
CA ASP A 27 1.14 -0.52 7.97
C ASP A 27 1.04 -1.57 6.87
N LEU A 28 0.13 -1.34 5.91
CA LEU A 28 -0.06 -2.25 4.80
C LEU A 28 1.01 -2.05 3.73
N LYS A 29 1.22 -0.80 3.34
CA LYS A 29 2.20 -0.46 2.32
C LYS A 29 3.60 -0.86 2.78
N GLN A 30 4.01 -0.34 3.94
CA GLN A 30 5.32 -0.64 4.50
C GLN A 30 5.51 -2.15 4.67
N PHE A 31 4.39 -2.87 4.78
CA PHE A 31 4.44 -4.32 4.96
C PHE A 31 4.74 -5.02 3.65
N LEU A 32 3.92 -4.73 2.63
CA LEU A 32 4.11 -5.34 1.31
C LEU A 32 5.39 -4.85 0.66
N LYS A 33 5.65 -3.56 0.78
CA LYS A 33 6.85 -2.96 0.20
C LYS A 33 8.10 -3.68 0.68
N THR A 34 8.03 -4.27 1.87
CA THR A 34 9.15 -5.00 2.44
C THR A 34 9.27 -6.38 1.84
N LEU A 35 8.16 -6.91 1.33
CA LEU A 35 8.13 -8.23 0.72
C LEU A 35 8.77 -8.20 -0.67
N THR A 36 8.20 -7.39 -1.55
CA THR A 36 8.70 -7.27 -2.91
C THR A 36 8.76 -5.82 -3.35
N GLY A 37 7.89 -5.00 -2.77
CA GLY A 37 7.87 -3.58 -3.12
C GLY A 37 9.14 -2.87 -2.72
N VAL A 38 9.17 -1.56 -2.91
CA VAL A 38 10.34 -0.76 -2.58
C VAL A 38 10.05 0.19 -1.41
N LEU A 39 11.03 0.35 -0.53
CA LEU A 39 10.88 1.21 0.63
C LEU A 39 10.53 2.64 0.21
N PRO A 40 9.78 3.34 1.07
CA PRO A 40 9.35 4.72 0.81
C PRO A 40 10.52 5.70 0.86
N GLU A 41 11.59 5.31 1.54
CA GLU A 41 12.77 6.15 1.66
C GLU A 41 13.29 6.58 0.29
N ARG A 42 13.24 5.65 -0.67
CA ARG A 42 13.71 5.92 -2.02
C ARG A 42 12.53 6.11 -2.97
N GLN A 43 11.51 5.27 -2.81
CA GLN A 43 10.32 5.34 -3.66
C GLN A 43 9.22 6.16 -2.98
N LYS A 44 8.30 6.67 -3.78
CA LYS A 44 7.19 7.46 -3.26
C LYS A 44 5.85 6.96 -3.81
N LEU A 45 4.83 6.98 -2.96
CA LEU A 45 3.50 6.52 -3.37
C LEU A 45 2.90 7.47 -4.41
N LEU A 46 2.28 6.89 -5.43
CA LEU A 46 1.66 7.68 -6.50
C LEU A 46 0.24 8.06 -6.13
N GLY A 47 -0.57 7.05 -5.82
CA GLY A 47 -1.95 7.30 -5.45
C GLY A 47 -2.17 7.27 -3.95
N LEU A 48 -1.37 8.04 -3.22
CA LEU A 48 -1.48 8.09 -1.76
C LEU A 48 -2.85 8.60 -1.34
N LYS A 49 -3.56 9.23 -2.28
CA LYS A 49 -4.89 9.76 -1.99
C LYS A 49 -5.94 9.06 -2.84
N VAL A 50 -7.12 8.85 -2.24
CA VAL A 50 -8.22 8.19 -2.94
C VAL A 50 -9.56 8.79 -2.55
N LYS A 51 -10.48 8.84 -3.50
CA LYS A 51 -11.81 9.39 -3.26
C LYS A 51 -11.72 10.81 -2.71
N GLY A 52 -10.67 11.53 -3.12
CA GLY A 52 -10.49 12.90 -2.66
C GLY A 52 -9.81 12.97 -1.31
N LYS A 53 -9.69 11.82 -0.65
CA LYS A 53 -9.06 11.75 0.66
C LYS A 53 -7.54 11.71 0.52
N PRO A 54 -6.83 12.23 1.54
CA PRO A 54 -5.37 12.26 1.56
C PRO A 54 -4.76 10.88 1.73
N ALA A 55 -5.46 10.02 2.45
CA ALA A 55 -4.99 8.65 2.69
C ALA A 55 -3.47 8.62 2.84
N GLU A 56 -2.93 9.56 3.61
CA GLU A 56 -1.49 9.63 3.83
C GLU A 56 -0.98 8.35 4.46
N ASN A 57 -1.17 8.23 5.77
CA ASN A 57 -0.72 7.05 6.50
C ASN A 57 -1.52 6.85 7.77
N ASP A 58 -1.84 7.96 8.44
CA ASP A 58 -2.60 7.91 9.68
C ASP A 58 -4.01 7.39 9.43
N VAL A 59 -4.37 7.25 8.16
CA VAL A 59 -5.68 6.77 7.77
C VAL A 59 -5.75 5.25 7.88
N LYS A 60 -6.93 4.74 8.26
CA LYS A 60 -7.13 3.30 8.39
C LYS A 60 -7.65 2.70 7.09
N LEU A 61 -7.35 1.42 6.86
CA LEU A 61 -7.78 0.73 5.66
C LEU A 61 -9.27 0.93 5.43
N GLY A 62 -10.06 0.74 6.49
CA GLY A 62 -11.50 0.90 6.38
C GLY A 62 -11.92 2.36 6.38
N ALA A 63 -10.98 3.25 6.73
CA ALA A 63 -11.26 4.67 6.76
C ALA A 63 -11.23 5.29 5.36
N LEU A 64 -10.39 4.71 4.50
CA LEU A 64 -10.27 5.20 3.12
C LEU A 64 -11.43 4.71 2.27
N LYS A 65 -12.04 3.61 2.68
CA LYS A 65 -13.16 3.03 1.96
C LYS A 65 -12.74 2.59 0.56
N LEU A 66 -11.52 2.08 0.45
CA LEU A 66 -10.99 1.61 -0.82
C LEU A 66 -11.36 0.14 -1.06
N LYS A 67 -11.45 -0.23 -2.33
CA LYS A 67 -11.79 -1.61 -2.70
C LYS A 67 -10.66 -2.56 -2.33
N PRO A 68 -10.99 -3.85 -2.23
CA PRO A 68 -10.02 -4.90 -1.89
C PRO A 68 -9.01 -5.14 -3.01
N ASN A 69 -9.47 -5.02 -4.24
CA ASN A 69 -8.61 -5.22 -5.40
C ASN A 69 -7.74 -3.99 -5.66
N THR A 70 -8.11 -2.87 -5.05
CA THR A 70 -7.36 -1.63 -5.21
C THR A 70 -5.88 -1.91 -5.39
N LYS A 71 -5.33 -1.47 -6.52
CA LYS A 71 -3.92 -1.66 -6.81
C LYS A 71 -3.09 -0.47 -6.33
N ILE A 72 -1.87 -0.75 -5.90
CA ILE A 72 -0.98 0.30 -5.41
C ILE A 72 0.24 0.44 -6.31
N MET A 73 0.52 1.67 -6.73
CA MET A 73 1.67 1.95 -7.60
C MET A 73 2.84 2.49 -6.78
N MET A 74 4.05 2.09 -7.16
CA MET A 74 5.25 2.53 -6.47
C MET A 74 6.33 2.96 -7.47
N MET A 75 6.92 4.13 -7.22
CA MET A 75 7.97 4.64 -8.11
C MET A 75 9.24 4.93 -7.31
N GLY A 76 10.34 4.33 -7.73
CA GLY A 76 11.61 4.53 -7.05
C GLY A 76 12.55 3.36 -7.23
N THR A 77 13.49 3.21 -6.29
CA THR A 77 14.46 2.13 -6.34
C THR A 77 14.56 1.42 -4.99
N ARG A 78 14.59 0.10 -5.03
CA ARG A 78 14.68 -0.70 -3.81
C ARG A 78 16.14 -1.04 -3.50
N GLU A 79 16.46 -1.14 -2.21
CA GLU A 79 17.82 -1.45 -1.78
C GLU A 79 18.31 -2.74 -2.44
N GLU A 80 19.61 -2.99 -2.33
CA GLU A 80 20.21 -4.19 -2.92
C GLU A 80 20.25 -5.33 -1.91
N SER A 81 19.40 -6.32 -2.11
CA SER A 81 19.33 -7.47 -1.22
C SER A 81 20.48 -8.45 -1.50
N MET A 1 -13.62 -7.08 9.97
CA MET A 1 -12.73 -7.94 9.19
C MET A 1 -11.58 -7.14 8.60
N ALA A 2 -10.62 -7.84 8.01
CA ALA A 2 -9.46 -7.19 7.41
C ALA A 2 -9.71 -6.89 5.94
N LEU A 3 -9.06 -5.85 5.43
CA LEU A 3 -9.21 -5.45 4.03
C LEU A 3 -7.92 -5.68 3.26
N PRO A 4 -7.94 -6.68 2.37
CA PRO A 4 -6.77 -7.03 1.54
C PRO A 4 -6.47 -5.96 0.50
N ILE A 5 -5.22 -5.92 0.05
CA ILE A 5 -4.80 -4.94 -0.95
C ILE A 5 -3.66 -5.49 -1.81
N ILE A 6 -3.74 -5.26 -3.12
CA ILE A 6 -2.71 -5.72 -4.04
C ILE A 6 -1.69 -4.63 -4.31
N VAL A 7 -0.42 -5.02 -4.40
CA VAL A 7 0.66 -4.08 -4.66
C VAL A 7 1.51 -4.53 -5.84
N LYS A 8 1.62 -3.67 -6.84
CA LYS A 8 2.40 -3.98 -8.04
C LYS A 8 3.68 -3.15 -8.08
N TRP A 9 4.83 -3.84 -8.10
CA TRP A 9 6.12 -3.17 -8.14
C TRP A 9 6.93 -3.62 -9.34
N GLY A 10 7.03 -2.77 -10.35
CA GLY A 10 7.78 -3.10 -11.55
C GLY A 10 6.90 -3.69 -12.64
N GLY A 11 6.61 -4.98 -12.54
CA GLY A 11 5.79 -5.63 -13.54
C GLY A 11 5.07 -6.84 -12.98
N GLN A 12 4.94 -6.90 -11.66
CA GLN A 12 4.27 -8.02 -11.01
C GLN A 12 3.21 -7.53 -10.03
N GLU A 13 2.47 -8.47 -9.45
CA GLU A 13 1.41 -8.11 -8.50
C GLU A 13 1.51 -8.99 -7.25
N TYR A 14 1.27 -8.38 -6.10
CA TYR A 14 1.33 -9.09 -4.83
C TYR A 14 0.15 -8.74 -3.95
N SER A 15 -0.69 -9.73 -3.66
CA SER A 15 -1.87 -9.53 -2.82
C SER A 15 -1.51 -9.59 -1.34
N VAL A 16 -1.95 -8.59 -0.60
CA VAL A 16 -1.68 -8.53 0.84
C VAL A 16 -2.79 -9.20 1.64
N THR A 17 -2.41 -9.90 2.71
CA THR A 17 -3.37 -10.59 3.56
C THR A 17 -2.85 -10.69 4.99
N THR A 18 -3.21 -9.72 5.82
CA THR A 18 -2.79 -9.70 7.21
C THR A 18 -3.21 -8.41 7.90
N LEU A 19 -3.29 -7.33 7.12
CA LEU A 19 -3.68 -6.04 7.66
C LEU A 19 -5.19 -5.89 7.68
N SER A 20 -5.69 -5.08 8.62
CA SER A 20 -7.13 -4.85 8.75
C SER A 20 -7.44 -3.36 8.85
N GLU A 21 -8.71 -3.02 8.76
CA GLU A 21 -9.15 -1.63 8.84
C GLU A 21 -8.77 -1.02 10.18
N ASP A 22 -8.58 -1.87 11.19
CA ASP A 22 -8.22 -1.42 12.52
C ASP A 22 -6.81 -0.84 12.54
N ASP A 23 -6.07 -1.07 11.46
CA ASP A 23 -4.70 -0.56 11.35
C ASP A 23 -4.66 0.72 10.51
N THR A 24 -3.54 0.93 9.84
CA THR A 24 -3.36 2.12 9.01
C THR A 24 -2.80 1.75 7.64
N VAL A 25 -2.77 2.72 6.74
CA VAL A 25 -2.25 2.50 5.39
C VAL A 25 -0.75 2.23 5.41
N LEU A 26 -0.04 2.99 6.24
CA LEU A 26 1.41 2.84 6.36
C LEU A 26 1.77 1.43 6.86
N ASP A 27 0.88 0.85 7.64
CA ASP A 27 1.10 -0.49 8.19
C ASP A 27 1.02 -1.54 7.09
N LEU A 28 0.13 -1.31 6.12
CA LEU A 28 -0.05 -2.24 5.02
C LEU A 28 1.04 -2.04 3.95
N LYS A 29 1.26 -0.78 3.58
CA LYS A 29 2.26 -0.45 2.57
C LYS A 29 3.65 -0.85 3.05
N GLN A 30 4.05 -0.34 4.21
CA GLN A 30 5.36 -0.65 4.76
C GLN A 30 5.53 -2.15 4.96
N PHE A 31 4.41 -2.86 5.06
CA PHE A 31 4.43 -4.31 5.26
C PHE A 31 4.75 -5.03 3.95
N LEU A 32 3.96 -4.75 2.92
CA LEU A 32 4.15 -5.37 1.61
C LEU A 32 5.45 -4.89 0.98
N LYS A 33 5.71 -3.59 1.07
CA LYS A 33 6.92 -3.00 0.50
C LYS A 33 8.16 -3.71 1.04
N THR A 34 8.05 -4.27 2.24
CA THR A 34 9.17 -4.97 2.86
C THR A 34 9.32 -6.37 2.29
N LEU A 35 8.22 -6.91 1.76
CA LEU A 35 8.24 -8.25 1.18
C LEU A 35 8.89 -8.25 -0.19
N THR A 36 8.35 -7.47 -1.11
CA THR A 36 8.89 -7.38 -2.46
C THR A 36 8.96 -5.93 -2.93
N GLY A 37 8.07 -5.10 -2.40
CA GLY A 37 8.04 -3.69 -2.76
C GLY A 37 9.31 -2.96 -2.36
N VAL A 38 9.35 -1.66 -2.60
CA VAL A 38 10.51 -0.84 -2.25
C VAL A 38 10.18 0.14 -1.13
N LEU A 39 11.10 0.29 -0.19
CA LEU A 39 10.90 1.20 0.93
C LEU A 39 10.56 2.60 0.45
N PRO A 40 9.78 3.33 1.26
CA PRO A 40 9.36 4.70 0.93
C PRO A 40 10.52 5.68 0.99
N GLU A 41 11.56 5.32 1.74
CA GLU A 41 12.74 6.18 1.87
C GLU A 41 13.29 6.57 0.50
N ARG A 42 13.26 5.62 -0.43
CA ARG A 42 13.77 5.87 -1.78
C ARG A 42 12.62 6.02 -2.76
N GLN A 43 11.59 5.21 -2.59
CA GLN A 43 10.42 5.26 -3.48
C GLN A 43 9.32 6.12 -2.86
N LYS A 44 8.41 6.59 -3.71
CA LYS A 44 7.30 7.42 -3.25
C LYS A 44 5.97 6.89 -3.79
N LEU A 45 4.95 6.91 -2.94
CA LEU A 45 3.62 6.43 -3.33
C LEU A 45 3.02 7.32 -4.41
N LEU A 46 2.44 6.69 -5.43
CA LEU A 46 1.82 7.43 -6.53
C LEU A 46 0.45 7.98 -6.11
N GLY A 47 -0.53 7.10 -6.06
CA GLY A 47 -1.87 7.51 -5.67
C GLY A 47 -2.15 7.30 -4.21
N LEU A 48 -1.34 7.94 -3.35
CA LEU A 48 -1.50 7.82 -1.91
C LEU A 48 -2.91 8.20 -1.48
N LYS A 49 -3.57 9.02 -2.30
CA LYS A 49 -4.93 9.46 -2.00
C LYS A 49 -5.94 8.71 -2.86
N VAL A 50 -7.10 8.41 -2.28
CA VAL A 50 -8.15 7.69 -3.00
C VAL A 50 -9.53 8.19 -2.58
N LYS A 51 -10.44 8.24 -3.54
CA LYS A 51 -11.81 8.70 -3.27
C LYS A 51 -11.81 10.07 -2.60
N GLY A 52 -10.83 10.90 -2.97
CA GLY A 52 -10.74 12.23 -2.40
C GLY A 52 -9.99 12.24 -1.08
N LYS A 53 -9.82 11.06 -0.49
CA LYS A 53 -9.12 10.94 0.78
C LYS A 53 -7.61 10.94 0.57
N PRO A 54 -6.87 11.45 1.56
CA PRO A 54 -5.41 11.51 1.52
C PRO A 54 -4.77 10.14 1.62
N ALA A 55 -5.36 9.27 2.42
CA ALA A 55 -4.85 7.91 2.60
C ALA A 55 -3.32 7.91 2.64
N GLU A 56 -2.74 8.91 3.30
CA GLU A 56 -1.29 9.02 3.40
C GLU A 56 -0.72 7.88 4.25
N ASN A 57 -0.91 7.97 5.56
CA ASN A 57 -0.41 6.95 6.47
C ASN A 57 -1.21 6.94 7.77
N ASP A 58 -1.60 8.13 8.22
CA ASP A 58 -2.37 8.25 9.46
C ASP A 58 -3.82 7.84 9.24
N VAL A 59 -4.15 7.49 7.99
CA VAL A 59 -5.50 7.06 7.65
C VAL A 59 -5.65 5.55 7.79
N LYS A 60 -6.85 5.11 8.17
CA LYS A 60 -7.12 3.69 8.33
C LYS A 60 -7.61 3.08 7.02
N LEU A 61 -7.26 1.82 6.79
CA LEU A 61 -7.68 1.12 5.58
C LEU A 61 -9.19 1.22 5.37
N GLY A 62 -9.93 1.16 6.48
CA GLY A 62 -11.38 1.25 6.40
C GLY A 62 -11.86 2.66 6.16
N ALA A 63 -10.99 3.64 6.43
CA ALA A 63 -11.34 5.04 6.23
C ALA A 63 -11.10 5.47 4.79
N LEU A 64 -10.36 4.66 4.05
CA LEU A 64 -10.06 4.96 2.65
C LEU A 64 -11.16 4.42 1.74
N LYS A 65 -11.95 3.49 2.25
CA LYS A 65 -13.05 2.90 1.49
C LYS A 65 -12.56 2.43 0.12
N LEU A 66 -11.41 1.76 0.10
CA LEU A 66 -10.84 1.26 -1.14
C LEU A 66 -11.18 -0.22 -1.34
N LYS A 67 -11.22 -0.63 -2.60
CA LYS A 67 -11.53 -2.02 -2.93
C LYS A 67 -10.41 -2.95 -2.48
N PRO A 68 -10.73 -4.25 -2.34
CA PRO A 68 -9.76 -5.26 -1.92
C PRO A 68 -8.71 -5.55 -3.00
N ASN A 69 -9.13 -5.51 -4.25
CA ASN A 69 -8.24 -5.76 -5.37
C ASN A 69 -7.39 -4.53 -5.67
N THR A 70 -7.81 -3.39 -5.13
CA THR A 70 -7.08 -2.14 -5.35
C THR A 70 -5.59 -2.38 -5.47
N LYS A 71 -5.00 -1.89 -6.56
CA LYS A 71 -3.58 -2.06 -6.80
C LYS A 71 -2.80 -0.82 -6.34
N ILE A 72 -1.59 -1.04 -5.84
CA ILE A 72 -0.75 0.05 -5.37
C ILE A 72 0.52 0.17 -6.21
N MET A 73 0.82 1.39 -6.64
CA MET A 73 2.00 1.65 -7.44
C MET A 73 3.12 2.25 -6.60
N MET A 74 4.35 1.84 -6.87
CA MET A 74 5.51 2.34 -6.13
C MET A 74 6.63 2.72 -7.08
N MET A 75 7.03 3.99 -7.04
CA MET A 75 8.10 4.50 -7.90
C MET A 75 9.35 4.81 -7.09
N GLY A 76 10.46 4.19 -7.47
CA GLY A 76 11.71 4.42 -6.76
C GLY A 76 12.74 3.35 -7.05
N THR A 77 13.68 3.17 -6.13
CA THR A 77 14.74 2.18 -6.30
C THR A 77 14.92 1.36 -5.02
N ARG A 78 15.22 0.08 -5.18
CA ARG A 78 15.43 -0.81 -4.05
C ARG A 78 16.64 -0.38 -3.23
N GLU A 79 16.67 -0.76 -1.95
CA GLU A 79 17.77 -0.41 -1.08
C GLU A 79 18.95 -1.36 -1.26
N GLU A 80 20.16 -0.81 -1.21
CA GLU A 80 21.36 -1.61 -1.37
C GLU A 80 21.35 -2.33 -2.73
N SER A 81 21.89 -1.65 -3.73
CA SER A 81 21.94 -2.21 -5.08
C SER A 81 20.54 -2.47 -5.62
N MET A 1 -14.60 -6.63 9.42
CA MET A 1 -13.62 -7.52 8.82
C MET A 1 -12.42 -6.74 8.30
N ALA A 2 -11.42 -7.46 7.78
CA ALA A 2 -10.22 -6.84 7.25
C ALA A 2 -10.36 -6.53 5.76
N LEU A 3 -9.68 -5.49 5.31
CA LEU A 3 -9.73 -5.10 3.90
C LEU A 3 -8.40 -5.39 3.20
N PRO A 4 -8.40 -6.40 2.32
CA PRO A 4 -7.20 -6.79 1.58
C PRO A 4 -6.81 -5.75 0.53
N ILE A 5 -5.53 -5.76 0.15
CA ILE A 5 -5.03 -4.82 -0.85
C ILE A 5 -3.86 -5.42 -1.62
N ILE A 6 -3.86 -5.21 -2.93
CA ILE A 6 -2.80 -5.73 -3.79
C ILE A 6 -1.72 -4.67 -4.02
N VAL A 7 -0.47 -5.10 -4.03
CA VAL A 7 0.65 -4.21 -4.25
C VAL A 7 1.56 -4.71 -5.37
N LYS A 8 1.75 -3.87 -6.38
CA LYS A 8 2.59 -4.23 -7.51
C LYS A 8 3.91 -3.46 -7.48
N TRP A 9 5.01 -4.19 -7.39
CA TRP A 9 6.34 -3.58 -7.35
C TRP A 9 7.20 -4.07 -8.51
N GLY A 10 7.33 -3.25 -9.54
CA GLY A 10 8.13 -3.62 -10.69
C GLY A 10 7.30 -4.19 -11.81
N GLY A 11 7.00 -5.49 -11.72
CA GLY A 11 6.21 -6.14 -12.75
C GLY A 11 5.42 -7.32 -12.21
N GLN A 12 5.22 -7.35 -10.90
CA GLN A 12 4.48 -8.43 -10.26
C GLN A 12 3.38 -7.88 -9.36
N GLU A 13 2.59 -8.78 -8.79
CA GLU A 13 1.49 -8.38 -7.91
C GLU A 13 1.49 -9.22 -6.63
N TYR A 14 1.20 -8.57 -5.51
CA TYR A 14 1.18 -9.26 -4.22
C TYR A 14 -0.04 -8.82 -3.40
N SER A 15 -0.91 -9.79 -3.10
CA SER A 15 -2.11 -9.50 -2.33
C SER A 15 -1.81 -9.49 -0.83
N VAL A 16 -2.31 -8.48 -0.13
CA VAL A 16 -2.09 -8.35 1.31
C VAL A 16 -3.27 -8.93 2.08
N THR A 17 -2.96 -9.84 3.02
CA THR A 17 -4.00 -10.47 3.83
C THR A 17 -3.56 -10.53 5.30
N THR A 18 -3.94 -9.51 6.06
CA THR A 18 -3.59 -9.45 7.47
C THR A 18 -4.03 -8.12 8.09
N LEU A 19 -4.04 -7.07 7.26
CA LEU A 19 -4.44 -5.75 7.73
C LEU A 19 -5.95 -5.58 7.72
N SER A 20 -6.46 -4.78 8.63
CA SER A 20 -7.90 -4.54 8.73
C SER A 20 -8.20 -3.05 8.81
N GLU A 21 -9.48 -2.70 8.65
CA GLU A 21 -9.90 -1.30 8.71
C GLU A 21 -9.54 -0.68 10.05
N ASP A 22 -9.36 -1.52 11.06
CA ASP A 22 -9.02 -1.05 12.40
C ASP A 22 -7.60 -0.48 12.42
N ASP A 23 -6.86 -0.70 11.34
CA ASP A 23 -5.49 -0.21 11.24
C ASP A 23 -5.43 1.06 10.40
N THR A 24 -4.30 1.27 9.73
CA THR A 24 -4.11 2.44 8.89
C THR A 24 -3.44 2.07 7.57
N VAL A 25 -3.45 3.01 6.63
CA VAL A 25 -2.84 2.79 5.32
C VAL A 25 -1.34 2.52 5.45
N LEU A 26 -0.68 3.34 6.26
CA LEU A 26 0.77 3.20 6.47
C LEU A 26 1.10 1.84 7.06
N ASP A 27 0.16 1.28 7.81
CA ASP A 27 0.35 -0.03 8.42
C ASP A 27 0.34 -1.13 7.38
N LEU A 28 -0.46 -0.95 6.34
CA LEU A 28 -0.57 -1.93 5.27
C LEU A 28 0.58 -1.79 4.28
N LYS A 29 0.83 -0.57 3.84
CA LYS A 29 1.91 -0.30 2.90
C LYS A 29 3.26 -0.67 3.49
N GLN A 30 3.57 -0.09 4.65
CA GLN A 30 4.84 -0.37 5.32
C GLN A 30 4.98 -1.85 5.63
N PHE A 31 3.85 -2.55 5.68
CA PHE A 31 3.85 -3.98 5.96
C PHE A 31 4.25 -4.78 4.73
N LEU A 32 3.53 -4.56 3.63
CA LEU A 32 3.82 -5.25 2.38
C LEU A 32 5.17 -4.83 1.81
N LYS A 33 5.44 -3.53 1.86
CA LYS A 33 6.69 -2.99 1.35
C LYS A 33 7.89 -3.69 1.99
N THR A 34 7.69 -4.19 3.21
CA THR A 34 8.75 -4.88 3.93
C THR A 34 8.90 -6.31 3.45
N LEU A 35 7.83 -6.86 2.87
CA LEU A 35 7.85 -8.23 2.37
C LEU A 35 8.60 -8.31 1.05
N THR A 36 8.11 -7.57 0.05
CA THR A 36 8.73 -7.56 -1.27
C THR A 36 8.85 -6.14 -1.82
N GLY A 37 7.94 -5.27 -1.37
CA GLY A 37 7.95 -3.89 -1.82
C GLY A 37 9.21 -3.15 -1.40
N VAL A 38 9.29 -1.87 -1.74
CA VAL A 38 10.45 -1.06 -1.38
C VAL A 38 10.07 0.02 -0.37
N LEU A 39 10.94 0.22 0.61
CA LEU A 39 10.71 1.21 1.65
C LEU A 39 10.45 2.59 1.04
N PRO A 40 9.67 3.41 1.76
CA PRO A 40 9.33 4.76 1.30
C PRO A 40 10.53 5.71 1.34
N GLU A 41 11.52 5.36 2.15
CA GLU A 41 12.72 6.18 2.27
C GLU A 41 13.36 6.43 0.92
N ARG A 42 13.34 5.41 0.06
CA ARG A 42 13.91 5.52 -1.28
C ARG A 42 12.82 5.67 -2.33
N GLN A 43 11.74 4.91 -2.16
CA GLN A 43 10.62 4.95 -3.09
C GLN A 43 9.51 5.85 -2.57
N LYS A 44 8.66 6.32 -3.48
CA LYS A 44 7.55 7.20 -3.12
C LYS A 44 6.23 6.65 -3.67
N LEU A 45 5.18 6.78 -2.87
CA LEU A 45 3.86 6.30 -3.28
C LEU A 45 3.31 7.14 -4.43
N LEU A 46 2.75 6.47 -5.42
CA LEU A 46 2.18 7.15 -6.59
C LEU A 46 0.79 7.68 -6.28
N GLY A 47 -0.15 6.77 -6.02
CA GLY A 47 -1.51 7.16 -5.71
C GLY A 47 -1.77 7.25 -4.22
N LEU A 48 -0.98 8.06 -3.54
CA LEU A 48 -1.12 8.23 -2.08
C LEU A 48 -2.51 8.75 -1.74
N LYS A 49 -3.23 9.22 -2.75
CA LYS A 49 -4.57 9.75 -2.55
C LYS A 49 -5.58 8.99 -3.41
N VAL A 50 -6.80 8.84 -2.89
CA VAL A 50 -7.85 8.14 -3.61
C VAL A 50 -9.22 8.78 -3.35
N LYS A 51 -10.06 8.79 -4.37
CA LYS A 51 -11.40 9.37 -4.26
C LYS A 51 -11.32 10.82 -3.77
N GLY A 52 -10.23 11.51 -4.12
CA GLY A 52 -10.06 12.88 -3.70
C GLY A 52 -9.49 13.00 -2.30
N LYS A 53 -9.43 11.88 -1.59
CA LYS A 53 -8.90 11.86 -0.23
C LYS A 53 -7.37 11.82 -0.25
N PRO A 54 -6.76 12.39 0.80
CA PRO A 54 -5.31 12.44 0.94
C PRO A 54 -4.70 11.07 1.22
N ALA A 55 -5.48 10.22 1.89
CA ALA A 55 -5.02 8.88 2.24
C ALA A 55 -3.53 8.86 2.53
N GLU A 56 -3.07 9.85 3.29
CA GLU A 56 -1.66 9.95 3.65
C GLU A 56 -1.19 8.69 4.39
N ASN A 57 -1.54 8.62 5.67
CA ASN A 57 -1.16 7.47 6.49
C ASN A 57 -2.08 7.33 7.70
N ASP A 58 -2.45 8.46 8.28
CA ASP A 58 -3.35 8.46 9.43
C ASP A 58 -4.73 7.95 9.06
N VAL A 59 -4.96 7.75 7.76
CA VAL A 59 -6.24 7.27 7.28
C VAL A 59 -6.36 5.76 7.46
N LYS A 60 -7.57 5.29 7.72
CA LYS A 60 -7.83 3.87 7.92
C LYS A 60 -8.24 3.21 6.61
N LEU A 61 -7.94 1.92 6.48
CA LEU A 61 -8.28 1.17 5.29
C LEU A 61 -9.75 1.35 4.93
N GLY A 62 -10.62 1.24 5.93
CA GLY A 62 -12.04 1.40 5.71
C GLY A 62 -12.44 2.85 5.54
N ALA A 63 -11.52 3.77 5.85
CA ALA A 63 -11.79 5.19 5.72
C ALA A 63 -11.58 5.67 4.29
N LEU A 64 -10.63 5.04 3.60
CA LEU A 64 -10.33 5.40 2.22
C LEU A 64 -11.43 4.91 1.28
N LYS A 65 -12.13 3.86 1.70
CA LYS A 65 -13.21 3.29 0.90
C LYS A 65 -12.68 2.75 -0.42
N LEU A 66 -11.49 2.15 -0.37
CA LEU A 66 -10.87 1.59 -1.57
C LEU A 66 -11.24 0.11 -1.73
N LYS A 67 -11.23 -0.35 -2.98
CA LYS A 67 -11.57 -1.75 -3.27
C LYS A 67 -10.49 -2.69 -2.74
N PRO A 68 -10.86 -3.97 -2.58
CA PRO A 68 -9.93 -5.00 -2.08
C PRO A 68 -8.84 -5.33 -3.09
N ASN A 69 -9.18 -5.29 -4.37
CA ASN A 69 -8.23 -5.59 -5.43
C ASN A 69 -7.33 -4.40 -5.70
N THR A 70 -7.74 -3.23 -5.21
CA THR A 70 -6.97 -2.00 -5.41
C THR A 70 -5.47 -2.30 -5.43
N LYS A 71 -4.82 -1.87 -6.51
CA LYS A 71 -3.38 -2.08 -6.66
C LYS A 71 -2.60 -0.87 -6.19
N ILE A 72 -1.41 -1.11 -5.64
CA ILE A 72 -0.57 -0.02 -5.15
C ILE A 72 0.74 0.04 -5.93
N MET A 73 1.06 1.23 -6.45
CA MET A 73 2.29 1.41 -7.21
C MET A 73 3.38 2.04 -6.34
N MET A 74 4.62 1.60 -6.54
CA MET A 74 5.75 2.12 -5.77
C MET A 74 6.94 2.38 -6.68
N MET A 75 7.35 3.65 -6.75
CA MET A 75 8.48 4.03 -7.59
C MET A 75 9.70 4.35 -6.73
N GLY A 76 10.81 3.69 -7.03
CA GLY A 76 12.03 3.92 -6.28
C GLY A 76 13.03 2.78 -6.42
N THR A 77 13.90 2.64 -5.43
CA THR A 77 14.91 1.58 -5.46
C THR A 77 15.00 0.86 -4.11
N ARG A 78 15.31 -0.42 -4.14
CA ARG A 78 15.42 -1.22 -2.93
C ARG A 78 16.57 -0.72 -2.06
N GLU A 79 16.51 -1.01 -0.77
CA GLU A 79 17.54 -0.58 0.18
C GLU A 79 18.92 -1.00 -0.33
N GLU A 80 19.96 -0.43 0.28
CA GLU A 80 21.33 -0.73 -0.10
C GLU A 80 22.12 -1.31 1.07
N SER A 81 23.07 -2.18 0.77
CA SER A 81 23.89 -2.81 1.81
C SER A 81 25.25 -3.19 1.26
N MET A 1 -13.93 -6.89 9.76
CA MET A 1 -12.96 -7.80 9.17
C MET A 1 -11.79 -7.02 8.55
N ALA A 2 -10.85 -7.73 7.96
CA ALA A 2 -9.69 -7.11 7.34
C ALA A 2 -10.01 -6.70 5.90
N LEU A 3 -9.32 -5.65 5.43
CA LEU A 3 -9.53 -5.16 4.07
C LEU A 3 -8.30 -5.43 3.21
N PRO A 4 -8.44 -6.37 2.26
CA PRO A 4 -7.35 -6.74 1.35
C PRO A 4 -7.04 -5.63 0.34
N ILE A 5 -5.81 -5.65 -0.17
CA ILE A 5 -5.38 -4.64 -1.15
C ILE A 5 -4.33 -5.21 -2.09
N ILE A 6 -4.48 -4.92 -3.38
CA ILE A 6 -3.54 -5.39 -4.38
C ILE A 6 -2.47 -4.35 -4.67
N VAL A 7 -1.23 -4.82 -4.83
CA VAL A 7 -0.11 -3.93 -5.11
C VAL A 7 0.65 -4.38 -6.36
N LYS A 8 0.76 -3.47 -7.33
CA LYS A 8 1.47 -3.76 -8.57
C LYS A 8 2.79 -3.00 -8.65
N TRP A 9 3.88 -3.73 -8.81
CA TRP A 9 5.20 -3.11 -8.90
C TRP A 9 5.91 -3.52 -10.19
N GLY A 10 5.87 -2.63 -11.18
CA GLY A 10 6.51 -2.92 -12.45
C GLY A 10 5.58 -3.56 -13.44
N GLY A 11 5.37 -4.87 -13.30
CA GLY A 11 4.48 -5.59 -14.19
C GLY A 11 3.86 -6.81 -13.54
N GLN A 12 3.91 -6.85 -12.21
CA GLN A 12 3.34 -7.97 -11.47
C GLN A 12 2.42 -7.48 -10.36
N GLU A 13 1.29 -8.16 -10.19
CA GLU A 13 0.33 -7.79 -9.15
C GLU A 13 0.42 -8.73 -7.96
N TYR A 14 0.26 -8.17 -6.75
CA TYR A 14 0.34 -8.96 -5.53
C TYR A 14 -0.79 -8.57 -4.57
N SER A 15 -1.66 -9.54 -4.29
CA SER A 15 -2.79 -9.30 -3.38
C SER A 15 -2.34 -9.40 -1.92
N VAL A 16 -2.74 -8.43 -1.12
CA VAL A 16 -2.40 -8.42 0.30
C VAL A 16 -3.48 -9.07 1.14
N THR A 17 -3.07 -9.90 2.09
CA THR A 17 -4.01 -10.59 2.97
C THR A 17 -3.41 -10.80 4.35
N THR A 18 -3.68 -9.86 5.25
CA THR A 18 -3.17 -9.93 6.61
C THR A 18 -3.47 -8.66 7.39
N LEU A 19 -3.57 -7.55 6.67
CA LEU A 19 -3.85 -6.25 7.29
C LEU A 19 -5.35 -6.04 7.44
N SER A 20 -5.74 -5.28 8.46
CA SER A 20 -7.15 -5.00 8.71
C SER A 20 -7.38 -3.51 8.95
N GLU A 21 -8.64 -3.11 8.95
CA GLU A 21 -8.99 -1.71 9.16
C GLU A 21 -8.48 -1.22 10.51
N ASP A 22 -8.24 -2.15 11.42
CA ASP A 22 -7.75 -1.81 12.74
C ASP A 22 -6.32 -1.25 12.68
N ASP A 23 -5.70 -1.40 11.51
CA ASP A 23 -4.34 -0.91 11.31
C ASP A 23 -4.35 0.39 10.52
N THR A 24 -3.29 0.61 9.74
CA THR A 24 -3.18 1.82 8.93
C THR A 24 -2.68 1.50 7.52
N VAL A 25 -2.76 2.48 6.64
CA VAL A 25 -2.32 2.30 5.26
C VAL A 25 -0.82 2.02 5.20
N LEU A 26 -0.05 2.79 5.94
CA LEU A 26 1.40 2.62 5.98
C LEU A 26 1.78 1.22 6.45
N ASP A 27 0.91 0.62 7.25
CA ASP A 27 1.15 -0.72 7.78
C ASP A 27 0.99 -1.77 6.67
N LEU A 28 0.06 -1.51 5.75
CA LEU A 28 -0.19 -2.42 4.65
C LEU A 28 0.84 -2.25 3.54
N LYS A 29 1.08 -1.00 3.16
CA LYS A 29 2.04 -0.69 2.10
C LYS A 29 3.45 -1.13 2.51
N GLN A 30 3.90 -0.65 3.65
CA GLN A 30 5.23 -0.99 4.15
C GLN A 30 5.37 -2.50 4.31
N PHE A 31 4.24 -3.19 4.45
CA PHE A 31 4.25 -4.64 4.61
C PHE A 31 4.48 -5.33 3.27
N LEU A 32 3.65 -5.01 2.28
CA LEU A 32 3.77 -5.60 0.96
C LEU A 32 5.04 -5.13 0.26
N LYS A 33 5.34 -3.85 0.38
CA LYS A 33 6.52 -3.27 -0.23
C LYS A 33 7.78 -4.02 0.21
N THR A 34 7.72 -4.61 1.40
CA THR A 34 8.85 -5.36 1.94
C THR A 34 8.93 -6.75 1.32
N LEU A 35 7.80 -7.25 0.83
CA LEU A 35 7.73 -8.57 0.22
C LEU A 35 8.32 -8.54 -1.19
N THR A 36 7.74 -7.72 -2.05
CA THR A 36 8.22 -7.59 -3.42
C THR A 36 8.32 -6.13 -3.85
N GLY A 37 7.48 -5.29 -3.24
CA GLY A 37 7.48 -3.87 -3.57
C GLY A 37 8.79 -3.20 -3.19
N VAL A 38 8.86 -1.89 -3.39
CA VAL A 38 10.06 -1.12 -3.08
C VAL A 38 9.80 -0.15 -1.92
N LEU A 39 10.76 -0.07 -1.01
CA LEU A 39 10.64 0.82 0.14
C LEU A 39 10.32 2.25 -0.31
N PRO A 40 9.60 2.99 0.55
CA PRO A 40 9.21 4.37 0.26
C PRO A 40 10.40 5.33 0.31
N GLU A 41 11.46 4.91 0.99
CA GLU A 41 12.67 5.73 1.10
C GLU A 41 13.18 6.13 -0.29
N ARG A 42 13.08 5.20 -1.24
CA ARG A 42 13.54 5.46 -2.61
C ARG A 42 12.36 5.69 -3.53
N GLN A 43 11.30 4.91 -3.34
CA GLN A 43 10.10 5.03 -4.17
C GLN A 43 9.05 5.89 -3.48
N LYS A 44 8.14 6.44 -4.28
CA LYS A 44 7.08 7.29 -3.75
C LYS A 44 5.71 6.83 -4.24
N LEU A 45 4.71 6.88 -3.37
CA LEU A 45 3.37 6.46 -3.72
C LEU A 45 2.76 7.41 -4.76
N LEU A 46 2.11 6.84 -5.77
CA LEU A 46 1.47 7.63 -6.82
C LEU A 46 0.19 8.28 -6.32
N GLY A 47 -0.83 7.45 -6.10
CA GLY A 47 -2.10 7.95 -5.61
C GLY A 47 -2.27 7.77 -4.12
N LEU A 48 -1.39 8.38 -3.34
CA LEU A 48 -1.46 8.28 -1.88
C LEU A 48 -2.80 8.76 -1.36
N LYS A 49 -3.50 9.54 -2.17
CA LYS A 49 -4.81 10.07 -1.79
C LYS A 49 -5.91 9.42 -2.62
N VAL A 50 -7.07 9.21 -1.99
CA VAL A 50 -8.20 8.60 -2.66
C VAL A 50 -9.52 9.20 -2.17
N LYS A 51 -10.48 9.31 -3.08
CA LYS A 51 -11.79 9.87 -2.75
C LYS A 51 -11.64 11.27 -2.14
N GLY A 52 -10.62 11.99 -2.58
CA GLY A 52 -10.38 13.34 -2.06
C GLY A 52 -9.65 13.33 -0.74
N LYS A 53 -9.53 12.15 -0.13
CA LYS A 53 -8.84 12.02 1.14
C LYS A 53 -7.33 11.95 0.94
N PRO A 54 -6.58 12.41 1.95
CA PRO A 54 -5.12 12.42 1.91
C PRO A 54 -4.53 11.01 1.99
N ALA A 55 -5.20 10.13 2.71
CA ALA A 55 -4.76 8.75 2.86
C ALA A 55 -3.23 8.67 2.95
N GLU A 56 -2.64 9.58 3.72
CA GLU A 56 -1.19 9.63 3.88
C GLU A 56 -0.68 8.32 4.45
N ASN A 57 -0.87 8.13 5.77
CA ASN A 57 -0.42 6.92 6.43
C ASN A 57 -1.17 6.72 7.75
N ASP A 58 -1.45 7.81 8.44
CA ASP A 58 -2.16 7.76 9.71
C ASP A 58 -3.60 7.31 9.51
N VAL A 59 -4.00 7.21 8.24
CA VAL A 59 -5.37 6.78 7.91
C VAL A 59 -5.51 5.27 7.99
N LYS A 60 -6.68 4.81 8.40
CA LYS A 60 -6.94 3.37 8.52
C LYS A 60 -7.51 2.82 7.22
N LEU A 61 -7.26 1.54 6.97
CA LEU A 61 -7.74 0.89 5.76
C LEU A 61 -9.24 1.14 5.57
N GLY A 62 -10.01 0.96 6.63
CA GLY A 62 -11.44 1.17 6.56
C GLY A 62 -11.81 2.64 6.61
N ALA A 63 -10.84 3.49 6.94
CA ALA A 63 -11.06 4.93 7.02
C ALA A 63 -11.05 5.55 5.63
N LEU A 64 -10.25 4.99 4.74
CA LEU A 64 -10.15 5.50 3.38
C LEU A 64 -11.35 5.06 2.53
N LYS A 65 -11.98 3.96 2.95
CA LYS A 65 -13.14 3.45 2.24
C LYS A 65 -12.77 3.00 0.83
N LEU A 66 -11.58 2.43 0.69
CA LEU A 66 -11.10 1.97 -0.61
C LEU A 66 -11.53 0.53 -0.86
N LYS A 67 -11.67 0.17 -2.13
CA LYS A 67 -12.08 -1.18 -2.51
C LYS A 67 -10.98 -2.19 -2.18
N PRO A 68 -11.37 -3.47 -2.09
CA PRO A 68 -10.42 -4.56 -1.79
C PRO A 68 -9.46 -4.82 -2.94
N ASN A 69 -9.95 -4.68 -4.17
CA ASN A 69 -9.13 -4.90 -5.35
C ASN A 69 -8.22 -3.71 -5.62
N THR A 70 -8.54 -2.58 -4.99
CA THR A 70 -7.75 -1.36 -5.16
C THR A 70 -6.28 -1.69 -5.39
N LYS A 71 -5.76 -1.28 -6.53
CA LYS A 71 -4.36 -1.53 -6.88
C LYS A 71 -3.48 -0.37 -6.42
N ILE A 72 -2.25 -0.68 -6.03
CA ILE A 72 -1.31 0.32 -5.58
C ILE A 72 -0.11 0.43 -6.51
N MET A 73 0.21 1.65 -6.93
CA MET A 73 1.33 1.89 -7.82
C MET A 73 2.54 2.41 -7.06
N MET A 74 3.73 1.95 -7.46
CA MET A 74 4.97 2.37 -6.80
C MET A 74 6.00 2.81 -7.84
N MET A 75 6.58 3.99 -7.62
CA MET A 75 7.58 4.53 -8.53
C MET A 75 8.89 4.80 -7.80
N GLY A 76 9.98 4.25 -8.31
CA GLY A 76 11.28 4.46 -7.69
C GLY A 76 12.25 3.34 -8.02
N THR A 77 13.18 3.08 -7.09
CA THR A 77 14.17 2.03 -7.28
C THR A 77 14.31 1.16 -6.04
N ARG A 78 14.14 -0.14 -6.22
CA ARG A 78 14.23 -1.09 -5.12
C ARG A 78 15.69 -1.46 -4.84
N GLU A 79 16.01 -1.73 -3.58
CA GLU A 79 17.36 -2.10 -3.19
C GLU A 79 17.72 -3.48 -3.72
N GLU A 80 18.87 -3.99 -3.29
CA GLU A 80 19.34 -5.30 -3.72
C GLU A 80 19.01 -6.37 -2.68
N SER A 81 19.54 -6.18 -1.47
CA SER A 81 19.31 -7.13 -0.39
C SER A 81 18.97 -6.39 0.91
N MET A 1 -14.26 -6.18 10.08
CA MET A 1 -13.65 -7.10 9.13
C MET A 1 -12.36 -6.52 8.55
N ALA A 2 -11.75 -7.25 7.64
CA ALA A 2 -10.51 -6.81 7.01
C ALA A 2 -10.76 -6.25 5.62
N LEU A 3 -9.91 -5.32 5.19
CA LEU A 3 -10.05 -4.71 3.88
C LEU A 3 -8.87 -5.06 2.98
N PRO A 4 -9.12 -5.94 1.99
CA PRO A 4 -8.09 -6.38 1.05
C PRO A 4 -7.66 -5.27 0.09
N ILE A 5 -6.45 -5.39 -0.44
CA ILE A 5 -5.92 -4.40 -1.36
C ILE A 5 -4.95 -5.03 -2.35
N ILE A 6 -5.03 -4.63 -3.61
CA ILE A 6 -4.15 -5.15 -4.65
C ILE A 6 -2.95 -4.24 -4.85
N VAL A 7 -1.78 -4.84 -5.07
CA VAL A 7 -0.56 -4.09 -5.29
C VAL A 7 0.14 -4.52 -6.57
N LYS A 8 0.38 -3.58 -7.46
CA LYS A 8 1.04 -3.87 -8.73
C LYS A 8 2.45 -3.29 -8.76
N TRP A 9 3.43 -4.17 -8.89
CA TRP A 9 4.83 -3.75 -8.93
C TRP A 9 5.49 -4.17 -10.23
N GLY A 10 5.68 -3.20 -11.13
CA GLY A 10 6.30 -3.49 -12.41
C GLY A 10 5.28 -3.74 -13.50
N GLY A 11 4.79 -4.98 -13.58
CA GLY A 11 3.81 -5.32 -14.59
C GLY A 11 2.90 -6.46 -14.14
N GLN A 12 2.81 -6.67 -12.84
CA GLN A 12 1.97 -7.73 -12.29
C GLN A 12 1.06 -7.19 -11.19
N GLU A 13 0.19 -8.05 -10.68
CA GLU A 13 -0.74 -7.65 -9.62
C GLU A 13 -0.75 -8.69 -8.50
N TYR A 14 -0.85 -8.21 -7.27
CA TYR A 14 -0.86 -9.09 -6.10
C TYR A 14 -1.90 -8.62 -5.08
N SER A 15 -2.91 -9.45 -4.84
CA SER A 15 -3.96 -9.11 -3.89
C SER A 15 -3.52 -9.41 -2.46
N VAL A 16 -3.82 -8.49 -1.56
CA VAL A 16 -3.46 -8.65 -0.15
C VAL A 16 -4.59 -9.29 0.66
N THR A 17 -4.23 -10.15 1.59
CA THR A 17 -5.22 -10.83 2.43
C THR A 17 -4.62 -11.25 3.76
N THR A 18 -4.72 -10.38 4.76
CA THR A 18 -4.18 -10.66 6.08
C THR A 18 -4.36 -9.47 7.02
N LEU A 19 -4.31 -8.27 6.45
CA LEU A 19 -4.47 -7.05 7.23
C LEU A 19 -5.93 -6.66 7.35
N SER A 20 -6.24 -5.78 8.31
CA SER A 20 -7.60 -5.33 8.52
C SER A 20 -7.65 -3.82 8.74
N GLU A 21 -8.87 -3.28 8.82
CA GLU A 21 -9.04 -1.85 9.02
C GLU A 21 -8.46 -1.40 10.36
N ASP A 22 -8.28 -2.36 11.26
CA ASP A 22 -7.74 -2.08 12.58
C ASP A 22 -6.26 -1.69 12.49
N ASP A 23 -5.68 -1.91 11.31
CA ASP A 23 -4.27 -1.59 11.09
C ASP A 23 -4.13 -0.23 10.42
N THR A 24 -3.04 -0.06 9.66
CA THR A 24 -2.78 1.19 8.96
C THR A 24 -2.29 0.93 7.54
N VAL A 25 -2.31 1.97 6.71
CA VAL A 25 -1.86 1.86 5.33
C VAL A 25 -0.41 1.40 5.26
N LEU A 26 0.44 1.99 6.10
CA LEU A 26 1.84 1.63 6.14
C LEU A 26 2.03 0.18 6.55
N ASP A 27 1.12 -0.32 7.37
CA ASP A 27 1.19 -1.70 7.84
C ASP A 27 0.85 -2.67 6.71
N LEU A 28 -0.07 -2.26 5.83
CA LEU A 28 -0.49 -3.10 4.72
C LEU A 28 0.54 -3.05 3.60
N LYS A 29 0.97 -1.85 3.23
CA LYS A 29 1.96 -1.67 2.18
C LYS A 29 3.27 -2.33 2.54
N GLN A 30 3.81 -1.96 3.71
CA GLN A 30 5.07 -2.52 4.17
C GLN A 30 5.00 -4.05 4.24
N PHE A 31 3.78 -4.57 4.33
CA PHE A 31 3.58 -6.02 4.40
C PHE A 31 3.73 -6.66 3.03
N LEU A 32 2.96 -6.17 2.07
CA LEU A 32 3.01 -6.69 0.70
C LEU A 32 4.34 -6.36 0.04
N LYS A 33 4.81 -5.12 0.24
CA LYS A 33 6.06 -4.68 -0.34
C LYS A 33 7.20 -5.63 0.05
N THR A 34 7.06 -6.28 1.19
CA THR A 34 8.08 -7.21 1.67
C THR A 34 7.97 -8.56 0.97
N LEU A 35 6.78 -8.86 0.46
CA LEU A 35 6.54 -10.11 -0.24
C LEU A 35 7.13 -10.07 -1.65
N THR A 36 6.66 -9.12 -2.45
CA THR A 36 7.14 -8.98 -3.82
C THR A 36 7.41 -7.53 -4.16
N GLY A 37 6.69 -6.63 -3.50
CA GLY A 37 6.87 -5.21 -3.74
C GLY A 37 8.26 -4.72 -3.36
N VAL A 38 8.49 -3.43 -3.50
CA VAL A 38 9.79 -2.84 -3.17
C VAL A 38 9.68 -1.91 -1.96
N LEU A 39 10.66 -1.99 -1.07
CA LEU A 39 10.68 -1.16 0.14
C LEU A 39 10.56 0.32 -0.22
N PRO A 40 9.97 1.11 0.69
CA PRO A 40 9.79 2.55 0.49
C PRO A 40 11.11 3.30 0.53
N GLU A 41 12.11 2.71 1.16
CA GLU A 41 13.43 3.34 1.27
C GLU A 41 13.95 3.73 -0.10
N ARG A 42 13.72 2.88 -1.10
CA ARG A 42 14.17 3.15 -2.45
C ARG A 42 13.02 3.60 -3.34
N GLN A 43 11.86 2.96 -3.16
CA GLN A 43 10.67 3.29 -3.95
C GLN A 43 9.77 4.24 -3.18
N LYS A 44 8.93 4.97 -3.90
CA LYS A 44 8.00 5.92 -3.29
C LYS A 44 6.58 5.70 -3.80
N LEU A 45 5.60 5.86 -2.90
CA LEU A 45 4.21 5.68 -3.27
C LEU A 45 3.74 6.76 -4.24
N LEU A 46 3.00 6.35 -5.26
CA LEU A 46 2.51 7.28 -6.26
C LEU A 46 1.19 7.90 -5.83
N GLY A 47 0.23 7.04 -5.47
CA GLY A 47 -1.07 7.52 -5.04
C GLY A 47 -1.25 7.40 -3.53
N LEU A 48 -0.31 7.96 -2.78
CA LEU A 48 -0.37 7.92 -1.32
C LEU A 48 -1.63 8.60 -0.81
N LYS A 49 -2.26 9.40 -1.67
CA LYS A 49 -3.49 10.09 -1.30
C LYS A 49 -4.66 9.63 -2.16
N VAL A 50 -5.84 9.53 -1.55
CA VAL A 50 -7.03 9.10 -2.26
C VAL A 50 -8.27 9.86 -1.77
N LYS A 51 -9.20 10.13 -2.69
CA LYS A 51 -10.42 10.84 -2.36
C LYS A 51 -10.10 12.17 -1.69
N GLY A 52 -8.98 12.77 -2.08
CA GLY A 52 -8.58 14.05 -1.50
C GLY A 52 -7.87 13.90 -0.18
N LYS A 53 -7.90 12.69 0.37
CA LYS A 53 -7.25 12.41 1.65
C LYS A 53 -5.77 12.16 1.45
N PRO A 54 -4.97 12.49 2.49
CA PRO A 54 -3.52 12.30 2.46
C PRO A 54 -3.12 10.83 2.49
N ALA A 55 -3.91 10.02 3.17
CA ALA A 55 -3.65 8.59 3.28
C ALA A 55 -2.15 8.32 3.35
N GLU A 56 -1.45 9.11 4.17
CA GLU A 56 -0.01 8.94 4.33
C GLU A 56 0.33 7.55 4.86
N ASN A 57 0.18 7.36 6.16
CA ASN A 57 0.46 6.08 6.79
C ASN A 57 -0.33 5.91 8.08
N ASP A 58 -0.45 6.99 8.84
CA ASP A 58 -1.20 6.97 10.10
C ASP A 58 -2.67 6.66 9.85
N VAL A 59 -3.07 6.67 8.58
CA VAL A 59 -4.45 6.40 8.22
C VAL A 59 -4.73 4.90 8.22
N LYS A 60 -5.95 4.53 8.58
CA LYS A 60 -6.34 3.12 8.62
C LYS A 60 -7.00 2.71 7.31
N LEU A 61 -6.88 1.42 6.98
CA LEU A 61 -7.47 0.90 5.74
C LEU A 61 -8.93 1.32 5.61
N GLY A 62 -9.68 1.16 6.70
CA GLY A 62 -11.09 1.53 6.69
C GLY A 62 -11.30 3.02 6.79
N ALA A 63 -10.24 3.75 7.13
CA ALA A 63 -10.32 5.19 7.26
C ALA A 63 -10.23 5.88 5.91
N LEU A 64 -9.47 5.28 4.98
CA LEU A 64 -9.31 5.83 3.65
C LEU A 64 -10.57 5.61 2.81
N LYS A 65 -11.34 4.60 3.18
CA LYS A 65 -12.58 4.28 2.46
C LYS A 65 -12.29 3.90 1.02
N LEU A 66 -11.20 3.16 0.81
CA LEU A 66 -10.80 2.72 -0.52
C LEU A 66 -11.40 1.36 -0.84
N LYS A 67 -11.59 1.08 -2.13
CA LYS A 67 -12.15 -0.19 -2.56
C LYS A 67 -11.18 -1.34 -2.29
N PRO A 68 -11.71 -2.57 -2.27
CA PRO A 68 -10.90 -3.77 -2.02
C PRO A 68 -9.98 -4.10 -3.18
N ASN A 69 -10.44 -3.83 -4.40
CA ASN A 69 -9.65 -4.09 -5.59
C ASN A 69 -8.60 -3.00 -5.81
N THR A 70 -8.80 -1.87 -5.13
CA THR A 70 -7.88 -0.74 -5.26
C THR A 70 -6.45 -1.22 -5.49
N LYS A 71 -5.83 -0.71 -6.55
CA LYS A 71 -4.47 -1.09 -6.89
C LYS A 71 -3.47 -0.06 -6.35
N ILE A 72 -2.29 -0.53 -5.99
CA ILE A 72 -1.25 0.34 -5.46
C ILE A 72 -0.02 0.35 -6.35
N MET A 73 0.44 1.54 -6.72
CA MET A 73 1.61 1.68 -7.58
C MET A 73 2.85 1.98 -6.75
N MET A 74 3.98 1.41 -7.16
CA MET A 74 5.24 1.63 -6.45
C MET A 74 6.39 1.85 -7.44
N MET A 75 6.98 3.03 -7.39
CA MET A 75 8.08 3.37 -8.28
C MET A 75 9.41 3.40 -7.52
N GLY A 76 10.39 2.63 -8.01
CA GLY A 76 11.69 2.58 -7.37
C GLY A 76 12.49 1.37 -7.79
N THR A 77 13.42 0.95 -6.93
CA THR A 77 14.26 -0.20 -7.22
C THR A 77 14.36 -1.13 -6.02
N ARG A 78 14.41 -2.43 -6.28
CA ARG A 78 14.51 -3.42 -5.22
C ARG A 78 15.79 -3.23 -4.42
N GLU A 79 15.80 -3.78 -3.20
CA GLU A 79 16.97 -3.67 -2.33
C GLU A 79 18.23 -4.13 -3.05
N GLU A 80 19.38 -3.67 -2.58
CA GLU A 80 20.66 -4.04 -3.18
C GLU A 80 21.81 -3.67 -2.26
N SER A 81 21.57 -3.74 -0.96
CA SER A 81 22.59 -3.42 0.03
C SER A 81 22.15 -3.84 1.43
N MET A 1 -13.10 -6.84 10.70
CA MET A 1 -12.69 -7.56 9.50
C MET A 1 -11.43 -6.94 8.90
N ALA A 2 -10.89 -7.58 7.87
CA ALA A 2 -9.68 -7.08 7.21
C ALA A 2 -9.98 -6.64 5.78
N LEU A 3 -9.27 -5.62 5.33
CA LEU A 3 -9.45 -5.09 3.98
C LEU A 3 -8.24 -5.40 3.10
N PRO A 4 -8.42 -6.33 2.16
CA PRO A 4 -7.36 -6.73 1.23
C PRO A 4 -7.02 -5.63 0.22
N ILE A 5 -5.80 -5.68 -0.29
CA ILE A 5 -5.35 -4.69 -1.27
C ILE A 5 -4.31 -5.27 -2.22
N ILE A 6 -4.42 -4.95 -3.50
CA ILE A 6 -3.50 -5.44 -4.50
C ILE A 6 -2.37 -4.44 -4.74
N VAL A 7 -1.15 -4.96 -4.92
CA VAL A 7 0.01 -4.11 -5.17
C VAL A 7 0.75 -4.55 -6.43
N LYS A 8 0.91 -3.61 -7.37
CA LYS A 8 1.59 -3.90 -8.62
C LYS A 8 2.96 -3.22 -8.65
N TRP A 9 4.01 -4.03 -8.73
CA TRP A 9 5.37 -3.51 -8.77
C TRP A 9 6.08 -3.93 -10.05
N GLY A 10 6.16 -3.00 -11.00
CA GLY A 10 6.82 -3.29 -12.27
C GLY A 10 5.84 -3.70 -13.35
N GLY A 11 5.46 -4.97 -13.35
CA GLY A 11 4.53 -5.46 -14.34
C GLY A 11 3.71 -6.64 -13.85
N GLN A 12 3.64 -6.79 -12.53
CA GLN A 12 2.90 -7.89 -11.93
C GLN A 12 1.93 -7.38 -10.86
N GLU A 13 1.13 -8.29 -10.31
CA GLU A 13 0.16 -7.92 -9.28
C GLU A 13 0.23 -8.89 -8.11
N TYR A 14 0.08 -8.35 -6.90
CA TYR A 14 0.12 -9.17 -5.69
C TYR A 14 -0.97 -8.74 -4.70
N SER A 15 -1.87 -9.65 -4.40
CA SER A 15 -2.96 -9.37 -3.47
C SER A 15 -2.50 -9.53 -2.02
N VAL A 16 -2.88 -8.58 -1.18
CA VAL A 16 -2.51 -8.61 0.23
C VAL A 16 -3.60 -9.26 1.07
N THR A 17 -3.21 -10.21 1.91
CA THR A 17 -4.16 -10.90 2.77
C THR A 17 -3.54 -11.23 4.13
N THR A 18 -3.68 -10.32 5.07
CA THR A 18 -3.14 -10.50 6.41
C THR A 18 -3.40 -9.29 7.30
N LEU A 19 -3.41 -8.11 6.67
CA LEU A 19 -3.66 -6.87 7.40
C LEU A 19 -5.15 -6.57 7.50
N SER A 20 -5.51 -5.66 8.40
CA SER A 20 -6.90 -5.29 8.60
C SER A 20 -7.05 -3.78 8.73
N GLU A 21 -8.29 -3.32 8.81
CA GLU A 21 -8.57 -1.90 8.93
C GLU A 21 -8.03 -1.35 10.26
N ASP A 22 -7.83 -2.25 11.21
CA ASP A 22 -7.32 -1.87 12.53
C ASP A 22 -5.88 -1.38 12.44
N ASP A 23 -5.20 -1.76 11.36
CA ASP A 23 -3.82 -1.35 11.15
C ASP A 23 -3.75 0.02 10.48
N THR A 24 -2.69 0.24 9.70
CA THR A 24 -2.50 1.50 9.00
C THR A 24 -2.01 1.29 7.58
N VAL A 25 -2.14 2.30 6.75
CA VAL A 25 -1.70 2.22 5.36
C VAL A 25 -0.23 1.82 5.27
N LEU A 26 0.61 2.50 6.05
CA LEU A 26 2.04 2.21 6.06
C LEU A 26 2.31 0.77 6.51
N ASP A 27 1.40 0.25 7.33
CA ASP A 27 1.55 -1.12 7.83
C ASP A 27 1.28 -2.13 6.72
N LEU A 28 0.34 -1.81 5.85
CA LEU A 28 -0.01 -2.70 4.74
C LEU A 28 1.03 -2.61 3.63
N LYS A 29 1.38 -1.39 3.25
CA LYS A 29 2.37 -1.17 2.19
C LYS A 29 3.72 -1.74 2.59
N GLN A 30 4.23 -1.31 3.75
CA GLN A 30 5.51 -1.77 4.24
C GLN A 30 5.53 -3.29 4.37
N PHE A 31 4.35 -3.89 4.48
CA PHE A 31 4.23 -5.34 4.60
C PHE A 31 4.44 -6.02 3.25
N LEU A 32 3.65 -5.61 2.26
CA LEU A 32 3.75 -6.18 0.91
C LEU A 32 5.06 -5.77 0.25
N LYS A 33 5.44 -4.50 0.41
CA LYS A 33 6.67 -4.00 -0.17
C LYS A 33 7.87 -4.85 0.25
N THR A 34 7.76 -5.47 1.42
CA THR A 34 8.83 -6.31 1.94
C THR A 34 8.82 -7.69 1.28
N LEU A 35 7.66 -8.09 0.76
CA LEU A 35 7.51 -9.38 0.10
C LEU A 35 8.10 -9.34 -1.30
N THR A 36 7.58 -8.46 -2.14
CA THR A 36 8.06 -8.32 -3.51
C THR A 36 8.22 -6.85 -3.89
N GLY A 37 7.43 -5.99 -3.27
CA GLY A 37 7.50 -4.57 -3.55
C GLY A 37 8.85 -3.97 -3.19
N VAL A 38 8.98 -2.67 -3.38
CA VAL A 38 10.23 -1.97 -3.07
C VAL A 38 10.05 -1.02 -1.89
N LEU A 39 11.04 -0.99 -1.02
CA LEU A 39 11.00 -0.12 0.16
C LEU A 39 10.76 1.33 -0.24
N PRO A 40 10.11 2.09 0.66
CA PRO A 40 9.81 3.51 0.41
C PRO A 40 11.06 4.38 0.42
N GLU A 41 12.12 3.88 1.06
CA GLU A 41 13.38 4.61 1.13
C GLU A 41 13.87 5.01 -0.25
N ARG A 42 13.69 4.11 -1.22
CA ARG A 42 14.12 4.36 -2.59
C ARG A 42 12.92 4.68 -3.48
N GLN A 43 11.81 3.96 -3.27
CA GLN A 43 10.61 4.18 -4.05
C GLN A 43 9.62 5.07 -3.29
N LYS A 44 8.72 5.71 -4.04
CA LYS A 44 7.73 6.59 -3.44
C LYS A 44 6.32 6.23 -3.94
N LEU A 45 5.35 6.32 -3.03
CA LEU A 45 3.97 6.01 -3.38
C LEU A 45 3.40 7.04 -4.35
N LEU A 46 2.70 6.55 -5.37
CA LEU A 46 2.10 7.43 -6.37
C LEU A 46 0.74 7.93 -5.91
N GLY A 47 -0.19 7.00 -5.68
CA GLY A 47 -1.52 7.38 -5.24
C GLY A 47 -1.70 7.19 -3.75
N LEU A 48 -0.79 7.75 -2.97
CA LEU A 48 -0.86 7.64 -1.52
C LEU A 48 -2.20 8.14 -0.99
N LYS A 49 -2.83 9.03 -1.75
CA LYS A 49 -4.12 9.59 -1.38
C LYS A 49 -5.24 9.02 -2.24
N VAL A 50 -6.39 8.76 -1.63
CA VAL A 50 -7.54 8.22 -2.34
C VAL A 50 -8.85 8.79 -1.81
N LYS A 51 -9.81 8.99 -2.71
CA LYS A 51 -11.10 9.53 -2.34
C LYS A 51 -10.94 10.86 -1.59
N GLY A 52 -9.91 11.62 -1.95
CA GLY A 52 -9.67 12.89 -1.30
C GLY A 52 -8.87 12.75 -0.02
N LYS A 53 -8.77 11.53 0.48
CA LYS A 53 -8.03 11.26 1.71
C LYS A 53 -6.54 11.15 1.44
N PRO A 54 -5.73 11.55 2.42
CA PRO A 54 -4.26 11.50 2.31
C PRO A 54 -3.73 10.08 2.31
N ALA A 55 -4.37 9.21 3.08
CA ALA A 55 -3.97 7.81 3.17
C ALA A 55 -2.45 7.68 3.14
N GLU A 56 -1.78 8.58 3.85
CA GLU A 56 -0.31 8.56 3.91
C GLU A 56 0.18 7.38 4.74
N ASN A 57 0.09 7.50 6.06
CA ASN A 57 0.53 6.45 6.96
C ASN A 57 -0.27 6.47 8.25
N ASP A 58 -0.56 7.66 8.75
CA ASP A 58 -1.32 7.81 9.98
C ASP A 58 -2.78 7.45 9.76
N VAL A 59 -3.13 7.12 8.52
CA VAL A 59 -4.50 6.75 8.18
C VAL A 59 -4.68 5.24 8.19
N LYS A 60 -5.87 4.80 8.56
CA LYS A 60 -6.18 3.37 8.62
C LYS A 60 -6.82 2.91 7.31
N LEU A 61 -6.58 1.64 6.97
CA LEU A 61 -7.13 1.07 5.74
C LEU A 61 -8.64 1.28 5.67
N GLY A 62 -9.31 1.14 6.81
CA GLY A 62 -10.75 1.32 6.86
C GLY A 62 -11.14 2.79 6.80
N ALA A 63 -10.18 3.67 7.05
CA ALA A 63 -10.45 5.11 7.03
C ALA A 63 -10.33 5.65 5.61
N LEU A 64 -9.65 4.92 4.75
CA LEU A 64 -9.46 5.34 3.36
C LEU A 64 -10.65 4.92 2.50
N LYS A 65 -11.43 3.96 3.00
CA LYS A 65 -12.60 3.46 2.28
C LYS A 65 -12.23 3.06 0.86
N LEU A 66 -11.11 2.39 0.72
CA LEU A 66 -10.65 1.94 -0.60
C LEU A 66 -11.16 0.54 -0.92
N LYS A 67 -11.30 0.24 -2.20
CA LYS A 67 -11.78 -1.07 -2.63
C LYS A 67 -10.76 -2.16 -2.32
N PRO A 68 -11.23 -3.41 -2.26
CA PRO A 68 -10.38 -4.56 -1.97
C PRO A 68 -9.42 -4.88 -3.11
N ASN A 69 -9.88 -4.70 -4.34
CA ASN A 69 -9.07 -4.97 -5.52
C ASN A 69 -8.12 -3.81 -5.79
N THR A 70 -8.41 -2.66 -5.17
CA THR A 70 -7.57 -1.48 -5.35
C THR A 70 -6.11 -1.85 -5.58
N LYS A 71 -5.51 -1.25 -6.59
CA LYS A 71 -4.11 -1.51 -6.92
C LYS A 71 -3.21 -0.40 -6.41
N ILE A 72 -2.00 -0.76 -5.99
CA ILE A 72 -1.04 0.21 -5.49
C ILE A 72 0.18 0.29 -6.39
N MET A 73 0.54 1.51 -6.79
CA MET A 73 1.69 1.73 -7.65
C MET A 73 2.91 2.17 -6.84
N MET A 74 4.09 1.67 -7.21
CA MET A 74 5.32 2.02 -6.51
C MET A 74 6.44 2.30 -7.51
N MET A 75 6.93 3.54 -7.49
CA MET A 75 8.01 3.94 -8.39
C MET A 75 9.32 4.08 -7.64
N GLY A 76 10.36 3.41 -8.12
CA GLY A 76 11.66 3.48 -7.47
C GLY A 76 12.56 2.32 -7.86
N THR A 77 13.53 2.01 -7.00
CA THR A 77 14.45 0.92 -7.24
C THR A 77 14.63 0.06 -6.00
N ARG A 78 14.84 -1.24 -6.21
CA ARG A 78 15.03 -2.17 -5.10
C ARG A 78 16.30 -1.83 -4.33
N GLU A 79 16.39 -2.33 -3.10
CA GLU A 79 17.55 -2.09 -2.25
C GLU A 79 18.74 -2.91 -2.72
N GLU A 80 19.87 -2.74 -2.04
CA GLU A 80 21.09 -3.46 -2.40
C GLU A 80 21.71 -4.11 -1.16
N SER A 81 21.86 -3.33 -0.09
CA SER A 81 22.44 -3.83 1.14
C SER A 81 22.23 -2.83 2.28
N MET A 1 -13.47 -7.44 9.73
CA MET A 1 -12.34 -8.26 9.26
C MET A 1 -11.25 -7.38 8.66
N ALA A 2 -10.17 -8.01 8.20
CA ALA A 2 -9.06 -7.28 7.60
C ALA A 2 -9.29 -7.07 6.11
N LEU A 3 -8.82 -5.94 5.61
CA LEU A 3 -8.97 -5.62 4.18
C LEU A 3 -7.65 -5.78 3.45
N PRO A 4 -7.56 -6.80 2.60
CA PRO A 4 -6.35 -7.08 1.82
C PRO A 4 -6.11 -6.04 0.73
N ILE A 5 -4.85 -5.91 0.31
CA ILE A 5 -4.49 -4.95 -0.73
C ILE A 5 -3.30 -5.43 -1.54
N ILE A 6 -3.38 -5.27 -2.86
CA ILE A 6 -2.31 -5.69 -3.75
C ILE A 6 -1.37 -4.53 -4.06
N VAL A 7 -0.07 -4.83 -4.11
CA VAL A 7 0.93 -3.81 -4.41
C VAL A 7 1.85 -4.25 -5.55
N LYS A 8 1.91 -3.43 -6.60
CA LYS A 8 2.73 -3.73 -7.75
C LYS A 8 3.94 -2.79 -7.82
N TRP A 9 5.13 -3.37 -7.81
CA TRP A 9 6.36 -2.58 -7.87
C TRP A 9 7.25 -3.04 -9.02
N GLY A 10 7.30 -2.24 -10.08
CA GLY A 10 8.11 -2.58 -11.23
C GLY A 10 7.31 -3.28 -12.31
N GLY A 11 7.10 -4.58 -12.14
CA GLY A 11 6.36 -5.34 -13.13
C GLY A 11 5.72 -6.58 -12.53
N GLN A 12 5.57 -6.59 -11.21
CA GLN A 12 4.98 -7.73 -10.52
C GLN A 12 3.86 -7.28 -9.58
N GLU A 13 3.18 -8.23 -8.97
CA GLU A 13 2.09 -7.94 -8.04
C GLU A 13 2.24 -8.74 -6.75
N TYR A 14 1.94 -8.09 -5.63
CA TYR A 14 2.03 -8.75 -4.33
C TYR A 14 0.80 -8.45 -3.48
N SER A 15 0.04 -9.49 -3.17
CA SER A 15 -1.16 -9.35 -2.36
C SER A 15 -0.82 -9.31 -0.87
N VAL A 16 -1.37 -8.32 -0.16
CA VAL A 16 -1.14 -8.19 1.26
C VAL A 16 -2.20 -8.90 2.08
N THR A 17 -1.79 -9.53 3.18
CA THR A 17 -2.71 -10.25 4.04
C THR A 17 -2.22 -10.25 5.49
N THR A 18 -2.68 -9.27 6.26
CA THR A 18 -2.28 -9.16 7.66
C THR A 18 -2.82 -7.87 8.28
N LEU A 19 -2.98 -6.85 7.44
CA LEU A 19 -3.48 -5.56 7.90
C LEU A 19 -5.01 -5.53 7.90
N SER A 20 -5.58 -4.73 8.80
CA SER A 20 -7.03 -4.62 8.91
C SER A 20 -7.46 -3.16 8.96
N GLU A 21 -8.76 -2.92 8.80
CA GLU A 21 -9.30 -1.57 8.82
C GLU A 21 -9.00 -0.90 10.16
N ASP A 22 -8.75 -1.70 11.18
CA ASP A 22 -8.46 -1.18 12.51
C ASP A 22 -7.09 -0.49 12.53
N ASP A 23 -6.33 -0.69 11.46
CA ASP A 23 -5.00 -0.08 11.36
C ASP A 23 -5.03 1.17 10.48
N THR A 24 -3.92 1.45 9.81
CA THR A 24 -3.82 2.62 8.95
C THR A 24 -3.21 2.25 7.61
N VAL A 25 -3.26 3.19 6.66
CA VAL A 25 -2.70 2.97 5.33
C VAL A 25 -1.19 2.82 5.38
N LEU A 26 -0.54 3.68 6.16
CA LEU A 26 0.91 3.64 6.31
C LEU A 26 1.37 2.31 6.88
N ASP A 27 0.50 1.67 7.67
CA ASP A 27 0.82 0.39 8.28
C ASP A 27 0.85 -0.71 7.23
N LEU A 28 -0.02 -0.61 6.23
CA LEU A 28 -0.11 -1.59 5.16
C LEU A 28 0.98 -1.34 4.11
N LYS A 29 1.09 -0.10 3.68
CA LYS A 29 2.08 0.28 2.68
C LYS A 29 3.50 0.01 3.19
N GLN A 30 3.83 0.60 4.33
CA GLN A 30 5.15 0.42 4.93
C GLN A 30 5.44 -1.06 5.19
N PHE A 31 4.37 -1.85 5.31
CA PHE A 31 4.51 -3.28 5.56
C PHE A 31 4.90 -4.01 4.29
N LEU A 32 4.11 -3.84 3.23
CA LEU A 32 4.39 -4.49 1.96
C LEU A 32 5.66 -3.94 1.32
N LYS A 33 5.80 -2.62 1.36
CA LYS A 33 6.97 -1.96 0.78
C LYS A 33 8.26 -2.53 1.37
N THR A 34 8.17 -3.05 2.60
CA THR A 34 9.33 -3.63 3.26
C THR A 34 9.60 -5.04 2.76
N LEU A 35 8.57 -5.69 2.23
CA LEU A 35 8.71 -7.05 1.71
C LEU A 35 9.39 -7.04 0.35
N THR A 36 8.79 -6.35 -0.62
CA THR A 36 9.34 -6.27 -1.96
C THR A 36 9.30 -4.84 -2.48
N GLY A 37 8.33 -4.07 -2.01
CA GLY A 37 8.19 -2.69 -2.44
C GLY A 37 9.38 -1.84 -2.04
N VAL A 38 9.31 -0.55 -2.36
CA VAL A 38 10.39 0.37 -2.03
C VAL A 38 9.95 1.39 -0.98
N LEU A 39 10.84 1.66 -0.03
CA LEU A 39 10.55 2.62 1.03
C LEU A 39 10.09 3.96 0.45
N PRO A 40 9.24 4.67 1.20
CA PRO A 40 8.71 5.96 0.79
C PRO A 40 9.78 7.05 0.81
N GLU A 41 10.83 6.83 1.59
CA GLU A 41 11.93 7.79 1.70
C GLU A 41 12.49 8.14 0.33
N ARG A 42 12.56 7.15 -0.55
CA ARG A 42 13.08 7.35 -1.90
C ARG A 42 11.94 7.37 -2.92
N GLN A 43 10.97 6.47 -2.73
CA GLN A 43 9.82 6.39 -3.63
C GLN A 43 8.63 7.17 -3.08
N LYS A 44 7.71 7.52 -3.96
CA LYS A 44 6.52 8.27 -3.57
C LYS A 44 5.26 7.59 -4.09
N LEU A 45 4.23 7.57 -3.26
CA LEU A 45 2.95 6.95 -3.64
C LEU A 45 2.29 7.73 -4.77
N LEU A 46 1.77 7.00 -5.75
CA LEU A 46 1.11 7.63 -6.90
C LEU A 46 -0.28 8.12 -6.51
N GLY A 47 -1.22 7.18 -6.36
CA GLY A 47 -2.58 7.53 -6.01
C GLY A 47 -2.84 7.38 -4.52
N LEU A 48 -2.08 8.11 -3.70
CA LEU A 48 -2.24 8.04 -2.26
C LEU A 48 -3.69 8.34 -1.85
N LYS A 49 -4.40 9.05 -2.70
CA LYS A 49 -5.79 9.39 -2.44
C LYS A 49 -6.74 8.54 -3.28
N VAL A 50 -7.87 8.16 -2.69
CA VAL A 50 -8.86 7.34 -3.39
C VAL A 50 -10.27 7.74 -2.99
N LYS A 51 -11.19 7.70 -3.96
CA LYS A 51 -12.57 8.05 -3.72
C LYS A 51 -12.69 9.45 -3.11
N GLY A 52 -11.78 10.33 -3.51
CA GLY A 52 -11.79 11.69 -2.98
C GLY A 52 -11.06 11.81 -1.66
N LYS A 53 -10.81 10.67 -1.02
CA LYS A 53 -10.12 10.65 0.26
C LYS A 53 -8.60 10.76 0.06
N PRO A 54 -7.93 11.37 1.05
CA PRO A 54 -6.47 11.55 1.01
C PRO A 54 -5.72 10.23 1.17
N ALA A 55 -6.27 9.34 2.00
CA ALA A 55 -5.65 8.03 2.24
C ALA A 55 -4.14 8.16 2.32
N GLU A 56 -3.67 9.22 2.95
CA GLU A 56 -2.23 9.46 3.10
C GLU A 56 -1.60 8.41 4.02
N ASN A 57 -1.82 8.56 5.32
CA ASN A 57 -1.27 7.63 6.30
C ASN A 57 -2.12 7.62 7.56
N ASP A 58 -2.59 8.79 7.96
CA ASP A 58 -3.42 8.92 9.16
C ASP A 58 -4.81 8.37 8.92
N VAL A 59 -5.06 7.91 7.69
CA VAL A 59 -6.36 7.34 7.34
C VAL A 59 -6.37 5.83 7.55
N LYS A 60 -7.54 5.30 7.89
CA LYS A 60 -7.69 3.86 8.10
C LYS A 60 -8.11 3.16 6.81
N LEU A 61 -7.65 1.93 6.65
CA LEU A 61 -7.98 1.15 5.46
C LEU A 61 -9.49 1.11 5.22
N GLY A 62 -10.25 1.00 6.31
CA GLY A 62 -11.70 0.97 6.20
C GLY A 62 -12.29 2.33 5.92
N ALA A 63 -11.51 3.38 6.16
CA ALA A 63 -11.96 4.74 5.94
C ALA A 63 -11.77 5.15 4.48
N LEU A 64 -10.90 4.43 3.77
CA LEU A 64 -10.63 4.71 2.38
C LEU A 64 -11.67 4.06 1.47
N LYS A 65 -12.37 3.05 2.00
CA LYS A 65 -13.39 2.34 1.25
C LYS A 65 -12.84 1.85 -0.08
N LEU A 66 -11.63 1.30 -0.06
CA LEU A 66 -11.00 0.78 -1.27
C LEU A 66 -11.23 -0.71 -1.41
N LYS A 67 -11.21 -1.19 -2.65
CA LYS A 67 -11.41 -2.61 -2.92
C LYS A 67 -10.23 -3.43 -2.41
N PRO A 68 -10.45 -4.74 -2.22
CA PRO A 68 -9.42 -5.66 -1.74
C PRO A 68 -8.34 -5.91 -2.79
N ASN A 69 -8.74 -5.96 -4.04
CA ASN A 69 -7.80 -6.19 -5.15
C ASN A 69 -7.04 -4.91 -5.49
N THR A 70 -7.55 -3.77 -5.01
CA THR A 70 -6.92 -2.48 -5.26
C THR A 70 -5.41 -2.63 -5.36
N LYS A 71 -4.84 -2.16 -6.46
CA LYS A 71 -3.40 -2.23 -6.68
C LYS A 71 -2.73 -0.92 -6.28
N ILE A 72 -1.51 -1.03 -5.76
CA ILE A 72 -0.76 0.14 -5.33
C ILE A 72 0.50 0.34 -6.19
N MET A 73 0.67 1.55 -6.69
CA MET A 73 1.83 1.87 -7.53
C MET A 73 2.88 2.63 -6.72
N MET A 74 4.15 2.33 -6.98
CA MET A 74 5.25 2.97 -6.28
C MET A 74 6.32 3.44 -7.27
N MET A 75 6.65 4.72 -7.20
CA MET A 75 7.66 5.28 -8.10
C MET A 75 8.88 5.76 -7.31
N GLY A 76 10.06 5.33 -7.74
CA GLY A 76 11.28 5.71 -7.06
C GLY A 76 12.38 4.66 -7.17
N THR A 77 13.26 4.61 -6.18
CA THR A 77 14.35 3.65 -6.18
C THR A 77 14.47 2.95 -4.83
N ARG A 78 14.63 1.64 -4.86
CA ARG A 78 14.75 0.85 -3.64
C ARG A 78 16.22 0.68 -3.25
N GLU A 79 16.47 0.59 -1.94
CA GLU A 79 17.83 0.43 -1.44
C GLU A 79 18.46 -0.86 -1.99
N GLU A 80 19.67 -1.15 -1.51
CA GLU A 80 20.38 -2.34 -1.94
C GLU A 80 20.23 -3.48 -0.92
N SER A 81 19.18 -4.27 -1.07
CA SER A 81 18.92 -5.38 -0.18
C SER A 81 18.23 -6.53 -0.91
N MET A 1 -14.29 -6.34 9.29
CA MET A 1 -13.33 -7.37 8.93
C MET A 1 -12.09 -6.77 8.28
N ALA A 2 -11.11 -7.62 7.96
CA ALA A 2 -9.88 -7.16 7.33
C ALA A 2 -10.07 -6.92 5.84
N LEU A 3 -9.52 -5.81 5.34
CA LEU A 3 -9.64 -5.47 3.93
C LEU A 3 -8.31 -5.69 3.21
N PRO A 4 -8.29 -6.68 2.31
CA PRO A 4 -7.07 -7.00 1.53
C PRO A 4 -6.76 -5.94 0.50
N ILE A 5 -5.48 -5.87 0.10
CA ILE A 5 -5.04 -4.89 -0.88
C ILE A 5 -3.87 -5.42 -1.70
N ILE A 6 -3.93 -5.24 -3.01
CA ILE A 6 -2.88 -5.69 -3.90
C ILE A 6 -1.87 -4.58 -4.18
N VAL A 7 -0.59 -4.95 -4.22
CA VAL A 7 0.48 -3.99 -4.49
C VAL A 7 1.36 -4.43 -5.64
N LYS A 8 1.47 -3.59 -6.65
CA LYS A 8 2.29 -3.91 -7.82
C LYS A 8 3.56 -3.06 -7.84
N TRP A 9 4.71 -3.73 -7.79
CA TRP A 9 6.00 -3.04 -7.80
C TRP A 9 6.86 -3.52 -8.95
N GLY A 10 7.00 -2.70 -9.98
CA GLY A 10 7.80 -3.06 -11.13
C GLY A 10 6.97 -3.68 -12.25
N GLY A 11 6.70 -4.97 -12.12
CA GLY A 11 5.92 -5.66 -13.13
C GLY A 11 5.20 -6.87 -12.58
N GLN A 12 5.02 -6.91 -11.26
CA GLN A 12 4.35 -8.02 -10.61
C GLN A 12 3.24 -7.53 -9.68
N GLU A 13 2.51 -8.47 -9.09
CA GLU A 13 1.43 -8.12 -8.18
C GLU A 13 1.50 -8.96 -6.90
N TYR A 14 1.21 -8.32 -5.77
CA TYR A 14 1.25 -9.00 -4.48
C TYR A 14 0.03 -8.64 -3.64
N SER A 15 -0.79 -9.64 -3.34
CA SER A 15 -1.99 -9.43 -2.54
C SER A 15 -1.66 -9.43 -1.05
N VAL A 16 -2.15 -8.42 -0.33
CA VAL A 16 -1.90 -8.31 1.10
C VAL A 16 -3.03 -8.95 1.90
N THR A 17 -2.66 -9.73 2.92
CA THR A 17 -3.63 -10.40 3.77
C THR A 17 -3.16 -10.46 5.21
N THR A 18 -3.56 -9.46 6.00
CA THR A 18 -3.18 -9.39 7.40
C THR A 18 -3.63 -8.07 8.03
N LEU A 19 -3.71 -7.03 7.21
CA LEU A 19 -4.14 -5.72 7.69
C LEU A 19 -5.66 -5.59 7.67
N SER A 20 -6.18 -4.77 8.59
CA SER A 20 -7.62 -4.56 8.68
C SER A 20 -7.96 -3.08 8.76
N GLU A 21 -9.21 -2.74 8.51
CA GLU A 21 -9.66 -1.36 8.55
C GLU A 21 -9.35 -0.73 9.91
N ASP A 22 -9.21 -1.57 10.93
CA ASP A 22 -8.90 -1.09 12.27
C ASP A 22 -7.50 -0.49 12.33
N ASP A 23 -6.71 -0.73 11.29
CA ASP A 23 -5.35 -0.21 11.22
C ASP A 23 -5.30 1.05 10.37
N THR A 24 -4.17 1.28 9.72
CA THR A 24 -3.98 2.45 8.87
C THR A 24 -3.37 2.06 7.52
N VAL A 25 -3.30 3.03 6.61
CA VAL A 25 -2.74 2.80 5.29
C VAL A 25 -1.24 2.54 5.37
N LEU A 26 -0.55 3.34 6.18
CA LEU A 26 0.89 3.21 6.34
C LEU A 26 1.25 1.83 6.89
N ASP A 27 0.33 1.25 7.65
CA ASP A 27 0.55 -0.07 8.24
C ASP A 27 0.52 -1.16 7.16
N LEU A 28 -0.34 -0.97 6.17
CA LEU A 28 -0.46 -1.93 5.08
C LEU A 28 0.65 -1.73 4.05
N LYS A 29 0.87 -0.48 3.66
CA LYS A 29 1.90 -0.15 2.68
C LYS A 29 3.28 -0.53 3.20
N GLN A 30 3.64 0.01 4.36
CA GLN A 30 4.94 -0.26 4.97
C GLN A 30 5.12 -1.76 5.21
N PHE A 31 4.00 -2.48 5.29
CA PHE A 31 4.04 -3.92 5.50
C PHE A 31 4.41 -4.66 4.23
N LEU A 32 3.64 -4.41 3.17
CA LEU A 32 3.89 -5.05 1.89
C LEU A 32 5.20 -4.57 1.27
N LYS A 33 5.42 -3.27 1.35
CA LYS A 33 6.64 -2.68 0.80
C LYS A 33 7.89 -3.36 1.38
N THR A 34 7.75 -3.90 2.59
CA THR A 34 8.86 -4.57 3.25
C THR A 34 9.04 -5.98 2.72
N LEU A 35 7.97 -6.54 2.16
CA LEU A 35 8.01 -7.89 1.62
C LEU A 35 8.71 -7.91 0.26
N THR A 36 8.15 -7.16 -0.69
CA THR A 36 8.72 -7.10 -2.03
C THR A 36 8.77 -5.66 -2.53
N GLY A 37 7.84 -4.83 -2.03
CA GLY A 37 7.80 -3.44 -2.44
C GLY A 37 9.05 -2.68 -2.05
N VAL A 38 9.07 -1.38 -2.33
CA VAL A 38 10.21 -0.54 -2.00
C VAL A 38 9.84 0.48 -0.92
N LEU A 39 10.75 0.69 0.02
CA LEU A 39 10.52 1.64 1.10
C LEU A 39 10.16 3.02 0.56
N PRO A 40 9.37 3.77 1.32
CA PRO A 40 8.93 5.12 0.94
C PRO A 40 10.08 6.13 0.97
N GLU A 41 11.12 5.81 1.72
CA GLU A 41 12.29 6.69 1.84
C GLU A 41 12.85 7.02 0.45
N ARG A 42 12.85 6.03 -0.43
CA ARG A 42 13.36 6.22 -1.79
C ARG A 42 12.22 6.33 -2.79
N GLN A 43 11.19 5.50 -2.60
CA GLN A 43 10.03 5.51 -3.48
C GLN A 43 8.90 6.33 -2.90
N LYS A 44 7.99 6.79 -3.76
CA LYS A 44 6.86 7.59 -3.34
C LYS A 44 5.54 7.03 -3.87
N LEU A 45 4.50 7.07 -3.05
CA LEU A 45 3.20 6.56 -3.45
C LEU A 45 2.59 7.40 -4.56
N LEU A 46 2.06 6.74 -5.58
CA LEU A 46 1.45 7.43 -6.71
C LEU A 46 0.08 7.99 -6.33
N GLY A 47 -0.91 7.11 -6.26
CA GLY A 47 -2.26 7.54 -5.90
C GLY A 47 -2.54 7.38 -4.42
N LEU A 48 -1.76 8.05 -3.59
CA LEU A 48 -1.93 7.98 -2.14
C LEU A 48 -3.36 8.35 -1.75
N LYS A 49 -4.02 9.12 -2.61
CA LYS A 49 -5.39 9.56 -2.35
C LYS A 49 -6.37 8.78 -3.22
N VAL A 50 -7.54 8.46 -2.65
CA VAL A 50 -8.56 7.73 -3.38
C VAL A 50 -9.96 8.21 -2.99
N LYS A 51 -10.86 8.22 -3.95
CA LYS A 51 -12.23 8.66 -3.71
C LYS A 51 -12.26 10.05 -3.08
N GLY A 52 -11.30 10.88 -3.45
CA GLY A 52 -11.23 12.23 -2.92
C GLY A 52 -10.51 12.29 -1.58
N LYS A 53 -10.34 11.12 -0.96
CA LYS A 53 -9.66 11.04 0.33
C LYS A 53 -8.14 11.07 0.15
N PRO A 54 -7.43 11.62 1.15
CA PRO A 54 -5.97 11.71 1.12
C PRO A 54 -5.30 10.35 1.28
N ALA A 55 -5.91 9.48 2.08
CA ALA A 55 -5.37 8.15 2.31
C ALA A 55 -3.85 8.18 2.40
N GLU A 56 -3.32 9.20 3.07
CA GLU A 56 -1.88 9.34 3.22
C GLU A 56 -1.31 8.23 4.08
N ASN A 57 -1.53 8.32 5.39
CA ASN A 57 -1.04 7.32 6.33
C ASN A 57 -1.87 7.31 7.61
N ASP A 58 -2.27 8.50 8.04
CA ASP A 58 -3.07 8.64 9.26
C ASP A 58 -4.51 8.20 9.01
N VAL A 59 -4.80 7.81 7.78
CA VAL A 59 -6.13 7.36 7.41
C VAL A 59 -6.27 5.84 7.55
N LYS A 60 -7.47 5.39 7.91
CA LYS A 60 -7.73 3.97 8.07
C LYS A 60 -8.19 3.34 6.76
N LEU A 61 -7.81 2.08 6.55
CA LEU A 61 -8.17 1.36 5.33
C LEU A 61 -9.68 1.44 5.10
N GLY A 62 -10.45 1.34 6.18
CA GLY A 62 -11.90 1.40 6.06
C GLY A 62 -12.40 2.81 5.82
N ALA A 63 -11.56 3.79 6.09
CA ALA A 63 -11.93 5.19 5.89
C ALA A 63 -11.70 5.62 4.45
N LEU A 64 -10.87 4.88 3.73
CA LEU A 64 -10.58 5.18 2.34
C LEU A 64 -11.63 4.59 1.41
N LYS A 65 -12.37 3.61 1.92
CA LYS A 65 -13.43 2.97 1.14
C LYS A 65 -12.88 2.45 -0.18
N LEU A 66 -11.70 1.85 -0.14
CA LEU A 66 -11.06 1.31 -1.34
C LEU A 66 -11.41 -0.17 -1.52
N LYS A 67 -11.41 -0.63 -2.76
CA LYS A 67 -11.73 -2.02 -3.07
C LYS A 67 -10.64 -2.94 -2.56
N PRO A 68 -10.98 -4.23 -2.41
CA PRO A 68 -10.03 -5.26 -1.94
C PRO A 68 -8.95 -5.56 -2.96
N ASN A 69 -9.33 -5.57 -4.24
CA ASN A 69 -8.39 -5.85 -5.32
C ASN A 69 -7.54 -4.63 -5.63
N THR A 70 -7.99 -3.46 -5.15
CA THR A 70 -7.27 -2.21 -5.39
C THR A 70 -5.77 -2.46 -5.48
N LYS A 71 -5.16 -1.93 -6.54
CA LYS A 71 -3.72 -2.09 -6.74
C LYS A 71 -2.97 -0.84 -6.29
N ILE A 72 -1.76 -1.05 -5.76
CA ILE A 72 -0.94 0.06 -5.28
C ILE A 72 0.33 0.20 -6.10
N MET A 73 0.60 1.39 -6.59
CA MET A 73 1.79 1.65 -7.39
C MET A 73 2.87 2.33 -6.55
N MET A 74 4.13 1.95 -6.79
CA MET A 74 5.25 2.52 -6.04
C MET A 74 6.40 2.83 -6.99
N MET A 75 6.74 4.12 -7.09
CA MET A 75 7.83 4.56 -7.96
C MET A 75 9.07 4.93 -7.14
N GLY A 76 10.20 4.35 -7.48
CA GLY A 76 11.43 4.64 -6.77
C GLY A 76 12.49 3.57 -6.97
N THR A 77 13.39 3.44 -6.00
CA THR A 77 14.45 2.45 -6.07
C THR A 77 14.61 1.71 -4.73
N ARG A 78 14.97 0.44 -4.81
CA ARG A 78 15.15 -0.37 -3.61
C ARG A 78 16.31 0.16 -2.77
N GLU A 79 16.29 -0.19 -1.48
CA GLU A 79 17.34 0.26 -0.57
C GLU A 79 18.73 -0.05 -1.14
N GLU A 80 19.62 0.93 -1.08
CA GLU A 80 20.98 0.76 -1.58
C GLU A 80 21.67 -0.41 -0.90
N SER A 81 21.33 -0.64 0.37
CA SER A 81 21.93 -1.73 1.14
C SER A 81 21.01 -2.16 2.28
N MET A 1 -14.33 -6.87 9.73
CA MET A 1 -13.58 -7.68 8.79
C MET A 1 -12.39 -6.91 8.22
N ALA A 2 -11.35 -7.65 7.81
CA ALA A 2 -10.15 -7.03 7.26
C ALA A 2 -10.34 -6.67 5.79
N LEU A 3 -9.69 -5.60 5.36
CA LEU A 3 -9.80 -5.15 3.98
C LEU A 3 -8.50 -5.44 3.22
N PRO A 4 -8.58 -6.41 2.30
CA PRO A 4 -7.42 -6.82 1.47
C PRO A 4 -7.04 -5.74 0.45
N ILE A 5 -5.78 -5.77 0.02
CA ILE A 5 -5.29 -4.81 -0.95
C ILE A 5 -4.17 -5.40 -1.80
N ILE A 6 -4.23 -5.15 -3.10
CA ILE A 6 -3.23 -5.67 -4.03
C ILE A 6 -2.13 -4.63 -4.28
N VAL A 7 -0.89 -5.10 -4.35
CA VAL A 7 0.25 -4.22 -4.59
C VAL A 7 1.09 -4.72 -5.75
N LYS A 8 1.27 -3.86 -6.76
CA LYS A 8 2.06 -4.22 -7.93
C LYS A 8 3.37 -3.45 -7.94
N TRP A 9 4.48 -4.19 -7.94
CA TRP A 9 5.81 -3.58 -7.96
C TRP A 9 6.61 -4.06 -9.16
N GLY A 10 6.72 -3.22 -10.17
CA GLY A 10 7.46 -3.58 -11.37
C GLY A 10 6.60 -4.29 -12.40
N GLY A 11 6.34 -5.58 -12.16
CA GLY A 11 5.55 -6.35 -13.09
C GLY A 11 4.88 -7.54 -12.42
N GLN A 12 4.80 -7.51 -11.10
CA GLN A 12 4.18 -8.59 -10.35
C GLN A 12 3.17 -8.05 -9.33
N GLU A 13 2.04 -8.74 -9.22
CA GLU A 13 1.00 -8.33 -8.29
C GLU A 13 1.02 -9.19 -7.02
N TYR A 14 0.76 -8.57 -5.88
CA TYR A 14 0.75 -9.28 -4.61
C TYR A 14 -0.45 -8.85 -3.76
N SER A 15 -1.27 -9.82 -3.39
CA SER A 15 -2.45 -9.55 -2.57
C SER A 15 -2.10 -9.52 -1.09
N VAL A 16 -2.59 -8.50 -0.39
CA VAL A 16 -2.32 -8.36 1.04
C VAL A 16 -3.47 -8.93 1.87
N THR A 17 -3.20 -10.04 2.56
CA THR A 17 -4.21 -10.69 3.39
C THR A 17 -3.73 -10.83 4.83
N THR A 18 -4.03 -9.83 5.65
CA THR A 18 -3.62 -9.86 7.05
C THR A 18 -3.98 -8.54 7.74
N LEU A 19 -3.99 -7.46 6.98
CA LEU A 19 -4.32 -6.15 7.52
C LEU A 19 -5.84 -5.94 7.58
N SER A 20 -6.28 -5.15 8.56
CA SER A 20 -7.70 -4.88 8.73
C SER A 20 -7.95 -3.38 8.89
N GLU A 21 -9.22 -2.99 8.81
CA GLU A 21 -9.59 -1.58 8.94
C GLU A 21 -9.16 -1.03 10.29
N ASP A 22 -8.98 -1.92 11.26
CA ASP A 22 -8.56 -1.53 12.60
C ASP A 22 -7.12 -1.02 12.60
N ASP A 23 -6.43 -1.22 11.49
CA ASP A 23 -5.05 -0.78 11.36
C ASP A 23 -4.97 0.53 10.58
N THR A 24 -3.87 0.73 9.87
CA THR A 24 -3.67 1.95 9.08
C THR A 24 -3.06 1.62 7.72
N VAL A 25 -3.08 2.60 6.82
CA VAL A 25 -2.53 2.43 5.48
C VAL A 25 -1.03 2.12 5.54
N LEU A 26 -0.31 2.88 6.35
CA LEU A 26 1.13 2.68 6.50
C LEU A 26 1.44 1.27 6.99
N ASP A 27 0.51 0.69 7.75
CA ASP A 27 0.69 -0.65 8.27
C ASP A 27 0.59 -1.69 7.16
N LEU A 28 -0.26 -1.42 6.18
CA LEU A 28 -0.44 -2.34 5.06
C LEU A 28 0.67 -2.16 4.02
N LYS A 29 0.93 -0.91 3.65
CA LYS A 29 1.97 -0.61 2.68
C LYS A 29 3.34 -1.07 3.18
N GLN A 30 3.73 -0.57 4.35
CA GLN A 30 5.01 -0.92 4.94
C GLN A 30 5.13 -2.43 5.14
N PHE A 31 3.97 -3.10 5.22
CA PHE A 31 3.94 -4.54 5.41
C PHE A 31 4.27 -5.27 4.10
N LEU A 32 3.51 -4.96 3.06
CA LEU A 32 3.71 -5.59 1.75
C LEU A 32 5.05 -5.15 1.15
N LYS A 33 5.35 -3.87 1.26
CA LYS A 33 6.60 -3.33 0.72
C LYS A 33 7.80 -4.08 1.28
N THR A 34 7.64 -4.65 2.47
CA THR A 34 8.71 -5.40 3.11
C THR A 34 8.81 -6.81 2.54
N LEU A 35 7.70 -7.30 1.99
CA LEU A 35 7.66 -8.63 1.41
C LEU A 35 8.35 -8.66 0.04
N THR A 36 7.83 -7.86 -0.89
CA THR A 36 8.39 -7.79 -2.23
C THR A 36 8.50 -6.35 -2.70
N GLY A 37 7.64 -5.49 -2.17
CA GLY A 37 7.66 -4.07 -2.55
C GLY A 37 8.95 -3.40 -2.16
N VAL A 38 9.05 -2.10 -2.45
CA VAL A 38 10.24 -1.33 -2.12
C VAL A 38 9.94 -0.28 -1.05
N LEU A 39 10.86 -0.14 -0.10
CA LEU A 39 10.69 0.82 0.99
C LEU A 39 10.43 2.22 0.43
N PRO A 40 9.67 3.03 1.19
CA PRO A 40 9.33 4.40 0.80
C PRO A 40 10.54 5.33 0.84
N GLU A 41 11.55 4.94 1.62
CA GLU A 41 12.76 5.74 1.74
C GLU A 41 13.36 6.05 0.37
N ARG A 42 13.31 5.07 -0.52
CA ARG A 42 13.85 5.23 -1.87
C ARG A 42 12.73 5.40 -2.89
N GLN A 43 11.65 4.64 -2.71
CA GLN A 43 10.50 4.72 -3.61
C GLN A 43 9.44 5.66 -3.07
N LYS A 44 8.58 6.15 -3.95
CA LYS A 44 7.50 7.05 -3.56
C LYS A 44 6.15 6.55 -4.06
N LEU A 45 5.13 6.64 -3.20
CA LEU A 45 3.79 6.20 -3.56
C LEU A 45 3.20 7.07 -4.65
N LEU A 46 2.63 6.43 -5.67
CA LEU A 46 2.03 7.16 -6.78
C LEU A 46 0.60 7.59 -6.44
N GLY A 47 -0.16 6.67 -5.85
CA GLY A 47 -1.53 6.98 -5.48
C GLY A 47 -1.70 7.13 -3.98
N LEU A 48 -0.72 7.76 -3.34
CA LEU A 48 -0.78 7.97 -1.89
C LEU A 48 -2.16 8.46 -1.46
N LYS A 49 -2.78 9.27 -2.30
CA LYS A 49 -4.10 9.80 -2.02
C LYS A 49 -5.16 9.16 -2.91
N VAL A 50 -6.37 8.99 -2.37
CA VAL A 50 -7.46 8.38 -3.12
C VAL A 50 -8.80 9.04 -2.76
N LYS A 51 -9.68 9.14 -3.75
CA LYS A 51 -10.99 9.74 -3.55
C LYS A 51 -10.86 11.15 -2.97
N GLY A 52 -9.77 11.83 -3.32
CA GLY A 52 -9.55 13.17 -2.83
C GLY A 52 -8.93 13.19 -1.45
N LYS A 53 -8.89 12.03 -0.81
CA LYS A 53 -8.32 11.92 0.54
C LYS A 53 -6.80 11.81 0.47
N PRO A 54 -6.14 12.32 1.52
CA PRO A 54 -4.67 12.30 1.61
C PRO A 54 -4.13 10.88 1.81
N ALA A 55 -4.90 10.06 2.51
CA ALA A 55 -4.49 8.68 2.78
C ALA A 55 -2.99 8.59 3.04
N GLU A 56 -2.47 9.55 3.81
CA GLU A 56 -1.06 9.57 4.14
C GLU A 56 -0.63 8.28 4.83
N ASN A 57 -0.96 8.18 6.12
CA ASN A 57 -0.61 7.00 6.91
C ASN A 57 -1.52 6.87 8.13
N ASP A 58 -1.87 8.01 8.71
CA ASP A 58 -2.74 8.03 9.88
C ASP A 58 -4.15 7.57 9.53
N VAL A 59 -4.40 7.38 8.23
CA VAL A 59 -5.71 6.95 7.76
C VAL A 59 -5.86 5.44 7.88
N LYS A 60 -7.08 4.99 8.16
CA LYS A 60 -7.37 3.57 8.31
C LYS A 60 -7.86 2.98 6.98
N LEU A 61 -7.62 1.69 6.79
CA LEU A 61 -8.04 1.00 5.57
C LEU A 61 -9.52 1.25 5.30
N GLY A 62 -10.34 1.15 6.34
CA GLY A 62 -11.77 1.38 6.20
C GLY A 62 -12.12 2.84 6.08
N ALA A 63 -11.15 3.71 6.39
CA ALA A 63 -11.37 5.15 6.31
C ALA A 63 -11.19 5.66 4.89
N LEU A 64 -10.27 5.05 4.15
CA LEU A 64 -10.01 5.44 2.77
C LEU A 64 -11.16 5.06 1.86
N LYS A 65 -11.92 4.04 2.27
CA LYS A 65 -13.05 3.57 1.49
C LYS A 65 -12.61 3.06 0.13
N LEU A 66 -11.45 2.41 0.09
CA LEU A 66 -10.92 1.86 -1.15
C LEU A 66 -11.35 0.42 -1.34
N LYS A 67 -11.42 0.00 -2.61
CA LYS A 67 -11.83 -1.36 -2.93
C LYS A 67 -10.77 -2.37 -2.49
N PRO A 68 -11.17 -3.64 -2.36
CA PRO A 68 -10.27 -4.73 -1.95
C PRO A 68 -9.23 -5.05 -3.02
N ASN A 69 -9.63 -4.96 -4.29
CA ASN A 69 -8.74 -5.24 -5.40
C ASN A 69 -7.80 -4.06 -5.67
N THR A 70 -8.15 -2.91 -5.10
CA THR A 70 -7.34 -1.70 -5.27
C THR A 70 -5.86 -2.05 -5.40
N LYS A 71 -5.26 -1.66 -6.51
CA LYS A 71 -3.84 -1.91 -6.76
C LYS A 71 -2.98 -0.75 -6.30
N ILE A 72 -1.80 -1.06 -5.80
CA ILE A 72 -0.88 -0.03 -5.32
C ILE A 72 0.39 0.02 -6.16
N MET A 73 0.75 1.21 -6.63
CA MET A 73 1.94 1.37 -7.45
C MET A 73 3.09 1.94 -6.62
N MET A 74 4.30 1.46 -6.90
CA MET A 74 5.49 1.92 -6.17
C MET A 74 6.64 2.19 -7.13
N MET A 75 7.11 3.44 -7.15
CA MET A 75 8.20 3.82 -8.03
C MET A 75 9.47 4.13 -7.21
N GLY A 76 10.56 3.43 -7.54
CA GLY A 76 11.80 3.65 -6.83
C GLY A 76 12.78 2.52 -7.04
N THR A 77 13.68 2.33 -6.08
CA THR A 77 14.68 1.27 -6.17
C THR A 77 14.78 0.51 -4.84
N ARG A 78 14.98 -0.81 -4.94
CA ARG A 78 15.11 -1.65 -3.77
C ARG A 78 16.30 -1.24 -2.91
N GLU A 79 16.29 -1.64 -1.65
CA GLU A 79 17.38 -1.31 -0.74
C GLU A 79 18.73 -1.69 -1.33
N GLU A 80 19.73 -0.83 -1.15
CA GLU A 80 21.06 -1.08 -1.67
C GLU A 80 21.03 -1.27 -3.19
N SER A 81 22.16 -1.67 -3.75
CA SER A 81 22.27 -1.89 -5.19
C SER A 81 22.37 -3.37 -5.51
N MET A 1 -13.86 -6.18 9.64
CA MET A 1 -12.98 -7.26 9.21
C MET A 1 -11.77 -6.71 8.46
N ALA A 2 -10.83 -7.58 8.14
CA ALA A 2 -9.62 -7.19 7.43
C ALA A 2 -9.93 -6.82 5.99
N LEU A 3 -9.32 -5.73 5.52
CA LEU A 3 -9.54 -5.27 4.15
C LEU A 3 -8.32 -5.53 3.29
N PRO A 4 -8.45 -6.45 2.32
CA PRO A 4 -7.37 -6.81 1.42
C PRO A 4 -7.04 -5.69 0.43
N ILE A 5 -5.81 -5.71 -0.09
CA ILE A 5 -5.37 -4.69 -1.04
C ILE A 5 -4.35 -5.26 -2.01
N ILE A 6 -4.52 -4.95 -3.30
CA ILE A 6 -3.61 -5.42 -4.33
C ILE A 6 -2.52 -4.40 -4.62
N VAL A 7 -1.31 -4.88 -4.85
CA VAL A 7 -0.18 -4.00 -5.14
C VAL A 7 0.54 -4.43 -6.41
N LYS A 8 0.63 -3.51 -7.37
CA LYS A 8 1.29 -3.79 -8.64
C LYS A 8 2.63 -3.07 -8.72
N TRP A 9 3.70 -3.85 -8.91
CA TRP A 9 5.05 -3.29 -9.01
C TRP A 9 5.69 -3.66 -10.33
N GLY A 10 5.69 -2.73 -11.28
CA GLY A 10 6.28 -2.98 -12.58
C GLY A 10 5.26 -3.46 -13.60
N GLY A 11 4.97 -4.76 -13.58
CA GLY A 11 4.01 -5.31 -14.53
C GLY A 11 3.28 -6.51 -13.97
N GLN A 12 3.27 -6.64 -12.64
CA GLN A 12 2.61 -7.75 -11.98
C GLN A 12 1.66 -7.26 -10.89
N GLU A 13 0.90 -8.18 -10.31
CA GLU A 13 -0.05 -7.83 -9.26
C GLU A 13 0.08 -8.78 -8.07
N TYR A 14 -0.02 -8.23 -6.86
CA TYR A 14 0.10 -9.02 -5.65
C TYR A 14 -0.99 -8.64 -4.65
N SER A 15 -1.87 -9.58 -4.35
CA SER A 15 -2.96 -9.33 -3.40
C SER A 15 -2.48 -9.50 -1.96
N VAL A 16 -2.83 -8.54 -1.12
CA VAL A 16 -2.44 -8.59 0.29
C VAL A 16 -3.54 -9.19 1.16
N THR A 17 -3.14 -10.01 2.12
CA THR A 17 -4.10 -10.65 3.01
C THR A 17 -3.50 -10.86 4.40
N THR A 18 -3.73 -9.91 5.30
CA THR A 18 -3.20 -9.99 6.65
C THR A 18 -3.45 -8.70 7.42
N LEU A 19 -3.53 -7.59 6.69
CA LEU A 19 -3.78 -6.29 7.32
C LEU A 19 -5.27 -6.03 7.46
N SER A 20 -5.63 -5.24 8.47
CA SER A 20 -7.02 -4.91 8.73
C SER A 20 -7.21 -3.41 8.95
N GLU A 21 -8.44 -2.95 8.85
CA GLU A 21 -8.76 -1.54 9.04
C GLU A 21 -8.25 -1.05 10.39
N ASP A 22 -8.09 -1.97 11.33
CA ASP A 22 -7.62 -1.64 12.66
C ASP A 22 -6.16 -1.18 12.63
N ASP A 23 -5.51 -1.40 11.50
CA ASP A 23 -4.11 -1.00 11.33
C ASP A 23 -4.00 0.32 10.58
N THR A 24 -2.91 0.48 9.84
CA THR A 24 -2.68 1.70 9.08
C THR A 24 -2.25 1.37 7.65
N VAL A 25 -2.19 2.41 6.81
CA VAL A 25 -1.79 2.24 5.42
C VAL A 25 -0.32 1.84 5.31
N LEU A 26 0.52 2.50 6.09
CA LEU A 26 1.95 2.22 6.10
C LEU A 26 2.22 0.78 6.51
N ASP A 27 1.33 0.22 7.32
CA ASP A 27 1.48 -1.15 7.80
C ASP A 27 1.24 -2.14 6.65
N LEU A 28 0.32 -1.80 5.77
CA LEU A 28 0.00 -2.66 4.63
C LEU A 28 1.02 -2.48 3.51
N LYS A 29 1.31 -1.23 3.18
CA LYS A 29 2.28 -0.92 2.13
C LYS A 29 3.66 -1.46 2.48
N GLN A 30 4.17 -1.05 3.63
CA GLN A 30 5.49 -1.49 4.08
C GLN A 30 5.54 -3.01 4.19
N PHE A 31 4.37 -3.62 4.34
CA PHE A 31 4.29 -5.08 4.45
C PHE A 31 4.46 -5.75 3.09
N LEU A 32 3.63 -5.35 2.14
CA LEU A 32 3.70 -5.91 0.78
C LEU A 32 4.98 -5.49 0.08
N LYS A 33 5.34 -4.22 0.23
CA LYS A 33 6.56 -3.69 -0.40
C LYS A 33 7.78 -4.53 0.01
N THR A 34 7.71 -5.15 1.19
CA THR A 34 8.80 -5.96 1.68
C THR A 34 8.79 -7.35 1.03
N LEU A 35 7.62 -7.76 0.55
CA LEU A 35 7.48 -9.07 -0.09
C LEU A 35 8.04 -9.04 -1.51
N THR A 36 7.49 -8.17 -2.34
CA THR A 36 7.94 -8.03 -3.72
C THR A 36 8.09 -6.57 -4.12
N GLY A 37 7.30 -5.71 -3.48
CA GLY A 37 7.37 -4.29 -3.78
C GLY A 37 8.71 -3.67 -3.43
N VAL A 38 8.83 -2.36 -3.61
CA VAL A 38 10.06 -1.66 -3.31
C VAL A 38 9.89 -0.72 -2.13
N LEU A 39 10.90 -0.68 -1.26
CA LEU A 39 10.87 0.18 -0.09
C LEU A 39 10.59 1.63 -0.48
N PRO A 40 9.93 2.38 0.43
CA PRO A 40 9.59 3.78 0.20
C PRO A 40 10.81 4.68 0.21
N GLU A 41 11.89 4.22 0.83
CA GLU A 41 13.13 4.98 0.91
C GLU A 41 13.60 5.39 -0.48
N ARG A 42 13.45 4.48 -1.44
CA ARG A 42 13.85 4.76 -2.82
C ARG A 42 12.65 5.05 -3.70
N GLN A 43 11.57 4.30 -3.50
CA GLN A 43 10.34 4.48 -4.27
C GLN A 43 9.34 5.35 -3.51
N LYS A 44 8.43 5.96 -4.25
CA LYS A 44 7.41 6.82 -3.65
C LYS A 44 6.01 6.43 -4.12
N LEU A 45 5.05 6.50 -3.21
CA LEU A 45 3.67 6.14 -3.54
C LEU A 45 3.07 7.15 -4.52
N LEU A 46 2.37 6.64 -5.52
CA LEU A 46 1.74 7.49 -6.53
C LEU A 46 0.47 8.13 -6.00
N GLY A 47 -0.59 7.33 -5.90
CA GLY A 47 -1.86 7.83 -5.39
C GLY A 47 -2.04 7.57 -3.91
N LEU A 48 -1.11 8.09 -3.10
CA LEU A 48 -1.17 7.91 -1.66
C LEU A 48 -2.50 8.40 -1.10
N LYS A 49 -3.16 9.30 -1.83
CA LYS A 49 -4.44 9.84 -1.42
C LYS A 49 -5.58 9.24 -2.24
N VAL A 50 -6.71 9.00 -1.59
CA VAL A 50 -7.88 8.44 -2.27
C VAL A 50 -9.16 9.01 -1.71
N LYS A 51 -10.15 9.20 -2.58
CA LYS A 51 -11.44 9.75 -2.18
C LYS A 51 -11.27 11.08 -1.45
N GLY A 52 -10.25 11.83 -1.84
CA GLY A 52 -9.99 13.11 -1.20
C GLY A 52 -9.16 12.98 0.06
N LYS A 53 -9.04 11.77 0.56
CA LYS A 53 -8.27 11.50 1.77
C LYS A 53 -6.78 11.39 1.45
N PRO A 54 -5.94 11.79 2.41
CA PRO A 54 -4.49 11.75 2.26
C PRO A 54 -3.95 10.31 2.25
N ALA A 55 -4.57 9.45 3.03
CA ALA A 55 -4.16 8.05 3.11
C ALA A 55 -2.64 7.93 3.04
N GLU A 56 -1.94 8.83 3.73
CA GLU A 56 -0.49 8.82 3.74
C GLU A 56 0.04 7.58 4.47
N ASN A 57 -0.03 7.60 5.80
CA ASN A 57 0.44 6.49 6.62
C ASN A 57 -0.27 6.47 7.96
N ASP A 58 -0.50 7.65 8.53
CA ASP A 58 -1.17 7.77 9.81
C ASP A 58 -2.66 7.48 9.69
N VAL A 59 -3.09 7.19 8.46
CA VAL A 59 -4.50 6.90 8.19
C VAL A 59 -4.76 5.39 8.24
N LYS A 60 -5.97 5.02 8.67
CA LYS A 60 -6.34 3.61 8.75
C LYS A 60 -6.97 3.14 7.45
N LEU A 61 -6.74 1.88 7.11
CA LEU A 61 -7.29 1.30 5.88
C LEU A 61 -8.79 1.52 5.80
N GLY A 62 -9.47 1.41 6.94
CA GLY A 62 -10.91 1.61 6.98
C GLY A 62 -11.29 3.08 6.89
N ALA A 63 -10.32 3.95 7.16
CA ALA A 63 -10.57 5.39 7.12
C ALA A 63 -10.44 5.93 5.69
N LEU A 64 -9.76 5.16 4.83
CA LEU A 64 -9.58 5.56 3.44
C LEU A 64 -10.77 5.16 2.59
N LYS A 65 -11.55 4.20 3.09
CA LYS A 65 -12.73 3.73 2.37
C LYS A 65 -12.36 3.26 0.97
N LEU A 66 -11.24 2.55 0.86
CA LEU A 66 -10.78 2.05 -0.43
C LEU A 66 -11.29 0.63 -0.67
N LYS A 67 -11.47 0.29 -1.94
CA LYS A 67 -11.95 -1.05 -2.30
C LYS A 67 -10.89 -2.11 -1.99
N PRO A 68 -11.33 -3.37 -1.91
CA PRO A 68 -10.45 -4.51 -1.61
C PRO A 68 -9.51 -4.81 -2.77
N ASN A 69 -10.01 -4.67 -3.99
CA ASN A 69 -9.21 -4.93 -5.19
C ASN A 69 -8.28 -3.76 -5.48
N THR A 70 -8.55 -2.62 -4.86
CA THR A 70 -7.74 -1.42 -5.07
C THR A 70 -6.28 -1.79 -5.34
N LYS A 71 -5.73 -1.23 -6.41
CA LYS A 71 -4.34 -1.49 -6.78
C LYS A 71 -3.43 -0.37 -6.30
N ILE A 72 -2.20 -0.74 -5.93
CA ILE A 72 -1.23 0.24 -5.47
C ILE A 72 -0.04 0.34 -6.42
N MET A 73 0.27 1.56 -6.83
CA MET A 73 1.38 1.80 -7.75
C MET A 73 2.62 2.28 -6.99
N MET A 74 3.79 1.82 -7.41
CA MET A 74 5.03 2.20 -6.76
C MET A 74 6.10 2.55 -7.80
N MET A 75 6.69 3.73 -7.66
CA MET A 75 7.73 4.18 -8.58
C MET A 75 9.06 4.36 -7.87
N GLY A 76 10.10 3.73 -8.40
CA GLY A 76 11.42 3.83 -7.80
C GLY A 76 12.27 2.60 -8.06
N THR A 77 13.22 2.34 -7.17
CA THR A 77 14.11 1.20 -7.31
C THR A 77 14.25 0.44 -5.99
N ARG A 78 14.28 -0.88 -6.07
CA ARG A 78 14.41 -1.72 -4.88
C ARG A 78 15.86 -2.07 -4.63
N GLU A 79 16.21 -2.27 -3.36
CA GLU A 79 17.57 -2.62 -2.98
C GLU A 79 18.04 -3.86 -3.73
N GLU A 80 19.31 -4.20 -3.55
CA GLU A 80 19.89 -5.37 -4.21
C GLU A 80 19.03 -6.61 -3.97
N SER A 81 18.87 -6.97 -2.70
CA SER A 81 18.07 -8.13 -2.32
C SER A 81 16.60 -7.91 -2.64
N MET A 1 -13.30 -6.93 10.15
CA MET A 1 -12.57 -7.84 9.27
C MET A 1 -11.38 -7.14 8.64
N ALA A 2 -10.46 -7.92 8.08
CA ALA A 2 -9.27 -7.37 7.43
C ALA A 2 -9.60 -6.90 6.01
N LEU A 3 -8.87 -5.90 5.55
CA LEU A 3 -9.07 -5.36 4.20
C LEU A 3 -7.87 -5.63 3.31
N PRO A 4 -8.03 -6.57 2.37
CA PRO A 4 -6.96 -6.95 1.43
C PRO A 4 -6.67 -5.85 0.42
N ILE A 5 -5.45 -5.86 -0.12
CA ILE A 5 -5.04 -4.87 -1.10
C ILE A 5 -4.00 -5.43 -2.05
N ILE A 6 -4.13 -5.10 -3.33
CA ILE A 6 -3.20 -5.58 -4.34
C ILE A 6 -2.10 -4.55 -4.61
N VAL A 7 -0.88 -5.03 -4.79
CA VAL A 7 0.26 -4.15 -5.05
C VAL A 7 1.00 -4.58 -6.32
N LYS A 8 1.12 -3.65 -7.26
CA LYS A 8 1.80 -3.92 -8.51
C LYS A 8 3.14 -3.20 -8.58
N TRP A 9 4.23 -3.96 -8.67
CA TRP A 9 5.56 -3.38 -8.74
C TRP A 9 6.28 -3.84 -10.00
N GLY A 10 6.43 -2.93 -10.96
CA GLY A 10 7.11 -3.26 -12.20
C GLY A 10 6.14 -3.68 -13.29
N GLY A 11 5.71 -4.94 -13.25
CA GLY A 11 4.79 -5.46 -14.25
C GLY A 11 4.00 -6.65 -13.75
N GLN A 12 3.93 -6.80 -12.43
CA GLN A 12 3.20 -7.91 -11.83
C GLN A 12 2.24 -7.41 -10.76
N GLU A 13 1.45 -8.33 -10.19
CA GLU A 13 0.49 -7.98 -9.16
C GLU A 13 0.59 -8.93 -7.98
N TYR A 14 0.46 -8.39 -6.77
CA TYR A 14 0.54 -9.21 -5.55
C TYR A 14 -0.56 -8.81 -4.57
N SER A 15 -1.42 -9.77 -4.24
CA SER A 15 -2.52 -9.53 -3.32
C SER A 15 -2.04 -9.65 -1.87
N VAL A 16 -2.44 -8.68 -1.05
CA VAL A 16 -2.06 -8.69 0.36
C VAL A 16 -3.11 -9.36 1.22
N THR A 17 -2.68 -10.25 2.11
CA THR A 17 -3.59 -10.98 2.99
C THR A 17 -2.93 -11.26 4.33
N THR A 18 -3.12 -10.36 5.28
CA THR A 18 -2.55 -10.52 6.62
C THR A 18 -2.86 -9.31 7.50
N LEU A 19 -2.96 -8.14 6.87
CA LEU A 19 -3.24 -6.91 7.60
C LEU A 19 -4.74 -6.69 7.72
N SER A 20 -5.14 -5.80 8.63
CA SER A 20 -6.56 -5.49 8.84
C SER A 20 -6.78 -3.99 8.96
N GLU A 21 -8.04 -3.59 9.06
CA GLU A 21 -8.39 -2.18 9.18
C GLU A 21 -7.85 -1.60 10.49
N ASP A 22 -7.56 -2.47 11.44
CA ASP A 22 -7.04 -2.06 12.74
C ASP A 22 -5.61 -1.52 12.60
N ASP A 23 -5.01 -1.75 11.44
CA ASP A 23 -3.65 -1.28 11.19
C ASP A 23 -3.65 0.05 10.46
N THR A 24 -2.59 0.30 9.70
CA THR A 24 -2.47 1.55 8.96
C THR A 24 -1.96 1.31 7.53
N VAL A 25 -2.09 2.31 6.68
CA VAL A 25 -1.64 2.20 5.31
C VAL A 25 -0.15 1.88 5.23
N LEU A 26 0.63 2.57 6.05
CA LEU A 26 2.08 2.36 6.07
C LEU A 26 2.41 0.95 6.54
N ASP A 27 1.55 0.40 7.39
CA ASP A 27 1.75 -0.95 7.92
C ASP A 27 1.52 -2.00 6.83
N LEU A 28 0.56 -1.71 5.95
CA LEU A 28 0.24 -2.64 4.86
C LEU A 28 1.25 -2.52 3.73
N LYS A 29 1.55 -1.30 3.32
CA LYS A 29 2.51 -1.05 2.25
C LYS A 29 3.89 -1.55 2.64
N GLN A 30 4.39 -1.08 3.77
CA GLN A 30 5.71 -1.48 4.26
C GLN A 30 5.80 -3.00 4.38
N PHE A 31 4.64 -3.66 4.51
CA PHE A 31 4.59 -5.10 4.65
C PHE A 31 4.81 -5.78 3.29
N LEU A 32 3.98 -5.42 2.32
CA LEU A 32 4.07 -5.98 0.98
C LEU A 32 5.36 -5.54 0.29
N LYS A 33 5.69 -4.26 0.41
CA LYS A 33 6.89 -3.71 -0.19
C LYS A 33 8.13 -4.50 0.24
N THR A 34 8.05 -5.12 1.42
CA THR A 34 9.16 -5.89 1.94
C THR A 34 9.20 -7.29 1.31
N LEU A 35 8.05 -7.74 0.83
CA LEU A 35 7.95 -9.05 0.19
C LEU A 35 8.54 -9.02 -1.22
N THR A 36 7.97 -8.17 -2.08
CA THR A 36 8.45 -8.04 -3.45
C THR A 36 8.56 -6.58 -3.86
N GLY A 37 7.74 -5.74 -3.24
CA GLY A 37 7.77 -4.32 -3.55
C GLY A 37 9.09 -3.67 -3.20
N VAL A 38 9.19 -2.35 -3.41
CA VAL A 38 10.41 -1.62 -3.10
C VAL A 38 10.18 -0.65 -1.95
N LEU A 39 11.17 -0.57 -1.06
CA LEU A 39 11.09 0.32 0.09
C LEU A 39 10.81 1.74 -0.34
N PRO A 40 10.14 2.51 0.53
CA PRO A 40 9.79 3.91 0.25
C PRO A 40 11.02 4.82 0.26
N GLU A 41 12.08 4.37 0.92
CA GLU A 41 13.31 5.14 1.02
C GLU A 41 13.81 5.53 -0.38
N ARG A 42 13.68 4.60 -1.32
CA ARG A 42 14.11 4.84 -2.70
C ARG A 42 12.92 5.11 -3.61
N GLN A 43 11.84 4.36 -3.40
CA GLN A 43 10.64 4.51 -4.21
C GLN A 43 9.62 5.40 -3.49
N LYS A 44 8.70 5.98 -4.27
CA LYS A 44 7.68 6.85 -3.71
C LYS A 44 6.28 6.41 -4.17
N LEU A 45 5.31 6.50 -3.28
CA LEU A 45 3.94 6.12 -3.60
C LEU A 45 3.34 7.07 -4.63
N LEU A 46 2.68 6.51 -5.64
CA LEU A 46 2.06 7.30 -6.70
C LEU A 46 0.78 7.96 -6.19
N GLY A 47 -0.23 7.15 -5.92
CA GLY A 47 -1.50 7.65 -5.44
C GLY A 47 -1.65 7.50 -3.94
N LEU A 48 -0.74 8.11 -3.19
CA LEU A 48 -0.78 8.03 -1.73
C LEU A 48 -2.11 8.54 -1.19
N LYS A 49 -2.82 9.31 -2.01
CA LYS A 49 -4.12 9.86 -1.62
C LYS A 49 -5.24 9.23 -2.43
N VAL A 50 -6.39 9.02 -1.79
CA VAL A 50 -7.54 8.43 -2.46
C VAL A 50 -8.85 9.05 -1.96
N LYS A 51 -9.81 9.16 -2.86
CA LYS A 51 -11.11 9.74 -2.51
C LYS A 51 -10.95 11.13 -1.90
N GLY A 52 -9.91 11.84 -2.34
CA GLY A 52 -9.66 13.18 -1.82
C GLY A 52 -8.92 13.15 -0.51
N LYS A 53 -8.79 11.98 0.09
CA LYS A 53 -8.10 11.83 1.36
C LYS A 53 -6.59 11.75 1.14
N PRO A 54 -5.83 12.21 2.15
CA PRO A 54 -4.36 12.21 2.09
C PRO A 54 -3.79 10.80 2.17
N ALA A 55 -4.47 9.92 2.89
CA ALA A 55 -4.02 8.54 3.04
C ALA A 55 -2.50 8.46 3.11
N GLU A 56 -1.90 9.35 3.90
CA GLU A 56 -0.45 9.38 4.06
C GLU A 56 0.06 8.06 4.62
N ASN A 57 -0.12 7.87 5.93
CA ASN A 57 0.32 6.65 6.59
C ASN A 57 -0.44 6.44 7.90
N ASP A 58 -0.72 7.53 8.61
CA ASP A 58 -1.44 7.47 9.87
C ASP A 58 -2.88 7.02 9.65
N VAL A 59 -3.28 6.94 8.39
CA VAL A 59 -4.63 6.51 8.05
C VAL A 59 -4.78 5.00 8.12
N LYS A 60 -5.97 4.54 8.49
CA LYS A 60 -6.23 3.11 8.60
C LYS A 60 -6.85 2.57 7.31
N LEU A 61 -6.60 1.30 7.02
CA LEU A 61 -7.14 0.66 5.82
C LEU A 61 -8.65 0.88 5.73
N GLY A 62 -9.33 0.74 6.85
CA GLY A 62 -10.77 0.92 6.88
C GLY A 62 -11.17 2.38 6.81
N ALA A 63 -10.20 3.27 7.03
CA ALA A 63 -10.46 4.71 7.00
C ALA A 63 -10.40 5.24 5.58
N LEU A 64 -9.50 4.67 4.77
CA LEU A 64 -9.34 5.09 3.38
C LEU A 64 -10.57 4.74 2.56
N LYS A 65 -11.32 3.73 3.01
CA LYS A 65 -12.52 3.30 2.32
C LYS A 65 -12.20 2.85 0.89
N LEU A 66 -11.01 2.28 0.72
CA LEU A 66 -10.58 1.80 -0.59
C LEU A 66 -11.05 0.37 -0.83
N LYS A 67 -11.21 0.00 -2.10
CA LYS A 67 -11.65 -1.34 -2.46
C LYS A 67 -10.57 -2.37 -2.13
N PRO A 68 -10.98 -3.65 -2.03
CA PRO A 68 -10.06 -4.75 -1.72
C PRO A 68 -9.11 -5.04 -2.88
N ASN A 69 -9.60 -4.89 -4.11
CA ASN A 69 -8.79 -5.15 -5.29
C ASN A 69 -7.86 -3.96 -5.58
N THR A 70 -8.16 -2.82 -4.97
CA THR A 70 -7.36 -1.62 -5.15
C THR A 70 -5.90 -1.97 -5.39
N LYS A 71 -5.33 -1.42 -6.46
CA LYS A 71 -3.93 -1.68 -6.79
C LYS A 71 -3.04 -0.54 -6.31
N ILE A 72 -1.81 -0.87 -5.94
CA ILE A 72 -0.86 0.12 -5.46
C ILE A 72 0.37 0.19 -6.36
N MET A 73 0.70 1.40 -6.82
CA MET A 73 1.85 1.60 -7.68
C MET A 73 3.04 2.13 -6.88
N MET A 74 4.24 1.66 -7.23
CA MET A 74 5.45 2.09 -6.55
C MET A 74 6.55 2.40 -7.56
N MET A 75 6.99 3.66 -7.58
CA MET A 75 8.04 4.09 -8.49
C MET A 75 9.36 4.29 -7.75
N GLY A 76 10.40 3.62 -8.21
CA GLY A 76 11.70 3.73 -7.57
C GLY A 76 12.62 2.59 -7.94
N THR A 77 13.59 2.31 -7.06
CA THR A 77 14.54 1.23 -7.29
C THR A 77 14.74 0.40 -6.03
N ARG A 78 14.93 -0.90 -6.21
CA ARG A 78 15.14 -1.82 -5.09
C ARG A 78 16.38 -1.44 -4.31
N GLU A 79 16.46 -1.91 -3.07
CA GLU A 79 17.61 -1.63 -2.21
C GLU A 79 18.91 -1.96 -2.91
N GLU A 80 19.94 -1.14 -2.67
CA GLU A 80 21.24 -1.36 -3.28
C GLU A 80 22.05 -2.39 -2.50
N SER A 81 22.22 -2.15 -1.21
CA SER A 81 22.98 -3.04 -0.35
C SER A 81 22.95 -2.57 1.10
#